data_7MZK
#
_entry.id   7MZK
#
_cell.length_a   71.898
_cell.length_b   103.561
_cell.length_c   106.290
_cell.angle_alpha   103.520
_cell.angle_beta   101.820
_cell.angle_gamma   98.200
#
_symmetry.space_group_name_H-M   'P 1'
#
loop_
_entity.id
_entity.type
_entity.pdbx_description
1 polymer 'WCSL 129 heavy chain'
2 polymer 'Spike protein S1'
3 polymer 'WCSL 129 light chain'
4 polymer 'PDI 96 heavy chain'
5 polymer 'PDI 96 light chain'
6 branched 2-acetamido-2-deoxy-beta-D-glucopyranose-(1-4)-[alpha-L-fucopyranose-(1-6)]2-acetamido-2-deoxy-beta-D-glucopyranose
7 non-polymer (4S)-2-METHYL-2,4-PENTANEDIOL
8 non-polymer 'CITRIC ACID'
9 non-polymer GLYCEROL
10 water water
#
loop_
_entity_poly.entity_id
_entity_poly.type
_entity_poly.pdbx_seq_one_letter_code
_entity_poly.pdbx_strand_id
1 'polypeptide(L)'
;EVQLLESGGGLVQPGGSLRLSCAASGFTFSRFAMTWVRQAPGKGLEWVSAISGSGGSTYYADSVKGRFTISRDNSKNTLY
LQMNSLRAEDTAVYYCAKVGWGAFDIWGQGTMVTVSSASTKGPSVFPLAPSSKSTSGGTAALGCLVKDYFPEPVTVSWNS
GALTSGVHTFPAVLQSSGLYSLSSVVTVPSSSLGTQTYICNVNHKPSNTKVDKKVEPKSCDKTH
;
C,F
2 'polypeptide(L)'
;NITNLCPFGEVFNATRFASVYAWNRKRISNCVADYSVLYNSASFSTFKCYGVSPTKLNDLCFTNVYADSFVIRGDEVRQI
APGQTGKIADYNYKLPDDFTGCVIAWNSNNLDSKVGGNYNYLYRLFRKSNLKPFERDISTEIYQAGSTPCNGVEGFNCYF
PLQSYGFQPTNGVGYQPYRVVVLSFELLHAPATVCGPGSHHHHHH
;
B,A
3 'polypeptide(L)'
;QSVLTQPPSASGTPGQSVSISCSGTYSNIGSNPVNWYQQVPGTAPKLLIYANDQRPSGVPDRFSGSKSATSAFLAIGGLQ
SEDDADYYCSTWDDSLPGPLFGGGTKLTVLGQPKANPTVTLFPPSSEELQANKATLVCLISDFYPGAVTVAWKADGSPVK
AGVETTKPSKQSNNKYAASSYLSLTPEQWKSHRSYSCQVTHEGSTVEKTVAPTECS
;
E,D
4 'polypeptide(L)'
;LVQLVQSGAEVKKPGASVKISCKASGYTFTSYYMHWVRQAPGQGLEWMGIINPSGGGTSYAQKFQGRVTMTRDTSTSTVY
MELTSLRSDDTAVYYCAKDRVTIFWGNGMDVWGQGTTVTVSSASTKGPSVFPLAPSSKSTSGGTAALGCLVKDYFPEPVT
VSWNSGALTSGVHTFPAVLQSSGLYSLSSVVTVPSSSLGTQTYICNVNHKPSNTKVDKKVEPKSCDKTH
;
N,H
5 'polypeptide(L)'
;DIVMTQSPVSLAVSLGERATIKCKSSQSVLYSSNNKNYLGWYQQKPGQPLRLLIYWASTRESGVPDRFSGSGSGTDFTLT
ISSLQAEDVAVYYCHQYSTTPLTFGGGTKVEIKRTVAAPSVFIFPPSDEQLKSGTASVVCLLNNFYPREAKVQWKVDNAL
QSGNSQESVTEQDSKDSTYSLSSTLTLSKADYEKHKVYACEVTHQGLSSPVTKSFNRGEC
;
M,L
#
# COMPACT_ATOMS: atom_id res chain seq x y z
N GLU A 1 -15.43 -28.90 4.67
CA GLU A 1 -16.50 -29.87 4.47
C GLU A 1 -15.97 -31.15 3.84
N VAL A 2 -15.37 -31.02 2.66
CA VAL A 2 -14.83 -32.18 1.96
C VAL A 2 -13.64 -32.72 2.74
N GLN A 3 -13.54 -34.05 2.81
CA GLN A 3 -12.44 -34.68 3.53
C GLN A 3 -12.23 -36.09 3.00
N LEU A 4 -10.97 -36.48 2.91
CA LEU A 4 -10.57 -37.85 2.57
C LEU A 4 -9.60 -38.31 3.66
N LEU A 5 -10.02 -39.29 4.46
CA LEU A 5 -9.25 -39.76 5.61
C LEU A 5 -8.83 -41.20 5.35
N GLU A 6 -7.54 -41.42 5.15
CA GLU A 6 -7.02 -42.75 4.83
C GLU A 6 -6.62 -43.50 6.08
N SER A 7 -6.49 -44.82 5.94
CA SER A 7 -6.17 -45.69 7.06
C SER A 7 -5.58 -46.97 6.52
N GLY A 8 -4.82 -47.67 7.37
CA GLY A 8 -4.37 -49.02 7.08
C GLY A 8 -2.91 -49.17 6.71
N GLY A 9 -2.14 -48.09 6.67
CA GLY A 9 -0.74 -48.21 6.36
C GLY A 9 0.03 -48.88 7.47
N GLY A 10 1.05 -49.65 7.08
CA GLY A 10 1.87 -50.32 8.06
C GLY A 10 3.05 -51.00 7.42
N LEU A 11 3.77 -51.75 8.24
CA LEU A 11 4.90 -52.55 7.78
C LEU A 11 4.41 -53.89 7.24
N VAL A 12 4.98 -54.32 6.12
CA VAL A 12 4.58 -55.57 5.48
C VAL A 12 5.81 -56.20 4.85
N GLN A 13 5.85 -57.53 4.87
CA GLN A 13 7.02 -58.26 4.41
C GLN A 13 7.01 -58.38 2.89
N PRO A 14 8.19 -58.43 2.28
CA PRO A 14 8.25 -58.64 0.82
C PRO A 14 7.49 -59.89 0.42
N GLY A 15 6.67 -59.75 -0.62
CA GLY A 15 5.77 -60.81 -1.04
C GLY A 15 4.42 -60.80 -0.33
N GLY A 16 4.32 -60.12 0.79
CA GLY A 16 3.07 -60.06 1.54
C GLY A 16 2.04 -59.17 0.87
N SER A 17 0.90 -59.03 1.54
CA SER A 17 -0.22 -58.26 1.03
C SER A 17 -0.72 -57.30 2.11
N LEU A 18 -1.34 -56.21 1.66
CA LEU A 18 -1.88 -55.21 2.56
C LEU A 18 -3.02 -54.49 1.85
N ARG A 19 -3.98 -54.00 2.64
CA ARG A 19 -5.14 -53.30 2.11
C ARG A 19 -5.27 -51.95 2.78
N LEU A 20 -5.52 -50.92 1.97
CA LEU A 20 -5.76 -49.56 2.45
C LEU A 20 -7.20 -49.16 2.15
N SER A 21 -7.71 -48.24 2.97
CA SER A 21 -9.05 -47.70 2.78
C SER A 21 -9.01 -46.20 2.89
N CYS A 22 -9.97 -45.55 2.23
N CYS A 22 -9.97 -45.53 2.23
CA CYS A 22 -10.07 -44.08 2.17
CA CYS A 22 -10.04 -44.07 2.21
C CYS A 22 -11.53 -43.71 2.42
C CYS A 22 -11.49 -43.67 2.41
N ALA A 23 -11.81 -43.15 3.59
CA ALA A 23 -13.16 -42.73 3.93
C ALA A 23 -13.41 -41.31 3.44
N ALA A 24 -14.53 -41.11 2.76
CA ALA A 24 -14.86 -39.83 2.14
C ALA A 24 -16.04 -39.19 2.85
N SER A 25 -16.06 -37.85 2.83
CA SER A 25 -17.12 -37.09 3.47
C SER A 25 -17.19 -35.72 2.83
N GLY A 26 -18.36 -35.09 2.94
CA GLY A 26 -18.54 -33.73 2.46
C GLY A 26 -18.89 -33.59 1.00
N PHE A 27 -19.11 -34.70 0.29
CA PHE A 27 -19.53 -34.64 -1.10
C PHE A 27 -20.17 -35.97 -1.45
N THR A 28 -21.01 -35.95 -2.49
CA THR A 28 -21.69 -37.17 -2.94
C THR A 28 -20.66 -38.08 -3.57
N PHE A 29 -20.28 -39.13 -2.84
CA PHE A 29 -19.11 -39.93 -3.17
C PHE A 29 -19.29 -40.67 -4.50
N SER A 30 -20.50 -41.14 -4.78
CA SER A 30 -20.73 -42.01 -5.93
C SER A 30 -20.61 -41.30 -7.27
N ARG A 31 -20.63 -39.97 -7.30
CA ARG A 31 -20.66 -39.23 -8.55
C ARG A 31 -19.29 -38.95 -9.14
N PHE A 32 -18.21 -39.25 -8.42
CA PHE A 32 -16.88 -38.86 -8.85
C PHE A 32 -15.97 -40.08 -8.92
N ALA A 33 -15.08 -40.07 -9.92
CA ALA A 33 -14.00 -41.04 -9.96
C ALA A 33 -13.02 -40.78 -8.82
N MET A 34 -12.35 -41.84 -8.38
CA MET A 34 -11.37 -41.75 -7.30
C MET A 34 -10.07 -42.42 -7.76
N THR A 35 -8.97 -42.03 -7.12
CA THR A 35 -7.66 -42.49 -7.54
C THR A 35 -6.76 -42.69 -6.33
N TRP A 36 -5.73 -43.51 -6.54
CA TRP A 36 -4.65 -43.70 -5.57
C TRP A 36 -3.36 -43.20 -6.19
N VAL A 37 -2.61 -42.40 -5.44
CA VAL A 37 -1.30 -41.91 -5.85
C VAL A 37 -0.33 -42.15 -4.70
N ARG A 38 0.90 -42.52 -5.04
CA ARG A 38 1.91 -42.84 -4.04
C ARG A 38 3.17 -42.04 -4.29
N GLN A 39 4.02 -41.99 -3.27
CA GLN A 39 5.25 -41.21 -3.32
C GLN A 39 6.30 -41.94 -2.49
N ALA A 40 7.32 -42.49 -3.17
CA ALA A 40 8.41 -43.11 -2.44
C ALA A 40 9.22 -42.04 -1.71
N PRO A 41 9.78 -42.37 -0.55
CA PRO A 41 10.49 -41.36 0.24
C PRO A 41 11.54 -40.63 -0.59
N GLY A 42 11.48 -39.30 -0.54
CA GLY A 42 12.40 -38.49 -1.31
C GLY A 42 12.23 -38.59 -2.81
N LYS A 43 11.13 -39.17 -3.28
CA LYS A 43 10.86 -39.32 -4.71
C LYS A 43 9.62 -38.50 -5.08
N GLY A 44 9.34 -38.44 -6.38
CA GLY A 44 8.19 -37.73 -6.88
C GLY A 44 6.91 -38.53 -6.73
N LEU A 45 5.83 -37.96 -7.25
CA LEU A 45 4.53 -38.60 -7.20
C LEU A 45 4.38 -39.59 -8.36
N GLU A 46 3.65 -40.67 -8.10
CA GLU A 46 3.41 -41.70 -9.11
C GLU A 46 1.95 -42.12 -9.05
N TRP A 47 1.24 -41.97 -10.17
CA TRP A 47 -0.13 -42.45 -10.25
C TRP A 47 -0.16 -43.97 -10.16
N VAL A 48 -1.10 -44.49 -9.37
CA VAL A 48 -1.17 -45.91 -9.07
C VAL A 48 -2.40 -46.57 -9.71
N SER A 49 -3.58 -46.02 -9.46
CA SER A 49 -4.80 -46.67 -9.89
C SER A 49 -5.97 -45.70 -9.75
N ALA A 50 -7.05 -45.98 -10.47
CA ALA A 50 -8.25 -45.16 -10.44
C ALA A 50 -9.46 -46.04 -10.68
N ILE A 51 -10.63 -45.52 -10.31
CA ILE A 51 -11.88 -46.27 -10.41
C ILE A 51 -13.01 -45.30 -10.73
N SER A 52 -13.95 -45.77 -11.54
CA SER A 52 -15.12 -44.98 -11.90
C SER A 52 -16.01 -44.74 -10.69
N GLY A 53 -16.88 -43.73 -10.81
CA GLY A 53 -17.78 -43.41 -9.71
C GLY A 53 -18.61 -44.59 -9.27
N SER A 54 -19.00 -45.45 -10.22
CA SER A 54 -19.82 -46.61 -9.92
C SER A 54 -19.00 -47.86 -9.65
N GLY A 55 -17.71 -47.86 -9.99
CA GLY A 55 -16.87 -49.01 -9.83
C GLY A 55 -16.82 -49.94 -11.03
N GLY A 56 -17.59 -49.66 -12.07
CA GLY A 56 -17.64 -50.52 -13.25
C GLY A 56 -16.40 -50.44 -14.13
N SER A 57 -15.53 -49.47 -13.92
CA SER A 57 -14.31 -49.33 -14.70
C SER A 57 -13.15 -49.06 -13.75
N THR A 58 -12.02 -49.73 -14.00
CA THR A 58 -10.83 -49.59 -13.18
C THR A 58 -9.61 -49.40 -14.08
N TYR A 59 -8.65 -48.64 -13.58
CA TYR A 59 -7.44 -48.30 -14.32
C TYR A 59 -6.23 -48.52 -13.43
N TYR A 60 -5.16 -49.04 -14.02
CA TYR A 60 -3.96 -49.36 -13.27
C TYR A 60 -2.73 -48.94 -14.05
N ALA A 61 -1.71 -48.45 -13.34
CA ALA A 61 -0.41 -48.25 -13.94
C ALA A 61 0.29 -49.60 -14.09
N ASP A 62 1.12 -49.71 -15.14
CA ASP A 62 1.80 -50.97 -15.39
C ASP A 62 2.59 -51.45 -14.18
N SER A 63 3.15 -50.52 -13.40
CA SER A 63 3.97 -50.88 -12.25
C SER A 63 3.20 -51.63 -11.19
N VAL A 64 1.86 -51.68 -11.27
CA VAL A 64 1.04 -52.36 -10.27
C VAL A 64 -0.04 -53.23 -10.90
N LYS A 65 -0.15 -53.26 -12.23
CA LYS A 65 -1.19 -54.05 -12.87
C LYS A 65 -1.02 -55.53 -12.55
N GLY A 66 -2.09 -56.15 -12.07
CA GLY A 66 -2.05 -57.55 -11.72
C GLY A 66 -1.93 -57.80 -10.23
N ARG A 67 -1.17 -56.94 -9.54
CA ARG A 67 -0.93 -57.13 -8.11
C ARG A 67 -1.89 -56.31 -7.25
N PHE A 68 -2.27 -55.13 -7.69
CA PHE A 68 -3.14 -54.26 -6.93
C PHE A 68 -4.57 -54.31 -7.47
N THR A 69 -5.53 -54.11 -6.59
CA THR A 69 -6.95 -54.14 -6.95
C THR A 69 -7.66 -52.99 -6.26
N ILE A 70 -8.17 -52.05 -7.04
CA ILE A 70 -8.90 -50.91 -6.51
C ILE A 70 -10.38 -51.25 -6.48
N SER A 71 -11.08 -50.72 -5.48
CA SER A 71 -12.50 -50.98 -5.32
C SER A 71 -13.08 -49.88 -4.44
N ARG A 72 -14.41 -49.84 -4.41
CA ARG A 72 -15.11 -48.85 -3.58
C ARG A 72 -16.42 -49.43 -3.11
N ASP A 73 -16.93 -48.87 -2.01
CA ASP A 73 -18.21 -49.25 -1.42
C ASP A 73 -18.99 -47.95 -1.24
N ASN A 74 -19.77 -47.59 -2.26
CA ASN A 74 -20.44 -46.29 -2.27
C ASN A 74 -21.47 -46.16 -1.15
N SER A 75 -21.94 -47.28 -0.59
CA SER A 75 -22.86 -47.19 0.53
C SER A 75 -22.15 -46.76 1.81
N LYS A 76 -20.88 -47.09 1.95
CA LYS A 76 -20.07 -46.68 3.09
C LYS A 76 -19.14 -45.53 2.77
N ASN A 77 -19.21 -44.97 1.56
CA ASN A 77 -18.40 -43.82 1.17
C ASN A 77 -16.91 -44.12 1.35
N THR A 78 -16.49 -45.32 0.98
CA THR A 78 -15.13 -45.76 1.23
C THR A 78 -14.51 -46.32 -0.04
N LEU A 79 -13.22 -46.03 -0.22
CA LEU A 79 -12.42 -46.50 -1.34
C LEU A 79 -11.31 -47.41 -0.80
N TYR A 80 -10.97 -48.45 -1.57
CA TYR A 80 -10.02 -49.45 -1.12
C TYR A 80 -8.92 -49.65 -2.15
N LEU A 81 -7.75 -50.06 -1.66
CA LEU A 81 -6.64 -50.48 -2.53
C LEU A 81 -6.05 -51.76 -1.94
N GLN A 82 -6.39 -52.90 -2.52
CA GLN A 82 -5.83 -54.18 -2.12
C GLN A 82 -4.51 -54.39 -2.85
N MET A 83 -3.43 -54.54 -2.10
CA MET A 83 -2.10 -54.70 -2.66
C MET A 83 -1.59 -56.10 -2.38
N ASN A 84 -1.12 -56.78 -3.43
CA ASN A 84 -0.61 -58.14 -3.33
C ASN A 84 0.78 -58.21 -3.94
N SER A 85 1.51 -59.26 -3.60
CA SER A 85 2.86 -59.49 -4.11
C SER A 85 3.72 -58.25 -3.95
N LEU A 86 3.65 -57.64 -2.76
CA LEU A 86 4.34 -56.39 -2.51
C LEU A 86 5.86 -56.58 -2.59
N ARG A 87 6.52 -55.61 -3.19
CA ARG A 87 7.98 -55.56 -3.27
C ARG A 87 8.48 -54.31 -2.55
N ALA A 88 9.79 -54.27 -2.31
CA ALA A 88 10.37 -53.12 -1.62
C ALA A 88 10.19 -51.84 -2.42
N GLU A 89 10.03 -51.92 -3.74
CA GLU A 89 9.80 -50.73 -4.55
C GLU A 89 8.44 -50.10 -4.26
N ASP A 90 7.49 -50.87 -3.75
CA ASP A 90 6.18 -50.35 -3.40
C ASP A 90 6.19 -49.53 -2.11
N THR A 91 7.33 -49.42 -1.44
CA THR A 91 7.42 -48.60 -0.23
C THR A 91 7.18 -47.14 -0.59
N ALA A 92 6.24 -46.51 0.09
CA ALA A 92 5.90 -45.14 -0.22
C ALA A 92 4.71 -44.70 0.65
N VAL A 93 4.49 -43.40 0.68
CA VAL A 93 3.25 -42.84 1.20
C VAL A 93 2.19 -42.96 0.11
N TYR A 94 1.01 -43.43 0.49
CA TYR A 94 -0.08 -43.67 -0.45
C TYR A 94 -1.19 -42.67 -0.22
N TYR A 95 -1.60 -41.99 -1.28
CA TYR A 95 -2.62 -40.94 -1.21
C TYR A 95 -3.87 -41.35 -1.97
N CYS A 96 -5.01 -41.02 -1.38
N CYS A 96 -5.02 -41.08 -1.38
CA CYS A 96 -6.32 -41.13 -2.01
CA CYS A 96 -6.28 -41.16 -2.10
C CYS A 96 -6.78 -39.74 -2.46
C CYS A 96 -6.71 -39.76 -2.50
N ALA A 97 -7.37 -39.66 -3.65
CA ALA A 97 -7.74 -38.36 -4.19
C ALA A 97 -9.02 -38.46 -5.01
N LYS A 98 -9.78 -37.37 -5.01
CA LYS A 98 -10.95 -37.22 -5.86
C LYS A 98 -10.52 -36.67 -7.21
N VAL A 99 -11.20 -37.11 -8.26
CA VAL A 99 -10.87 -36.72 -9.63
C VAL A 99 -11.87 -35.67 -10.09
N GLY A 100 -11.36 -34.60 -10.71
CA GLY A 100 -12.20 -33.55 -11.25
C GLY A 100 -11.54 -32.80 -12.39
N TRP A 101 -12.24 -32.76 -13.53
CA TRP A 101 -11.77 -32.04 -14.71
C TRP A 101 -10.29 -32.30 -14.98
N GLY A 102 -9.96 -33.58 -15.09
CA GLY A 102 -8.63 -34.01 -15.48
C GLY A 102 -7.57 -33.92 -14.40
N ALA A 103 -7.89 -33.38 -13.23
CA ALA A 103 -6.94 -33.22 -12.14
C ALA A 103 -7.43 -33.97 -10.91
N PHE A 104 -6.55 -34.06 -9.91
CA PHE A 104 -6.89 -34.60 -8.60
C PHE A 104 -7.07 -33.41 -7.67
N ASP A 105 -8.33 -33.05 -7.42
CA ASP A 105 -8.66 -31.78 -6.78
C ASP A 105 -8.79 -31.87 -5.26
N ILE A 106 -8.88 -33.07 -4.69
CA ILE A 106 -9.00 -33.22 -3.24
C ILE A 106 -8.19 -34.45 -2.83
N TRP A 107 -7.20 -34.26 -1.98
CA TRP A 107 -6.30 -35.32 -1.55
C TRP A 107 -6.52 -35.64 -0.08
N GLY A 108 -6.24 -36.90 0.27
CA GLY A 108 -6.15 -37.28 1.66
C GLY A 108 -4.77 -37.01 2.23
N GLN A 109 -4.67 -37.14 3.55
CA GLN A 109 -3.42 -36.81 4.23
C GLN A 109 -2.31 -37.80 3.97
N GLY A 110 -2.62 -38.97 3.41
CA GLY A 110 -1.61 -39.96 3.10
C GLY A 110 -1.40 -40.96 4.23
N THR A 111 -0.88 -42.12 3.85
CA THR A 111 -0.59 -43.20 4.78
C THR A 111 0.69 -43.91 4.33
N MET A 112 1.53 -44.27 5.29
CA MET A 112 2.82 -44.85 4.98
C MET A 112 2.72 -46.37 4.86
N VAL A 113 3.38 -46.92 3.83
CA VAL A 113 3.43 -48.36 3.59
C VAL A 113 4.88 -48.72 3.38
N THR A 114 5.45 -49.51 4.29
CA THR A 114 6.84 -49.92 4.24
C THR A 114 6.93 -51.41 3.94
N VAL A 115 7.58 -51.77 2.85
CA VAL A 115 7.78 -53.16 2.45
C VAL A 115 9.27 -53.46 2.65
N SER A 116 9.63 -54.10 3.76
CA SER A 116 11.02 -54.23 4.12
C SER A 116 11.27 -55.53 4.88
N SER A 117 12.41 -56.15 4.58
CA SER A 117 12.99 -57.19 5.46
C SER A 117 13.92 -56.45 6.40
N ALA A 118 13.48 -56.23 7.64
CA ALA A 118 14.20 -55.34 8.57
C ALA A 118 14.16 -55.91 9.98
N SER A 119 14.99 -56.92 10.22
CA SER A 119 15.25 -57.37 11.59
C SER A 119 16.16 -56.38 12.28
N THR A 120 15.86 -56.10 13.55
CA THR A 120 16.70 -55.20 14.33
C THR A 120 18.16 -55.62 14.21
N LYS A 121 19.04 -54.65 13.97
CA LYS A 121 20.44 -54.95 13.74
C LYS A 121 21.30 -53.83 14.29
N GLY A 122 22.47 -54.22 14.80
CA GLY A 122 23.47 -53.28 15.23
C GLY A 122 24.35 -52.86 14.07
N PRO A 123 24.98 -51.68 14.18
CA PRO A 123 25.77 -51.16 13.07
C PRO A 123 27.23 -51.57 13.14
N SER A 124 27.85 -51.62 11.97
CA SER A 124 29.29 -51.74 11.86
C SER A 124 29.90 -50.34 11.81
N VAL A 125 30.89 -50.10 12.66
CA VAL A 125 31.56 -48.81 12.75
C VAL A 125 32.96 -48.95 12.17
N PHE A 126 33.28 -48.09 11.21
CA PHE A 126 34.60 -48.04 10.60
C PHE A 126 35.21 -46.65 10.78
N PRO A 127 36.50 -46.57 11.07
CA PRO A 127 37.13 -45.25 11.21
C PRO A 127 37.32 -44.59 9.86
N LEU A 128 36.96 -43.30 9.79
CA LEU A 128 37.23 -42.48 8.61
C LEU A 128 38.49 -41.67 8.94
N ALA A 129 39.63 -42.24 8.57
CA ALA A 129 40.90 -41.70 9.03
C ALA A 129 41.18 -40.32 8.43
N PRO A 130 41.84 -39.44 9.19
CA PRO A 130 42.22 -38.15 8.64
C PRO A 130 43.26 -38.30 7.55
N SER A 131 43.23 -37.38 6.60
CA SER A 131 44.13 -37.42 5.45
C SER A 131 44.86 -36.10 5.24
N GLY A 138 44.78 -25.09 8.04
CA GLY A 138 45.51 -25.87 9.03
C GLY A 138 44.62 -26.83 9.81
N THR A 139 43.44 -27.11 9.27
CA THR A 139 42.48 -27.99 9.91
C THR A 139 42.48 -29.37 9.25
N ALA A 140 42.02 -30.36 10.01
CA ALA A 140 41.93 -31.73 9.55
C ALA A 140 40.57 -32.30 9.91
N ALA A 141 39.95 -32.99 8.96
CA ALA A 141 38.62 -33.56 9.12
C ALA A 141 38.73 -35.07 9.25
N LEU A 142 38.15 -35.61 10.33
CA LEU A 142 38.10 -37.06 10.54
C LEU A 142 36.75 -37.42 11.16
N GLY A 143 36.44 -38.70 11.11
CA GLY A 143 35.19 -39.19 11.66
C GLY A 143 35.12 -40.69 11.60
N CYS A 144 33.90 -41.21 11.74
N CYS A 144 33.91 -41.21 11.73
N CYS A 144 33.90 -41.20 11.74
CA CYS A 144 33.69 -42.65 11.66
CA CYS A 144 33.70 -42.65 11.63
CA CYS A 144 33.62 -42.62 11.70
C CYS A 144 32.33 -42.93 11.01
C CYS A 144 32.34 -42.93 11.01
C CYS A 144 32.34 -42.87 10.92
N LEU A 145 32.30 -43.99 10.21
CA LEU A 145 31.12 -44.37 9.44
C LEU A 145 30.31 -45.42 10.20
N VAL A 146 29.02 -45.17 10.35
CA VAL A 146 28.10 -46.07 11.06
C VAL A 146 27.19 -46.69 10.01
N LYS A 147 27.36 -47.99 9.76
CA LYS A 147 26.82 -48.63 8.58
C LYS A 147 25.84 -49.75 8.92
N ASP A 148 24.84 -49.89 8.07
CA ASP A 148 23.89 -51.01 8.09
C ASP A 148 23.34 -51.27 9.50
N TYR A 149 22.51 -50.33 9.95
CA TYR A 149 21.83 -50.46 11.23
C TYR A 149 20.34 -50.24 11.04
N PHE A 150 19.56 -50.81 11.97
CA PHE A 150 18.11 -50.67 11.97
C PHE A 150 17.60 -50.95 13.37
N PRO A 151 16.66 -50.17 13.90
CA PRO A 151 16.15 -48.96 13.23
C PRO A 151 16.82 -47.70 13.75
N GLU A 152 16.33 -46.53 13.35
CA GLU A 152 16.76 -45.30 13.98
C GLU A 152 16.33 -45.32 15.45
N PRO A 153 17.00 -44.52 16.31
CA PRO A 153 18.09 -43.62 15.97
C PRO A 153 19.46 -44.18 16.33
N VAL A 154 20.50 -43.43 15.98
CA VAL A 154 21.87 -43.71 16.40
C VAL A 154 22.45 -42.42 16.98
N THR A 155 23.12 -42.54 18.12
CA THR A 155 23.79 -41.41 18.75
C THR A 155 25.30 -41.60 18.67
N VAL A 156 25.99 -40.51 18.37
CA VAL A 156 27.45 -40.51 18.23
C VAL A 156 28.02 -39.45 19.17
N SER A 157 29.04 -39.83 19.93
CA SER A 157 29.81 -38.92 20.75
C SER A 157 31.27 -38.97 20.31
N TRP A 158 32.07 -38.09 20.89
CA TRP A 158 33.48 -38.00 20.55
C TRP A 158 34.28 -37.73 21.82
N ASN A 159 35.19 -38.65 22.14
CA ASN A 159 35.98 -38.57 23.38
C ASN A 159 35.04 -38.45 24.59
N SER A 160 34.03 -39.32 24.61
CA SER A 160 33.05 -39.38 25.69
C SER A 160 32.38 -38.03 25.94
N GLY A 161 32.18 -37.23 24.89
CA GLY A 161 31.47 -35.98 25.01
C GLY A 161 32.34 -34.76 25.24
N ALA A 162 33.64 -34.94 25.47
CA ALA A 162 34.54 -33.82 25.71
C ALA A 162 34.89 -33.06 24.44
N LEU A 163 34.42 -33.52 23.27
CA LEU A 163 34.72 -32.88 22.00
C LEU A 163 33.41 -32.49 21.33
N THR A 164 33.13 -31.19 21.26
CA THR A 164 31.93 -30.68 20.62
C THR A 164 32.21 -29.66 19.53
N SER A 165 33.39 -29.05 19.52
CA SER A 165 33.74 -28.09 18.48
C SER A 165 34.09 -28.81 17.19
N GLY A 166 33.36 -28.50 16.12
CA GLY A 166 33.61 -29.09 14.83
C GLY A 166 32.91 -30.41 14.57
N VAL A 167 32.10 -30.89 15.50
CA VAL A 167 31.40 -32.16 15.33
C VAL A 167 30.19 -31.95 14.43
N HIS A 168 30.15 -32.68 13.31
CA HIS A 168 29.03 -32.62 12.37
C HIS A 168 28.55 -34.05 12.13
N THR A 169 27.44 -34.42 12.77
CA THR A 169 26.84 -35.75 12.61
C THR A 169 25.76 -35.65 11.55
N PHE A 170 26.01 -36.28 10.39
CA PHE A 170 25.12 -36.12 9.25
C PHE A 170 23.88 -37.00 9.40
N PRO A 171 22.73 -36.53 8.93
CA PRO A 171 21.53 -37.38 8.94
C PRO A 171 21.80 -38.68 8.18
N ALA A 172 21.18 -39.75 8.67
CA ALA A 172 21.42 -41.07 8.09
C ALA A 172 20.79 -41.18 6.71
N VAL A 173 21.29 -42.15 5.94
CA VAL A 173 20.69 -42.52 4.66
C VAL A 173 19.98 -43.84 4.83
N LEU A 174 18.85 -43.99 4.15
CA LEU A 174 18.08 -45.23 4.15
C LEU A 174 18.27 -45.90 2.79
N GLN A 175 19.07 -46.96 2.76
CA GLN A 175 19.42 -47.62 1.51
C GLN A 175 18.26 -48.50 1.02
N SER A 176 18.46 -49.10 -0.15
CA SER A 176 17.44 -49.99 -0.70
C SER A 176 17.25 -51.23 0.17
N SER A 177 18.27 -51.59 0.95
CA SER A 177 18.17 -52.75 1.82
C SER A 177 17.23 -52.53 3.00
N GLY A 178 16.74 -51.31 3.19
CA GLY A 178 15.94 -51.00 4.36
C GLY A 178 16.74 -50.74 5.61
N LEU A 179 18.07 -50.72 5.52
CA LEU A 179 18.95 -50.45 6.64
C LEU A 179 19.53 -49.06 6.54
N TYR A 180 19.74 -48.43 7.69
CA TYR A 180 20.28 -47.08 7.75
C TYR A 180 21.80 -47.11 7.81
N SER A 181 22.41 -46.02 7.34
CA SER A 181 23.83 -45.77 7.53
C SER A 181 24.02 -44.27 7.65
N LEU A 182 24.98 -43.87 8.48
CA LEU A 182 25.30 -42.46 8.65
C LEU A 182 26.77 -42.31 8.99
N SER A 183 27.22 -41.07 8.98
CA SER A 183 28.61 -40.73 9.33
C SER A 183 28.60 -39.47 10.16
N SER A 184 29.48 -39.42 11.17
CA SER A 184 29.70 -38.24 11.99
C SER A 184 31.15 -37.83 11.84
N VAL A 185 31.37 -36.58 11.42
CA VAL A 185 32.71 -36.08 11.13
C VAL A 185 33.02 -34.92 12.05
N VAL A 186 34.26 -34.87 12.52
CA VAL A 186 34.75 -33.80 13.39
C VAL A 186 35.92 -33.13 12.70
N THR A 187 35.99 -31.80 12.83
CA THR A 187 37.10 -31.03 12.29
C THR A 187 37.98 -30.59 13.45
N VAL A 188 39.25 -30.98 13.42
CA VAL A 188 40.19 -30.67 14.49
C VAL A 188 41.48 -30.13 13.89
N PRO A 189 42.39 -29.58 14.69
CA PRO A 189 43.60 -28.98 14.13
C PRO A 189 44.55 -30.04 13.57
N SER A 190 45.26 -29.67 12.50
CA SER A 190 46.22 -30.59 11.91
C SER A 190 47.40 -30.86 12.85
N SER A 191 47.73 -29.90 13.71
CA SER A 191 48.78 -30.13 14.70
C SER A 191 48.31 -31.10 15.78
N SER A 192 47.01 -31.12 16.05
CA SER A 192 46.44 -32.04 17.02
C SER A 192 46.65 -33.51 16.65
N LEU A 193 46.90 -33.81 15.39
CA LEU A 193 47.04 -35.19 14.95
C LEU A 193 48.39 -35.74 15.36
N GLY A 194 48.44 -37.05 15.60
CA GLY A 194 49.63 -37.69 16.11
C GLY A 194 49.90 -37.48 17.58
N THR A 195 49.06 -36.69 18.26
CA THR A 195 49.21 -36.47 19.70
C THR A 195 47.89 -36.49 20.47
N GLN A 196 46.79 -36.03 19.90
CA GLN A 196 45.49 -36.08 20.55
C GLN A 196 44.72 -37.32 20.11
N THR A 197 44.12 -38.01 21.08
CA THR A 197 43.37 -39.23 20.82
C THR A 197 41.91 -38.89 20.52
N TYR A 198 41.38 -39.48 19.46
CA TYR A 198 40.00 -39.26 19.04
C TYR A 198 39.28 -40.60 18.98
N ILE A 199 38.22 -40.73 19.79
CA ILE A 199 37.40 -41.93 19.83
C ILE A 199 35.95 -41.53 19.66
N CYS A 200 35.33 -42.00 18.58
N CYS A 200 35.33 -42.00 18.58
CA CYS A 200 33.90 -41.79 18.36
CA CYS A 200 33.91 -41.78 18.36
C CYS A 200 33.12 -42.90 19.04
C CYS A 200 33.12 -42.90 19.04
N ASN A 201 32.14 -42.53 19.85
CA ASN A 201 31.35 -43.47 20.63
C ASN A 201 29.97 -43.59 20.00
N VAL A 202 29.69 -44.75 19.43
CA VAL A 202 28.42 -45.02 18.76
C VAL A 202 27.58 -45.91 19.68
N ASN A 203 26.31 -45.55 19.86
CA ASN A 203 25.38 -46.38 20.60
C ASN A 203 24.08 -46.49 19.82
N HIS A 204 23.56 -47.71 19.72
CA HIS A 204 22.30 -48.02 19.05
C HIS A 204 21.43 -48.74 20.07
N LYS A 205 20.64 -47.97 20.81
CA LYS A 205 19.82 -48.54 21.87
C LYS A 205 18.95 -49.70 21.43
N PRO A 206 18.28 -49.67 20.27
CA PRO A 206 17.47 -50.82 19.86
C PRO A 206 18.24 -52.12 19.76
N SER A 207 19.57 -52.07 19.66
CA SER A 207 20.39 -53.27 19.61
C SER A 207 21.33 -53.40 20.79
N ASN A 208 21.30 -52.46 21.73
CA ASN A 208 22.19 -52.48 22.89
C ASN A 208 23.66 -52.54 22.46
N THR A 209 23.96 -51.93 21.32
CA THR A 209 25.32 -51.91 20.78
C THR A 209 25.99 -50.60 21.13
N LYS A 210 27.21 -50.69 21.65
CA LYS A 210 28.05 -49.53 21.94
C LYS A 210 29.46 -49.83 21.43
N VAL A 211 29.96 -48.97 20.55
CA VAL A 211 31.27 -49.15 19.94
C VAL A 211 32.09 -47.89 20.16
N ASP A 212 33.33 -48.05 20.59
CA ASP A 212 34.29 -46.96 20.70
C ASP A 212 35.39 -47.20 19.68
N LYS A 213 35.50 -46.29 18.71
CA LYS A 213 36.40 -46.46 17.57
C LYS A 213 37.44 -45.35 17.59
N LYS A 214 38.72 -45.73 17.65
CA LYS A 214 39.80 -44.76 17.58
C LYS A 214 40.08 -44.41 16.13
N VAL A 215 40.04 -43.13 15.81
CA VAL A 215 40.30 -42.63 14.47
C VAL A 215 41.72 -42.08 14.45
N GLU A 216 42.63 -42.80 13.81
CA GLU A 216 44.03 -42.41 13.72
C GLU A 216 44.41 -42.16 12.28
N PRO A 217 45.49 -41.42 12.05
CA PRO A 217 46.01 -41.28 10.68
C PRO A 217 46.33 -42.65 10.09
N LYS A 218 46.45 -42.69 8.76
CA LYS A 218 46.73 -43.91 8.03
C LYS A 218 48.17 -43.89 7.54
N SER A 219 48.89 -44.97 7.80
CA SER A 219 50.28 -45.07 7.38
C SER A 219 50.40 -45.18 5.85
N ASN B 4 -27.32 3.10 -44.09
CA ASN B 4 -26.45 4.26 -44.19
C ASN B 4 -25.63 4.43 -42.92
N LEU B 5 -26.27 4.24 -41.77
CA LEU B 5 -25.61 4.26 -40.47
C LEU B 5 -25.36 2.82 -40.04
N CYS B 6 -24.10 2.47 -39.84
CA CYS B 6 -23.74 1.12 -39.45
C CYS B 6 -24.57 0.70 -38.24
N PRO B 7 -25.16 -0.52 -38.24
CA PRO B 7 -26.00 -0.97 -37.13
C PRO B 7 -25.21 -1.47 -35.93
N PHE B 8 -24.28 -0.63 -35.43
CA PHE B 8 -23.52 -0.99 -34.25
C PHE B 8 -24.39 -1.04 -33.00
N GLY B 9 -25.51 -0.31 -32.98
CA GLY B 9 -26.37 -0.33 -31.82
C GLY B 9 -26.96 -1.70 -31.55
N GLU B 10 -27.28 -2.44 -32.61
CA GLU B 10 -27.81 -3.79 -32.44
C GLU B 10 -26.75 -4.75 -31.93
N VAL B 11 -25.47 -4.47 -32.22
CA VAL B 11 -24.40 -5.30 -31.71
C VAL B 11 -24.12 -5.01 -30.24
N PHE B 12 -23.96 -3.73 -29.90
CA PHE B 12 -23.58 -3.36 -28.53
C PHE B 12 -24.75 -3.47 -27.57
N ASN B 13 -25.96 -3.11 -28.02
CA ASN B 13 -27.12 -3.02 -27.16
C ASN B 13 -27.99 -4.29 -27.18
N ALA B 14 -27.45 -5.40 -27.69
CA ALA B 14 -28.22 -6.63 -27.74
C ALA B 14 -28.57 -7.11 -26.33
N THR B 15 -29.79 -7.62 -26.18
CA THR B 15 -30.24 -8.05 -24.85
C THR B 15 -29.42 -9.22 -24.33
N ARG B 16 -29.14 -10.21 -25.20
CA ARG B 16 -28.36 -11.38 -24.82
C ARG B 16 -27.12 -11.49 -25.71
N PHE B 17 -26.01 -11.86 -25.11
CA PHE B 17 -24.76 -12.10 -25.82
C PHE B 17 -24.49 -13.60 -25.90
N ALA B 18 -23.62 -13.97 -26.83
CA ALA B 18 -23.31 -15.37 -27.05
C ALA B 18 -22.28 -15.87 -26.04
N SER B 19 -22.35 -17.16 -25.74
CA SER B 19 -21.25 -17.83 -25.05
C SER B 19 -19.98 -17.65 -25.87
N VAL B 20 -18.84 -17.56 -25.19
CA VAL B 20 -17.59 -17.27 -25.88
C VAL B 20 -17.20 -18.40 -26.82
N TYR B 21 -17.50 -19.64 -26.45
CA TYR B 21 -17.19 -20.77 -27.35
C TYR B 21 -18.04 -20.71 -28.61
N ALA B 22 -19.28 -20.25 -28.50
CA ALA B 22 -20.16 -20.06 -29.64
C ALA B 22 -20.26 -18.58 -30.00
N TRP B 23 -19.11 -17.91 -30.10
CA TRP B 23 -19.10 -16.46 -30.18
C TRP B 23 -19.85 -15.98 -31.42
N ASN B 24 -20.41 -14.78 -31.30
CA ASN B 24 -21.27 -14.19 -32.31
C ASN B 24 -20.45 -13.36 -33.30
N ARG B 25 -20.94 -13.32 -34.54
CA ARG B 25 -20.33 -12.46 -35.55
C ARG B 25 -21.43 -11.74 -36.32
N LYS B 26 -21.17 -10.46 -36.63
CA LYS B 26 -22.03 -9.66 -37.48
C LYS B 26 -21.14 -8.95 -38.50
N ARG B 27 -21.54 -9.00 -39.77
CA ARG B 27 -20.82 -8.32 -40.83
C ARG B 27 -21.39 -6.91 -41.01
N ILE B 28 -20.51 -5.91 -40.98
CA ILE B 28 -20.89 -4.52 -41.18
C ILE B 28 -20.40 -4.10 -42.56
N SER B 29 -21.31 -3.58 -43.38
CA SER B 29 -20.97 -3.22 -44.74
C SER B 29 -21.92 -2.14 -45.25
N ASN B 30 -21.42 -1.33 -46.18
CA ASN B 30 -22.20 -0.30 -46.86
C ASN B 30 -22.92 0.61 -45.85
N CYS B 31 -22.10 1.37 -45.12
CA CYS B 31 -22.62 2.19 -44.03
C CYS B 31 -21.55 3.21 -43.63
N VAL B 32 -21.92 4.07 -42.69
CA VAL B 32 -21.02 5.07 -42.11
C VAL B 32 -20.93 4.79 -40.61
N ALA B 33 -19.70 4.69 -40.11
CA ALA B 33 -19.46 4.30 -38.73
C ALA B 33 -19.09 5.54 -37.90
N ASP B 34 -19.88 5.81 -36.88
CA ASP B 34 -19.59 6.89 -35.93
C ASP B 34 -18.84 6.28 -34.76
N TYR B 35 -17.52 6.17 -34.90
CA TYR B 35 -16.73 5.37 -33.97
C TYR B 35 -16.61 6.03 -32.60
N SER B 36 -16.68 7.36 -32.53
CA SER B 36 -16.52 8.05 -31.27
C SER B 36 -17.79 8.06 -30.43
N VAL B 37 -18.93 7.75 -31.03
CA VAL B 37 -20.10 7.37 -30.24
C VAL B 37 -19.76 6.16 -29.37
N LEU B 38 -18.66 5.49 -29.67
CA LEU B 38 -18.13 4.38 -28.89
C LEU B 38 -16.84 4.74 -28.15
N TYR B 39 -15.91 5.44 -28.79
CA TYR B 39 -14.63 5.69 -28.15
C TYR B 39 -14.76 6.69 -26.99
N ASN B 40 -15.58 7.72 -27.16
CA ASN B 40 -15.67 8.78 -26.16
C ASN B 40 -16.50 8.38 -24.94
N SER B 41 -17.04 7.17 -24.90
CA SER B 41 -17.91 6.74 -23.81
C SER B 41 -17.09 6.16 -22.66
N ALA B 42 -17.30 6.70 -21.46
CA ALA B 42 -16.72 6.14 -20.26
C ALA B 42 -17.38 4.85 -19.81
N SER B 43 -18.38 4.38 -20.55
CA SER B 43 -19.07 3.14 -20.19
C SER B 43 -18.27 1.89 -20.56
N PHE B 44 -17.18 2.03 -21.30
CA PHE B 44 -16.34 0.90 -21.67
C PHE B 44 -15.11 0.88 -20.76
N SER B 45 -14.96 -0.19 -19.99
CA SER B 45 -13.75 -0.35 -19.19
C SER B 45 -12.56 -0.76 -20.04
N THR B 46 -12.77 -1.18 -21.29
CA THR B 46 -11.69 -1.53 -22.20
C THR B 46 -12.03 -1.01 -23.59
N PHE B 47 -11.14 -0.19 -24.14
CA PHE B 47 -11.21 0.24 -25.54
C PHE B 47 -9.77 0.28 -26.04
N LYS B 48 -9.35 -0.80 -26.69
CA LYS B 48 -7.96 -0.95 -27.15
C LYS B 48 -7.97 -1.29 -28.63
N CYS B 49 -7.16 -0.56 -29.40
CA CYS B 49 -7.06 -0.76 -30.84
C CYS B 49 -5.66 -1.22 -31.21
N TYR B 50 -5.58 -1.99 -32.29
CA TYR B 50 -4.34 -2.57 -32.77
C TYR B 50 -4.23 -2.36 -34.28
N GLY B 51 -3.01 -2.08 -34.74
CA GLY B 51 -2.78 -1.79 -36.14
C GLY B 51 -3.36 -0.49 -36.63
N VAL B 52 -4.13 0.22 -35.82
CA VAL B 52 -4.70 1.52 -36.16
C VAL B 52 -4.78 2.34 -34.88
N SER B 53 -5.02 3.64 -35.03
CA SER B 53 -5.09 4.50 -33.86
C SER B 53 -6.54 4.68 -33.41
N PRO B 54 -6.79 4.69 -32.09
CA PRO B 54 -8.14 5.07 -31.63
C PRO B 54 -8.54 6.44 -32.17
N THR B 55 -7.58 7.36 -32.26
CA THR B 55 -7.80 8.61 -32.98
C THR B 55 -7.93 8.33 -34.47
N LYS B 56 -8.53 9.28 -35.18
CA LYS B 56 -8.60 9.21 -36.64
C LYS B 56 -9.44 8.03 -37.11
N LEU B 57 -10.00 7.25 -36.18
CA LEU B 57 -10.82 6.11 -36.58
C LEU B 57 -11.97 6.54 -37.49
N ASN B 58 -12.51 7.74 -37.29
CA ASN B 58 -13.59 8.25 -38.11
C ASN B 58 -13.13 8.79 -39.45
N ASP B 59 -11.82 8.77 -39.71
CA ASP B 59 -11.27 9.29 -40.95
C ASP B 59 -10.78 8.19 -41.90
N LEU B 60 -10.76 6.94 -41.46
CA LEU B 60 -10.35 5.83 -42.31
C LEU B 60 -11.56 5.06 -42.82
N CYS B 61 -11.32 4.24 -43.85
CA CYS B 61 -12.32 3.48 -44.55
C CYS B 61 -11.84 2.06 -44.79
N PHE B 62 -12.75 1.10 -44.67
CA PHE B 62 -12.41 -0.30 -44.79
C PHE B 62 -13.36 -1.00 -45.74
N THR B 63 -12.87 -2.13 -46.29
CA THR B 63 -13.70 -2.94 -47.17
C THR B 63 -14.84 -3.59 -46.42
N ASN B 64 -14.58 -4.05 -45.19
CA ASN B 64 -15.59 -4.64 -44.34
C ASN B 64 -15.21 -4.38 -42.90
N VAL B 65 -16.21 -4.49 -42.02
CA VAL B 65 -15.98 -4.49 -40.59
C VAL B 65 -16.77 -5.65 -39.99
N TYR B 66 -16.08 -6.52 -39.27
CA TYR B 66 -16.72 -7.63 -38.58
C TYR B 66 -16.82 -7.31 -37.10
N ALA B 67 -18.01 -7.43 -36.55
CA ALA B 67 -18.27 -7.19 -35.13
C ALA B 67 -18.57 -8.52 -34.47
N ASP B 68 -17.57 -9.05 -33.76
CA ASP B 68 -17.72 -10.25 -32.96
C ASP B 68 -18.03 -9.85 -31.52
N SER B 69 -18.88 -10.64 -30.85
CA SER B 69 -19.24 -10.33 -29.48
C SER B 69 -19.49 -11.63 -28.72
N PHE B 70 -19.28 -11.57 -27.41
CA PHE B 70 -19.38 -12.74 -26.54
C PHE B 70 -19.23 -12.27 -25.10
N VAL B 71 -19.42 -13.21 -24.16
CA VAL B 71 -19.26 -12.95 -22.74
C VAL B 71 -18.13 -13.82 -22.21
N ILE B 72 -17.27 -13.23 -21.39
CA ILE B 72 -16.18 -13.93 -20.71
C ILE B 72 -16.06 -13.41 -19.29
N ARG B 73 -15.11 -13.97 -18.55
CA ARG B 73 -14.79 -13.52 -17.19
C ARG B 73 -13.97 -12.24 -17.24
N GLY B 74 -14.06 -11.47 -16.13
CA GLY B 74 -13.32 -10.22 -16.06
C GLY B 74 -11.83 -10.39 -16.28
N ASP B 75 -11.22 -11.34 -15.60
CA ASP B 75 -9.77 -11.50 -15.71
C ASP B 75 -9.34 -12.23 -16.98
N GLU B 76 -10.27 -12.51 -17.89
CA GLU B 76 -9.93 -13.05 -19.20
C GLU B 76 -9.90 -12.00 -20.29
N VAL B 77 -10.40 -10.78 -20.01
CA VAL B 77 -10.47 -9.75 -21.05
C VAL B 77 -9.09 -9.48 -21.63
N ARG B 78 -8.03 -9.57 -20.82
CA ARG B 78 -6.68 -9.39 -21.32
C ARG B 78 -6.32 -10.38 -22.43
N GLN B 79 -6.98 -11.55 -22.45
CA GLN B 79 -6.69 -12.55 -23.47
C GLN B 79 -7.23 -12.15 -24.84
N ILE B 80 -8.18 -11.22 -24.89
CA ILE B 80 -8.73 -10.74 -26.15
C ILE B 80 -7.79 -9.70 -26.73
N ALA B 81 -6.65 -10.15 -27.22
CA ALA B 81 -5.65 -9.30 -27.84
C ALA B 81 -4.68 -10.17 -28.62
N PRO B 82 -3.99 -9.61 -29.60
CA PRO B 82 -3.01 -10.40 -30.35
C PRO B 82 -1.87 -10.86 -29.46
N GLY B 83 -1.38 -12.07 -29.74
CA GLY B 83 -0.22 -12.60 -29.03
C GLY B 83 -0.51 -13.18 -27.67
N GLN B 84 -1.76 -13.50 -27.36
CA GLN B 84 -2.13 -13.98 -26.05
C GLN B 84 -2.34 -15.49 -26.03
N THR B 85 -2.21 -16.07 -24.85
CA THR B 85 -2.47 -17.48 -24.60
C THR B 85 -3.32 -17.61 -23.34
N GLY B 86 -3.94 -18.77 -23.20
CA GLY B 86 -4.85 -19.04 -22.10
C GLY B 86 -6.11 -19.72 -22.59
N LYS B 87 -6.98 -20.05 -21.63
CA LYS B 87 -8.17 -20.84 -21.94
C LYS B 87 -9.00 -20.21 -23.04
N ILE B 88 -9.13 -18.88 -23.02
CA ILE B 88 -9.96 -18.22 -24.04
C ILE B 88 -9.19 -18.06 -25.34
N ALA B 89 -7.98 -17.50 -25.27
CA ALA B 89 -7.19 -17.31 -26.48
C ALA B 89 -6.91 -18.64 -27.17
N ASP B 90 -6.68 -19.70 -26.40
CA ASP B 90 -6.29 -20.98 -26.98
C ASP B 90 -7.50 -21.78 -27.43
N TYR B 91 -8.58 -21.80 -26.64
CA TYR B 91 -9.66 -22.74 -26.85
C TYR B 91 -11.00 -22.12 -27.26
N ASN B 92 -11.13 -20.79 -27.24
CA ASN B 92 -12.46 -20.21 -27.44
C ASN B 92 -12.49 -19.13 -28.52
N TYR B 93 -11.66 -18.11 -28.39
CA TYR B 93 -11.64 -17.01 -29.37
C TYR B 93 -10.20 -16.52 -29.51
N LYS B 94 -9.68 -16.57 -30.74
CA LYS B 94 -8.27 -16.32 -31.01
C LYS B 94 -8.11 -15.18 -31.99
N LEU B 95 -7.32 -14.15 -31.59
CA LEU B 95 -6.96 -13.07 -32.50
C LEU B 95 -5.61 -13.34 -33.15
N PRO B 96 -5.43 -12.93 -34.40
CA PRO B 96 -4.14 -13.12 -35.07
C PRO B 96 -3.09 -12.15 -34.57
N ASP B 97 -1.82 -12.52 -34.79
CA ASP B 97 -0.71 -11.67 -34.38
C ASP B 97 -0.80 -10.29 -35.03
N ASP B 98 -1.23 -10.24 -36.28
CA ASP B 98 -1.33 -8.99 -37.04
C ASP B 98 -2.75 -8.43 -37.03
N PHE B 99 -3.48 -8.61 -35.93
CA PHE B 99 -4.84 -8.11 -35.85
C PHE B 99 -4.89 -6.61 -36.07
N THR B 100 -5.85 -6.17 -36.88
CA THR B 100 -6.13 -4.76 -37.12
C THR B 100 -7.59 -4.51 -36.72
N GLY B 101 -7.78 -3.93 -35.54
CA GLY B 101 -9.11 -3.67 -35.05
C GLY B 101 -9.06 -3.17 -33.62
N CYS B 102 -10.24 -3.14 -32.99
CA CYS B 102 -10.40 -2.61 -31.65
C CYS B 102 -11.18 -3.62 -30.81
N VAL B 103 -10.74 -3.80 -29.56
CA VAL B 103 -11.41 -4.66 -28.60
C VAL B 103 -12.10 -3.78 -27.56
N ILE B 104 -13.40 -4.00 -27.36
CA ILE B 104 -14.19 -3.20 -26.44
C ILE B 104 -14.89 -4.14 -25.47
N ALA B 105 -14.85 -3.79 -24.18
CA ALA B 105 -15.42 -4.65 -23.15
C ALA B 105 -15.96 -3.79 -22.02
N TRP B 106 -17.01 -4.28 -21.38
CA TRP B 106 -17.61 -3.59 -20.25
C TRP B 106 -18.22 -4.61 -19.30
N ASN B 107 -18.25 -4.26 -18.02
CA ASN B 107 -18.79 -5.16 -17.00
C ASN B 107 -20.29 -5.32 -17.18
N SER B 108 -20.76 -6.57 -17.18
CA SER B 108 -22.18 -6.86 -17.41
C SER B 108 -22.78 -7.66 -16.25
N ASN B 109 -22.22 -7.50 -15.05
CA ASN B 109 -22.71 -8.27 -13.89
C ASN B 109 -24.21 -8.11 -13.71
N ASN B 110 -24.73 -6.89 -13.88
CA ASN B 110 -26.14 -6.64 -13.64
C ASN B 110 -27.05 -7.30 -14.68
N LEU B 111 -26.51 -7.69 -15.83
CA LEU B 111 -27.32 -8.29 -16.89
C LEU B 111 -27.16 -9.80 -16.97
N ASP B 112 -25.95 -10.31 -16.74
CA ASP B 112 -25.61 -11.69 -17.04
C ASP B 112 -25.38 -12.54 -15.81
N SER B 113 -25.47 -11.97 -14.62
CA SER B 113 -25.32 -12.74 -13.38
C SER B 113 -26.70 -13.08 -12.82
N LYS B 114 -26.71 -14.07 -11.93
CA LYS B 114 -27.97 -14.63 -11.48
C LYS B 114 -27.76 -15.34 -10.15
N VAL B 115 -28.72 -15.17 -9.24
CA VAL B 115 -28.65 -15.88 -7.97
C VAL B 115 -28.76 -17.37 -8.25
N GLY B 116 -27.81 -18.14 -7.72
CA GLY B 116 -27.66 -19.53 -8.08
C GLY B 116 -26.71 -19.78 -9.23
N GLY B 117 -26.18 -18.72 -9.84
CA GLY B 117 -25.26 -18.87 -10.95
C GLY B 117 -25.97 -18.96 -12.29
N ASN B 118 -25.53 -18.16 -13.26
CA ASN B 118 -26.06 -18.26 -14.61
C ASN B 118 -25.48 -19.50 -15.28
N TYR B 119 -26.36 -20.37 -15.77
CA TYR B 119 -25.94 -21.58 -16.47
C TYR B 119 -25.89 -21.38 -17.98
N ASN B 120 -26.28 -20.21 -18.48
CA ASN B 120 -26.40 -20.00 -19.92
C ASN B 120 -25.07 -19.69 -20.60
N TYR B 121 -24.13 -19.10 -19.89
CA TYR B 121 -22.85 -18.70 -20.47
C TYR B 121 -21.81 -19.78 -20.22
N LEU B 122 -21.25 -20.32 -21.30
CA LEU B 122 -20.33 -21.44 -21.24
C LEU B 122 -19.02 -21.07 -21.91
N TYR B 123 -18.00 -21.88 -21.65
CA TYR B 123 -16.70 -21.78 -22.29
C TYR B 123 -16.18 -23.18 -22.56
N ARG B 124 -15.27 -23.30 -23.52
CA ARG B 124 -14.60 -24.58 -23.78
C ARG B 124 -13.42 -24.69 -22.82
N LEU B 125 -13.42 -25.74 -22.01
CA LEU B 125 -12.36 -25.95 -21.03
C LEU B 125 -11.25 -26.85 -21.56
N PHE B 126 -11.58 -27.82 -22.41
CA PHE B 126 -10.60 -28.75 -22.97
C PHE B 126 -10.65 -28.72 -24.49
N ARG B 127 -9.47 -28.77 -25.11
CA ARG B 127 -9.37 -28.93 -26.56
C ARG B 127 -8.04 -29.59 -26.88
N LYS B 128 -8.05 -30.41 -27.93
CA LYS B 128 -6.85 -31.16 -28.31
C LYS B 128 -5.81 -30.26 -28.96
N SER B 129 -6.22 -29.16 -29.57
CA SER B 129 -5.31 -28.24 -30.23
C SER B 129 -5.83 -26.82 -30.06
N ASN B 130 -4.93 -25.86 -30.25
CA ASN B 130 -5.30 -24.46 -30.15
C ASN B 130 -6.10 -24.03 -31.37
N LEU B 131 -6.98 -23.05 -31.16
CA LEU B 131 -7.72 -22.47 -32.28
C LEU B 131 -6.78 -21.65 -33.15
N LYS B 132 -7.03 -21.69 -34.46
CA LYS B 132 -6.40 -20.74 -35.35
C LYS B 132 -7.18 -19.43 -35.31
N PRO B 133 -6.54 -18.32 -35.69
CA PRO B 133 -7.20 -17.01 -35.57
C PRO B 133 -8.59 -17.04 -36.20
N PHE B 134 -9.57 -16.58 -35.42
CA PHE B 134 -10.96 -16.49 -35.86
C PHE B 134 -11.58 -17.86 -36.13
N GLU B 135 -10.98 -18.93 -35.62
CA GLU B 135 -11.63 -20.22 -35.69
C GLU B 135 -12.69 -20.34 -34.59
N ARG B 136 -13.66 -21.22 -34.84
CA ARG B 136 -14.81 -21.36 -33.96
C ARG B 136 -15.15 -22.84 -33.85
N ASP B 137 -15.34 -23.32 -32.61
CA ASP B 137 -15.58 -24.73 -32.34
C ASP B 137 -16.76 -24.84 -31.39
N ILE B 138 -17.89 -25.34 -31.90
CA ILE B 138 -19.08 -25.57 -31.08
C ILE B 138 -19.34 -27.05 -30.88
N SER B 139 -18.36 -27.91 -31.20
CA SER B 139 -18.52 -29.34 -31.00
C SER B 139 -18.70 -29.66 -29.51
N THR B 140 -19.36 -30.79 -29.23
CA THR B 140 -19.61 -31.21 -27.87
C THR B 140 -19.18 -32.66 -27.63
N GLU B 141 -18.14 -33.11 -28.35
CA GLU B 141 -17.61 -34.44 -28.10
C GLU B 141 -16.92 -34.49 -26.74
N ILE B 142 -17.15 -35.59 -26.02
CA ILE B 142 -16.45 -35.79 -24.75
C ILE B 142 -14.96 -35.72 -24.99
N TYR B 143 -14.26 -34.95 -24.16
CA TYR B 143 -12.81 -34.85 -24.26
C TYR B 143 -12.16 -36.06 -23.61
N GLN B 144 -11.23 -36.68 -24.32
CA GLN B 144 -10.54 -37.87 -23.83
C GLN B 144 -9.12 -37.49 -23.42
N ALA B 145 -8.80 -37.68 -22.15
CA ALA B 145 -7.44 -37.56 -21.66
C ALA B 145 -6.84 -38.95 -21.47
N GLY B 146 -5.62 -39.13 -21.93
CA GLY B 146 -5.01 -40.45 -21.89
C GLY B 146 -5.54 -41.34 -23.00
N SER B 147 -5.30 -42.64 -22.82
CA SER B 147 -5.53 -43.61 -23.89
C SER B 147 -6.91 -44.25 -23.84
N THR B 148 -7.61 -44.21 -22.72
CA THR B 148 -8.87 -44.92 -22.57
C THR B 148 -9.99 -44.22 -23.34
N PRO B 149 -10.67 -44.90 -24.28
CA PRO B 149 -11.76 -44.25 -24.99
C PRO B 149 -12.97 -44.01 -24.10
N CYS B 150 -13.71 -42.95 -24.42
CA CYS B 150 -14.81 -42.46 -23.60
C CYS B 150 -16.14 -43.08 -23.98
N ASN B 151 -16.39 -43.23 -25.28
CA ASN B 151 -17.64 -43.78 -25.78
C ASN B 151 -18.84 -42.96 -25.29
N GLY B 152 -18.70 -41.65 -25.31
CA GLY B 152 -19.81 -40.75 -25.03
C GLY B 152 -20.22 -40.62 -23.59
N VAL B 153 -19.46 -41.20 -22.65
CA VAL B 153 -19.78 -41.12 -21.23
C VAL B 153 -18.60 -40.50 -20.49
N GLU B 154 -18.91 -39.64 -19.52
CA GLU B 154 -17.89 -39.03 -18.70
C GLU B 154 -17.36 -40.03 -17.68
N GLY B 155 -16.15 -39.78 -17.20
CA GLY B 155 -15.56 -40.67 -16.22
C GLY B 155 -14.19 -40.20 -15.80
N PHE B 156 -13.39 -41.16 -15.32
CA PHE B 156 -12.06 -40.89 -14.82
C PHE B 156 -11.28 -39.95 -15.74
N ASN B 157 -11.22 -40.26 -17.04
CA ASN B 157 -10.42 -39.50 -17.98
C ASN B 157 -11.25 -38.81 -19.06
N CYS B 158 -12.56 -38.69 -18.86
CA CYS B 158 -13.47 -38.22 -19.90
C CYS B 158 -14.35 -37.12 -19.36
N TYR B 159 -14.32 -35.96 -20.01
CA TYR B 159 -15.01 -34.77 -19.51
C TYR B 159 -15.71 -34.05 -20.65
N PHE B 160 -16.98 -33.69 -20.42
CA PHE B 160 -17.68 -32.83 -21.35
C PHE B 160 -16.88 -31.54 -21.53
N PRO B 161 -16.60 -31.11 -22.77
CA PRO B 161 -15.61 -30.05 -22.98
C PRO B 161 -16.09 -28.64 -22.64
N LEU B 162 -17.39 -28.41 -22.49
CA LEU B 162 -17.93 -27.10 -22.22
C LEU B 162 -18.39 -27.02 -20.77
N GLN B 163 -18.05 -25.93 -20.09
CA GLN B 163 -18.46 -25.72 -18.71
C GLN B 163 -18.96 -24.30 -18.52
N SER B 164 -19.71 -24.12 -17.43
CA SER B 164 -20.45 -22.89 -17.15
C SER B 164 -19.63 -21.92 -16.30
N TYR B 165 -19.71 -20.63 -16.64
CA TYR B 165 -19.16 -19.61 -15.75
C TYR B 165 -19.97 -19.53 -14.46
N GLY B 166 -21.25 -19.87 -14.51
CA GLY B 166 -22.07 -19.83 -13.29
C GLY B 166 -22.07 -18.47 -12.62
N PHE B 167 -22.12 -17.40 -13.41
CA PHE B 167 -22.04 -16.05 -12.87
C PHE B 167 -23.07 -15.82 -11.77
N GLN B 168 -22.59 -15.43 -10.59
CA GLN B 168 -23.42 -15.00 -9.47
C GLN B 168 -23.11 -13.55 -9.14
N PRO B 169 -24.11 -12.78 -8.70
CA PRO B 169 -23.88 -11.34 -8.47
C PRO B 169 -22.83 -11.05 -7.41
N THR B 170 -22.60 -11.95 -6.47
CA THR B 170 -21.61 -11.72 -5.41
C THR B 170 -20.20 -12.05 -5.83
N ASN B 171 -19.99 -12.55 -7.04
CA ASN B 171 -18.64 -12.85 -7.51
C ASN B 171 -17.75 -11.62 -7.42
N GLY B 172 -16.47 -11.85 -7.16
CA GLY B 172 -15.48 -10.81 -7.37
C GLY B 172 -15.41 -10.40 -8.83
N VAL B 173 -14.94 -9.17 -9.05
CA VAL B 173 -15.00 -8.61 -10.40
C VAL B 173 -14.22 -9.46 -11.38
N GLY B 174 -13.09 -10.03 -10.94
CA GLY B 174 -12.34 -10.91 -11.82
C GLY B 174 -13.14 -12.09 -12.31
N TYR B 175 -14.17 -12.47 -11.56
CA TYR B 175 -15.05 -13.58 -11.93
C TYR B 175 -16.44 -13.11 -12.36
N GLN B 176 -16.62 -11.81 -12.54
CA GLN B 176 -17.88 -11.28 -13.05
C GLN B 176 -17.89 -11.32 -14.57
N PRO B 177 -19.07 -11.32 -15.17
CA PRO B 177 -19.15 -11.41 -16.64
C PRO B 177 -18.87 -10.06 -17.29
N TYR B 178 -18.19 -10.13 -18.43
CA TYR B 178 -17.88 -8.95 -19.23
C TYR B 178 -18.33 -9.21 -20.66
N ARG B 179 -19.11 -8.29 -21.20
CA ARG B 179 -19.46 -8.36 -22.61
C ARG B 179 -18.34 -7.73 -23.44
N VAL B 180 -18.01 -8.39 -24.55
CA VAL B 180 -16.87 -8.00 -25.37
C VAL B 180 -17.34 -7.84 -26.80
N VAL B 181 -16.83 -6.81 -27.46
CA VAL B 181 -17.09 -6.56 -28.87
C VAL B 181 -15.74 -6.39 -29.56
N VAL B 182 -15.45 -7.24 -30.54
CA VAL B 182 -14.22 -7.18 -31.31
C VAL B 182 -14.57 -6.65 -32.70
N LEU B 183 -13.95 -5.54 -33.08
CA LEU B 183 -14.16 -4.94 -34.39
C LEU B 183 -12.95 -5.27 -35.26
N SER B 184 -13.17 -6.06 -36.31
CA SER B 184 -12.14 -6.42 -37.27
C SER B 184 -12.25 -5.50 -38.48
N PHE B 185 -11.19 -4.75 -38.77
CA PHE B 185 -11.14 -3.85 -39.91
C PHE B 185 -10.45 -4.58 -41.05
N GLU B 186 -11.20 -4.89 -42.10
CA GLU B 186 -10.69 -5.66 -43.23
C GLU B 186 -10.37 -4.71 -44.38
N LEU B 187 -9.11 -4.69 -44.79
CA LEU B 187 -8.66 -3.89 -45.93
C LEU B 187 -8.45 -4.82 -47.12
N LEU B 188 -9.32 -4.70 -48.11
CA LEU B 188 -9.25 -5.48 -49.33
C LEU B 188 -8.82 -4.59 -50.49
N HIS B 189 -8.37 -5.22 -51.56
CA HIS B 189 -8.24 -4.55 -52.86
C HIS B 189 -9.59 -4.54 -53.58
N ALA B 190 -10.54 -3.90 -52.93
CA ALA B 190 -11.92 -3.90 -53.39
C ALA B 190 -12.56 -2.58 -52.98
N PRO B 191 -13.80 -2.34 -53.38
CA PRO B 191 -14.48 -1.09 -52.99
C PRO B 191 -14.59 -0.98 -51.48
N ALA B 192 -14.13 0.15 -50.94
CA ALA B 192 -14.30 0.46 -49.53
C ALA B 192 -15.76 0.76 -49.26
N THR B 193 -16.38 -0.01 -48.36
CA THR B 193 -17.82 0.09 -48.11
C THR B 193 -18.18 0.61 -46.73
N VAL B 194 -17.25 0.57 -45.76
CA VAL B 194 -17.47 1.11 -44.43
C VAL B 194 -16.52 2.28 -44.24
N CYS B 195 -17.10 3.46 -43.94
CA CYS B 195 -16.38 4.72 -43.90
C CYS B 195 -16.77 5.52 -42.66
N GLY B 196 -15.76 6.14 -42.05
CA GLY B 196 -16.00 7.05 -40.95
C GLY B 196 -16.63 8.34 -41.43
N PRO B 197 -17.22 9.11 -40.50
CA PRO B 197 -17.84 10.37 -40.91
C PRO B 197 -16.82 11.46 -41.23
N GLY B 198 -15.72 11.51 -40.51
CA GLY B 198 -14.69 12.52 -40.74
C GLY B 198 -14.47 13.42 -39.54
N GLN C 1 -22.87 11.02 -4.98
CA GLN C 1 -23.15 12.42 -5.31
C GLN C 1 -21.83 13.21 -5.35
N SER C 2 -21.89 14.43 -5.90
CA SER C 2 -20.68 15.15 -6.32
C SER C 2 -20.66 16.56 -5.71
N VAL C 3 -20.47 16.64 -4.40
CA VAL C 3 -20.22 17.92 -3.73
C VAL C 3 -19.38 17.67 -2.49
N LEU C 4 -18.35 18.49 -2.30
CA LEU C 4 -17.46 18.42 -1.15
C LEU C 4 -17.77 19.57 -0.20
N THR C 5 -17.96 19.26 1.07
CA THR C 5 -18.42 20.23 2.06
C THR C 5 -17.36 20.41 3.14
N GLN C 6 -16.92 21.65 3.34
CA GLN C 6 -15.99 22.01 4.39
C GLN C 6 -16.62 23.05 5.31
N PRO C 7 -16.34 23.00 6.60
CA PRO C 7 -16.72 24.11 7.48
C PRO C 7 -16.05 25.39 7.01
N PRO C 8 -16.78 26.51 7.01
CA PRO C 8 -16.19 27.77 6.52
C PRO C 8 -15.09 28.30 7.42
N SER C 9 -14.99 27.86 8.66
CA SER C 9 -14.07 28.46 9.62
C SER C 9 -13.42 27.38 10.49
N ALA C 10 -12.16 27.63 10.84
CA ALA C 10 -11.44 26.82 11.81
C ALA C 10 -10.42 27.73 12.50
N SER C 11 -10.05 27.37 13.73
CA SER C 11 -9.14 28.21 14.47
C SER C 11 -8.48 27.44 15.60
N GLY C 12 -7.37 27.98 16.08
CA GLY C 12 -6.66 27.53 17.26
C GLY C 12 -5.74 28.64 17.70
N THR C 13 -5.28 28.55 18.94
CA THR C 13 -4.34 29.53 19.48
C THR C 13 -2.92 29.14 19.10
N PRO C 14 -1.97 30.07 19.22
CA PRO C 14 -0.60 29.80 18.78
C PRO C 14 -0.04 28.52 19.39
N GLY C 15 0.59 27.71 18.54
CA GLY C 15 1.22 26.48 18.97
C GLY C 15 0.29 25.30 19.15
N GLN C 16 -1.02 25.50 19.07
CA GLN C 16 -1.97 24.42 19.24
C GLN C 16 -2.16 23.66 17.93
N SER C 17 -3.08 22.70 17.94
CA SER C 17 -3.40 21.90 16.78
C SER C 17 -4.80 22.24 16.29
N VAL C 18 -5.08 21.82 15.05
CA VAL C 18 -6.39 22.04 14.43
C VAL C 18 -6.64 20.93 13.43
N SER C 19 -7.91 20.57 13.27
CA SER C 19 -8.34 19.59 12.27
C SER C 19 -9.38 20.24 11.38
N ILE C 20 -9.09 20.31 10.08
CA ILE C 20 -10.01 20.83 9.08
C ILE C 20 -10.62 19.65 8.35
N SER C 21 -11.95 19.61 8.29
CA SER C 21 -12.66 18.47 7.74
C SER C 21 -13.16 18.76 6.33
N CYS C 22 -13.39 17.68 5.59
CA CYS C 22 -13.91 17.74 4.23
C CYS C 22 -14.89 16.59 4.05
N SER C 23 -16.16 16.91 3.84
CA SER C 23 -17.23 15.92 3.80
C SER C 23 -17.65 15.66 2.37
N GLY C 24 -17.68 14.38 1.99
CA GLY C 24 -18.07 14.00 0.64
C GLY C 24 -18.97 12.78 0.61
N THR C 25 -18.89 12.00 -0.48
CA THR C 25 -19.74 10.84 -0.68
C THR C 25 -18.90 9.65 -1.13
N TYR C 26 -19.56 8.50 -1.29
CA TYR C 26 -18.86 7.30 -1.70
C TYR C 26 -18.28 7.42 -3.10
N SER C 27 -18.87 8.27 -3.94
CA SER C 27 -18.42 8.37 -5.32
C SER C 27 -17.21 9.28 -5.48
N ASN C 28 -16.91 10.16 -4.52
CA ASN C 28 -15.71 10.97 -4.59
C ASN C 28 -14.76 10.53 -3.48
N ILE C 29 -14.84 11.11 -2.27
CA ILE C 29 -13.87 10.78 -1.23
C ILE C 29 -13.80 9.28 -1.00
N GLY C 30 -14.93 8.58 -1.14
CA GLY C 30 -14.95 7.16 -0.85
C GLY C 30 -14.15 6.31 -1.83
N SER C 31 -13.95 6.79 -3.05
CA SER C 31 -13.34 5.96 -4.09
C SER C 31 -12.23 6.69 -4.84
N ASN C 32 -11.68 7.77 -4.30
CA ASN C 32 -10.69 8.55 -5.02
C ASN C 32 -9.74 9.18 -4.03
N PRO C 33 -8.52 9.51 -4.46
CA PRO C 33 -7.54 10.09 -3.54
C PRO C 33 -7.80 11.56 -3.28
N VAL C 34 -7.45 11.99 -2.07
CA VAL C 34 -7.77 13.32 -1.58
C VAL C 34 -6.50 14.18 -1.57
N ASN C 35 -6.64 15.42 -2.02
CA ASN C 35 -5.58 16.41 -1.96
C ASN C 35 -6.03 17.60 -1.12
N TRP C 36 -5.07 18.28 -0.50
CA TRP C 36 -5.33 19.48 0.28
C TRP C 36 -4.44 20.60 -0.21
N TYR C 37 -4.99 21.80 -0.31
CA TYR C 37 -4.27 22.97 -0.79
C TYR C 37 -4.34 24.09 0.24
N GLN C 38 -3.27 24.86 0.33
CA GLN C 38 -3.20 26.04 1.17
C GLN C 38 -3.08 27.26 0.27
N GLN C 39 -3.97 28.24 0.47
CA GLN C 39 -3.93 29.50 -0.29
C GLN C 39 -3.87 30.65 0.70
N VAL C 40 -2.67 31.16 0.92
CA VAL C 40 -2.52 32.38 1.73
C VAL C 40 -3.09 33.56 0.95
N PRO C 41 -3.70 34.54 1.61
CA PRO C 41 -4.25 35.69 0.88
C PRO C 41 -3.23 36.29 -0.08
N GLY C 42 -3.65 36.47 -1.33
CA GLY C 42 -2.81 37.09 -2.34
C GLY C 42 -1.82 36.18 -3.02
N THR C 43 -1.95 34.86 -2.89
CA THR C 43 -1.04 33.92 -3.52
C THR C 43 -1.84 32.84 -4.24
N ALA C 44 -1.12 32.08 -5.06
CA ALA C 44 -1.71 30.93 -5.72
C ALA C 44 -1.83 29.77 -4.73
N PRO C 45 -2.74 28.83 -4.99
CA PRO C 45 -2.80 27.64 -4.14
C PRO C 45 -1.49 26.88 -4.15
N LYS C 46 -1.20 26.24 -3.02
CA LYS C 46 0.00 25.41 -2.87
C LYS C 46 -0.41 24.05 -2.35
N LEU C 47 0.18 23.01 -2.93
CA LEU C 47 -0.18 21.63 -2.59
C LEU C 47 0.43 21.26 -1.24
N LEU C 48 -0.43 20.85 -0.30
CA LEU C 48 0.00 20.36 1.01
C LEU C 48 0.02 18.85 1.07
N ILE C 49 -1.06 18.21 0.62
CA ILE C 49 -1.26 16.78 0.76
C ILE C 49 -1.78 16.22 -0.56
N TYR C 50 -1.26 15.06 -0.94
CA TYR C 50 -1.77 14.31 -2.08
C TYR C 50 -1.92 12.85 -1.66
N ALA C 51 -2.77 12.13 -2.39
CA ALA C 51 -3.01 10.71 -2.11
C ALA C 51 -3.40 10.51 -0.65
N ASN C 52 -4.25 11.39 -0.14
CA ASN C 52 -4.83 11.26 1.20
C ASN C 52 -3.90 11.72 2.31
N ASP C 53 -2.64 11.25 2.29
CA ASP C 53 -1.77 11.50 3.44
C ASP C 53 -0.31 11.69 3.05
N GLN C 54 0.00 11.95 1.78
CA GLN C 54 1.37 12.11 1.32
C GLN C 54 1.72 13.59 1.21
N ARG C 55 2.97 13.91 1.54
CA ARG C 55 3.44 15.29 1.58
C ARG C 55 4.43 15.53 0.46
N PRO C 56 4.25 16.56 -0.36
CA PRO C 56 5.31 16.95 -1.28
C PRO C 56 6.57 17.30 -0.52
N SER C 57 7.71 17.19 -1.19
CA SER C 57 8.96 17.60 -0.57
C SER C 57 8.90 19.10 -0.26
N GLY C 58 9.23 19.44 0.98
CA GLY C 58 9.21 20.82 1.43
C GLY C 58 8.08 21.15 2.38
N VAL C 59 7.03 20.33 2.42
CA VAL C 59 5.91 20.53 3.33
C VAL C 59 6.27 19.89 4.67
N PRO C 60 6.27 20.65 5.76
CA PRO C 60 6.66 20.05 7.05
C PRO C 60 5.63 19.05 7.54
N ASP C 61 6.12 18.09 8.34
CA ASP C 61 5.29 16.98 8.78
C ASP C 61 4.23 17.39 9.80
N ARG C 62 4.16 18.66 10.21
CA ARG C 62 3.06 19.08 11.07
C ARG C 62 1.76 19.23 10.29
N PHE C 63 1.81 19.21 8.96
CA PHE C 63 0.62 19.03 8.13
C PHE C 63 0.47 17.55 7.84
N SER C 64 -0.66 16.96 8.23
CA SER C 64 -0.93 15.56 7.96
C SER C 64 -2.35 15.40 7.47
N GLY C 65 -2.54 14.40 6.61
CA GLY C 65 -3.84 14.10 6.05
C GLY C 65 -4.33 12.73 6.50
N SER C 66 -5.64 12.61 6.64
CA SER C 66 -6.26 11.33 6.97
C SER C 66 -7.58 11.23 6.23
N LYS C 67 -8.14 10.02 6.22
CA LYS C 67 -9.35 9.76 5.46
C LYS C 67 -10.19 8.71 6.17
N SER C 68 -11.50 8.93 6.17
CA SER C 68 -12.47 7.95 6.64
C SER C 68 -13.27 7.45 5.44
N ALA C 69 -14.44 6.87 5.69
CA ALA C 69 -15.28 6.36 4.61
C ALA C 69 -15.57 7.44 3.58
N THR C 70 -16.26 8.51 4.00
CA THR C 70 -16.66 9.57 3.09
C THR C 70 -16.15 10.95 3.52
N SER C 71 -15.22 11.01 4.47
CA SER C 71 -14.69 12.27 4.96
C SER C 71 -13.17 12.25 4.93
N ALA C 72 -12.59 13.44 4.78
CA ALA C 72 -11.15 13.63 4.82
C ALA C 72 -10.84 14.76 5.79
N PHE C 73 -9.62 14.76 6.32
CA PHE C 73 -9.23 15.71 7.34
C PHE C 73 -7.78 16.14 7.16
N LEU C 74 -7.56 17.44 7.29
CA LEU C 74 -6.21 18.01 7.30
C LEU C 74 -5.90 18.44 8.73
N ALA C 75 -4.87 17.82 9.31
CA ALA C 75 -4.42 18.16 10.65
C ALA C 75 -3.21 19.08 10.55
N ILE C 76 -3.21 20.14 11.35
CA ILE C 76 -2.10 21.10 11.39
C ILE C 76 -1.65 21.23 12.84
N GLY C 77 -0.40 20.89 13.11
CA GLY C 77 0.18 21.05 14.43
C GLY C 77 1.08 22.27 14.51
N GLY C 78 1.29 22.74 15.74
CA GLY C 78 2.14 23.89 15.98
C GLY C 78 1.70 25.12 15.21
N LEU C 79 0.42 25.46 15.32
CA LEU C 79 -0.16 26.56 14.55
C LEU C 79 0.67 27.83 14.69
N GLN C 80 0.96 28.47 13.56
CA GLN C 80 1.62 29.76 13.51
C GLN C 80 0.72 30.77 12.81
N SER C 81 0.87 32.04 13.20
CA SER C 81 0.11 33.10 12.53
C SER C 81 0.28 33.03 11.02
N GLU C 82 1.47 32.63 10.56
CA GLU C 82 1.70 32.49 9.12
C GLU C 82 0.90 31.36 8.50
N ASP C 83 0.23 30.54 9.30
CA ASP C 83 -0.67 29.52 8.76
C ASP C 83 -2.02 30.08 8.37
N ASP C 84 -2.33 31.32 8.74
CA ASP C 84 -3.57 31.96 8.33
C ASP C 84 -3.72 31.87 6.81
N ALA C 85 -4.77 31.19 6.37
CA ALA C 85 -5.00 31.02 4.94
C ALA C 85 -6.35 30.33 4.76
N ASP C 86 -6.75 30.20 3.49
CA ASP C 86 -7.86 29.35 3.11
C ASP C 86 -7.31 27.99 2.70
N TYR C 87 -7.87 26.92 3.28
CA TYR C 87 -7.44 25.56 2.98
C TYR C 87 -8.53 24.86 2.20
N TYR C 88 -8.16 24.22 1.10
CA TYR C 88 -9.11 23.60 0.18
C TYR C 88 -8.86 22.11 0.10
N CYS C 89 -9.91 21.31 0.30
CA CYS C 89 -9.80 19.90 -0.03
C CYS C 89 -10.21 19.70 -1.49
N SER C 90 -9.79 18.58 -2.06
CA SER C 90 -10.01 18.31 -3.46
C SER C 90 -9.89 16.82 -3.70
N THR C 91 -10.72 16.30 -4.60
CA THR C 91 -10.68 14.90 -4.99
C THR C 91 -11.43 14.74 -6.30
N TRP C 92 -11.51 13.51 -6.79
CA TRP C 92 -12.20 13.18 -8.02
C TRP C 92 -13.52 12.49 -7.71
N ASP C 93 -14.41 12.47 -8.70
CA ASP C 93 -15.67 11.77 -8.61
C ASP C 93 -15.76 10.76 -9.75
N ASP C 94 -16.27 9.57 -9.44
CA ASP C 94 -16.38 8.52 -10.44
C ASP C 94 -17.20 8.98 -11.65
N SER C 95 -18.08 9.95 -11.47
CA SER C 95 -18.96 10.43 -12.53
C SER C 95 -18.38 11.63 -13.29
N LEU C 96 -17.21 12.12 -12.91
CA LEU C 96 -16.71 13.36 -13.47
C LEU C 96 -15.33 13.17 -14.08
N PRO C 97 -15.01 13.90 -15.14
CA PRO C 97 -13.69 13.79 -15.77
C PRO C 97 -12.60 14.52 -15.01
N GLY C 98 -12.97 15.56 -14.25
CA GLY C 98 -12.02 16.36 -13.53
C GLY C 98 -12.31 16.47 -12.04
N PRO C 99 -11.35 16.95 -11.27
CA PRO C 99 -11.48 16.94 -9.81
C PRO C 99 -12.47 17.98 -9.31
N LEU C 100 -12.93 17.74 -8.08
CA LEU C 100 -13.74 18.67 -7.32
C LEU C 100 -12.89 19.38 -6.27
N PHE C 101 -13.35 20.55 -5.85
CA PHE C 101 -12.77 21.28 -4.74
C PHE C 101 -13.86 21.55 -3.71
N GLY C 102 -13.50 21.40 -2.44
CA GLY C 102 -14.37 21.87 -1.38
C GLY C 102 -14.54 23.38 -1.42
N GLY C 103 -15.44 23.87 -0.57
CA GLY C 103 -15.69 25.30 -0.51
C GLY C 103 -14.60 26.11 0.17
N GLY C 104 -13.62 25.45 0.77
CA GLY C 104 -12.56 26.15 1.45
C GLY C 104 -12.86 26.38 2.92
N THR C 105 -11.80 26.37 3.72
CA THR C 105 -11.89 26.64 5.15
C THR C 105 -10.91 27.75 5.49
N LYS C 106 -11.40 28.82 6.11
CA LYS C 106 -10.56 29.91 6.56
C LYS C 106 -10.02 29.56 7.93
N LEU C 107 -8.69 29.37 8.02
CA LEU C 107 -8.03 29.11 9.29
C LEU C 107 -7.58 30.43 9.90
N THR C 108 -7.93 30.64 11.17
CA THR C 108 -7.48 31.79 11.93
C THR C 108 -6.71 31.29 13.14
N VAL C 109 -5.45 31.70 13.26
CA VAL C 109 -4.67 31.45 14.46
C VAL C 109 -4.99 32.59 15.43
N LEU C 110 -5.69 32.27 16.50
CA LEU C 110 -6.35 33.29 17.32
C LEU C 110 -5.33 34.19 18.00
N GLY C 111 -5.52 35.50 17.85
CA GLY C 111 -4.67 36.49 18.48
C GLY C 111 -5.41 37.32 19.52
N GLN C 112 -6.71 37.05 19.67
CA GLN C 112 -7.51 37.69 20.70
C GLN C 112 -8.68 36.79 21.01
N PRO C 113 -9.46 37.10 22.05
CA PRO C 113 -10.60 36.24 22.39
C PRO C 113 -11.66 36.27 21.30
N LYS C 114 -12.38 35.15 21.20
CA LYS C 114 -13.50 35.10 20.26
C LYS C 114 -14.57 36.10 20.66
N ALA C 115 -15.17 36.74 19.66
CA ALA C 115 -16.18 37.77 19.90
C ALA C 115 -17.35 37.55 18.96
N ASN C 116 -18.56 37.49 19.52
CA ASN C 116 -19.75 37.34 18.71
C ASN C 116 -20.10 38.66 18.04
N PRO C 117 -20.73 38.60 16.87
CA PRO C 117 -21.02 39.83 16.12
C PRO C 117 -22.24 40.58 16.67
N THR C 118 -22.18 41.89 16.54
CA THR C 118 -23.36 42.73 16.73
C THR C 118 -24.05 42.92 15.39
N VAL C 119 -25.37 42.82 15.38
CA VAL C 119 -26.15 42.80 14.16
C VAL C 119 -27.18 43.93 14.20
N THR C 120 -27.21 44.74 13.14
CA THR C 120 -28.18 45.81 12.99
C THR C 120 -28.88 45.64 11.64
N LEU C 121 -30.20 45.54 11.67
CA LEU C 121 -31.01 45.31 10.48
C LEU C 121 -31.85 46.55 10.20
N PHE C 122 -31.65 47.14 9.02
CA PHE C 122 -32.44 48.28 8.56
C PHE C 122 -33.45 47.83 7.51
N PRO C 123 -34.68 48.35 7.56
CA PRO C 123 -35.65 48.06 6.50
C PRO C 123 -35.49 49.05 5.35
N PRO C 124 -36.21 48.84 4.25
CA PRO C 124 -36.11 49.79 3.14
C PRO C 124 -36.58 51.18 3.58
N SER C 125 -35.85 52.19 3.13
CA SER C 125 -36.26 53.56 3.40
C SER C 125 -37.42 53.93 2.48
N SER C 126 -38.17 54.96 2.90
CA SER C 126 -39.28 55.44 2.07
C SER C 126 -38.76 56.05 0.77
N GLU C 127 -37.62 56.74 0.83
CA GLU C 127 -37.00 57.25 -0.40
C GLU C 127 -36.79 56.14 -1.40
N GLU C 128 -36.34 54.97 -0.93
CA GLU C 128 -36.10 53.85 -1.84
C GLU C 128 -37.41 53.24 -2.31
N LEU C 129 -38.38 53.10 -1.42
CA LEU C 129 -39.70 52.64 -1.85
C LEU C 129 -40.33 53.60 -2.84
N GLN C 130 -40.15 54.91 -2.61
CA GLN C 130 -40.63 55.90 -3.57
C GLN C 130 -39.98 55.75 -4.94
N ALA C 131 -38.87 55.01 -5.02
CA ALA C 131 -38.18 54.78 -6.28
C ALA C 131 -38.42 53.37 -6.82
N ASN C 132 -39.31 52.60 -6.22
CA ASN C 132 -39.69 51.28 -6.71
C ASN C 132 -38.62 50.23 -6.40
N LYS C 133 -37.94 50.36 -5.28
CA LYS C 133 -36.97 49.37 -4.86
C LYS C 133 -37.09 49.16 -3.35
N ALA C 134 -36.55 48.02 -2.89
CA ALA C 134 -36.60 47.68 -1.48
C ALA C 134 -35.35 46.87 -1.14
N THR C 135 -34.55 47.38 -0.20
CA THR C 135 -33.32 46.71 0.21
C THR C 135 -33.27 46.62 1.72
N LEU C 136 -33.21 45.40 2.25
CA LEU C 136 -32.89 45.18 3.64
C LEU C 136 -31.37 45.16 3.80
N VAL C 137 -30.88 45.84 4.82
CA VAL C 137 -29.44 45.99 5.05
C VAL C 137 -29.10 45.35 6.38
N CYS C 138 -28.27 44.31 6.34
CA CYS C 138 -27.79 43.63 7.55
C CYS C 138 -26.32 43.98 7.75
N LEU C 139 -26.04 44.71 8.83
CA LEU C 139 -24.69 45.15 9.15
C LEU C 139 -24.16 44.32 10.30
N ILE C 140 -23.01 43.67 10.08
CA ILE C 140 -22.40 42.74 11.02
C ILE C 140 -21.01 43.27 11.37
N SER C 141 -20.74 43.40 12.67
CA SER C 141 -19.52 44.08 13.10
C SER C 141 -19.00 43.47 14.39
N ASP C 142 -17.69 43.65 14.61
CA ASP C 142 -17.03 43.33 15.88
C ASP C 142 -17.03 41.84 16.19
N PHE C 143 -16.88 41.00 15.17
CA PHE C 143 -16.75 39.56 15.39
C PHE C 143 -15.33 39.10 15.09
N TYR C 144 -14.93 38.01 15.74
CA TYR C 144 -13.61 37.42 15.60
C TYR C 144 -13.76 35.96 16.01
N PRO C 145 -13.23 35.01 15.22
CA PRO C 145 -12.51 35.20 13.95
C PRO C 145 -13.41 35.75 12.84
N GLY C 146 -12.81 36.14 11.72
CA GLY C 146 -13.55 36.75 10.63
C GLY C 146 -14.21 35.77 9.69
N ALA C 147 -15.25 35.08 10.17
CA ALA C 147 -16.02 34.17 9.33
C ALA C 147 -17.44 34.08 9.87
N VAL C 148 -18.41 34.35 9.01
CA VAL C 148 -19.82 34.28 9.37
C VAL C 148 -20.61 33.71 8.19
N THR C 149 -21.75 33.12 8.50
CA THR C 149 -22.72 32.69 7.50
C THR C 149 -24.04 33.40 7.77
N VAL C 150 -24.64 33.95 6.71
CA VAL C 150 -25.88 34.71 6.81
C VAL C 150 -27.00 33.94 6.14
N ALA C 151 -28.16 33.93 6.79
CA ALA C 151 -29.37 33.30 6.25
C ALA C 151 -30.54 34.24 6.44
N TRP C 152 -31.25 34.52 5.35
CA TRP C 152 -32.43 35.37 5.37
C TRP C 152 -33.69 34.52 5.41
N LYS C 153 -34.76 35.08 5.97
CA LYS C 153 -36.01 34.35 6.11
C LYS C 153 -37.18 35.31 5.99
N ALA C 154 -38.19 34.91 5.22
CA ALA C 154 -39.42 35.68 5.04
C ALA C 154 -40.55 34.90 5.71
N ASP C 155 -41.07 35.43 6.82
CA ASP C 155 -42.12 34.76 7.58
C ASP C 155 -41.72 33.32 7.91
N GLY C 156 -40.47 33.15 8.34
CA GLY C 156 -39.95 31.85 8.70
C GLY C 156 -39.48 31.00 7.55
N SER C 157 -39.69 31.42 6.30
CA SER C 157 -39.19 30.60 5.20
C SER C 157 -37.92 31.19 4.63
N PRO C 158 -36.97 30.35 4.21
CA PRO C 158 -35.72 30.86 3.66
C PRO C 158 -35.95 31.76 2.47
N VAL C 159 -34.98 32.65 2.24
CA VAL C 159 -35.01 33.59 1.12
C VAL C 159 -33.62 33.52 0.48
N LYS C 160 -33.47 32.66 -0.54
CA LYS C 160 -32.19 32.46 -1.19
C LYS C 160 -31.91 33.48 -2.28
N ALA C 161 -32.93 33.99 -2.96
CA ALA C 161 -32.74 34.91 -4.07
C ALA C 161 -32.69 36.35 -3.59
N GLY C 162 -31.88 37.16 -4.27
CA GLY C 162 -31.73 38.56 -3.92
C GLY C 162 -30.79 38.84 -2.78
N VAL C 163 -29.92 37.88 -2.44
CA VAL C 163 -29.01 38.00 -1.30
C VAL C 163 -27.61 38.27 -1.81
N GLU C 164 -26.97 39.31 -1.28
CA GLU C 164 -25.58 39.65 -1.59
C GLU C 164 -24.85 39.91 -0.29
N THR C 165 -23.84 39.09 0.00
CA THR C 165 -23.09 39.18 1.25
C THR C 165 -21.62 39.41 0.96
N THR C 166 -21.00 40.26 1.78
CA THR C 166 -19.59 40.57 1.61
C THR C 166 -18.71 39.54 2.32
N LYS C 167 -17.46 39.47 1.89
CA LYS C 167 -16.44 38.79 2.66
C LYS C 167 -16.08 39.63 3.88
N PRO C 168 -15.81 39.00 5.03
CA PRO C 168 -15.41 39.79 6.21
C PRO C 168 -14.10 40.52 5.97
N SER C 169 -14.02 41.74 6.49
CA SER C 169 -12.83 42.57 6.37
C SER C 169 -12.42 43.08 7.75
N LYS C 170 -11.11 43.13 7.98
CA LYS C 170 -10.60 43.49 9.30
C LYS C 170 -10.90 44.95 9.62
N GLN C 171 -11.38 45.21 10.83
CA GLN C 171 -11.57 46.56 11.32
C GLN C 171 -10.27 47.09 11.91
N SER C 172 -10.30 48.35 12.37
CA SER C 172 -9.11 48.94 12.99
C SER C 172 -8.73 48.21 14.27
N ASN C 173 -9.71 47.69 15.01
CA ASN C 173 -9.46 46.95 16.24
C ASN C 173 -9.17 45.48 16.00
N ASN C 174 -8.95 45.09 14.75
CA ASN C 174 -8.60 43.73 14.33
C ASN C 174 -9.75 42.74 14.47
N LYS C 175 -10.93 43.19 14.92
CA LYS C 175 -12.14 42.42 14.72
C LYS C 175 -12.63 42.64 13.29
N TYR C 176 -13.70 41.94 12.90
CA TYR C 176 -14.14 41.94 11.52
C TYR C 176 -15.54 42.52 11.38
N ALA C 177 -15.81 43.03 10.19
CA ALA C 177 -17.12 43.57 9.83
C ALA C 177 -17.54 42.98 8.49
N ALA C 178 -18.86 42.80 8.34
CA ALA C 178 -19.43 42.32 7.09
C ALA C 178 -20.87 42.82 7.01
N SER C 179 -21.41 42.79 5.79
CA SER C 179 -22.78 43.23 5.54
C SER C 179 -23.41 42.32 4.50
N SER C 180 -24.73 42.15 4.60
CA SER C 180 -25.49 41.36 3.65
C SER C 180 -26.74 42.14 3.25
N TYR C 181 -27.02 42.16 1.95
CA TYR C 181 -28.12 42.93 1.40
C TYR C 181 -29.19 42.00 0.83
N LEU C 182 -30.44 42.24 1.21
CA LEU C 182 -31.59 41.50 0.68
C LEU C 182 -32.39 42.46 -0.20
N SER C 183 -32.39 42.21 -1.51
CA SER C 183 -33.10 43.06 -2.45
C SER C 183 -34.48 42.47 -2.73
N LEU C 184 -35.51 43.27 -2.53
CA LEU C 184 -36.89 42.86 -2.73
C LEU C 184 -37.62 43.87 -3.60
N THR C 185 -38.76 43.45 -4.14
CA THR C 185 -39.70 44.42 -4.67
C THR C 185 -40.54 44.98 -3.52
N PRO C 186 -40.94 46.25 -3.62
CA PRO C 186 -41.84 46.79 -2.58
C PRO C 186 -43.08 45.95 -2.36
N GLU C 187 -43.53 45.22 -3.40
CA GLU C 187 -44.70 44.37 -3.26
C GLU C 187 -44.45 43.25 -2.26
N GLN C 188 -43.33 42.53 -2.41
CA GLN C 188 -43.03 41.45 -1.49
C GLN C 188 -42.56 41.96 -0.13
N TRP C 189 -41.95 43.16 -0.09
CA TRP C 189 -41.59 43.76 1.19
C TRP C 189 -42.83 43.96 2.06
N LYS C 190 -43.91 44.47 1.47
CA LYS C 190 -45.17 44.63 2.19
C LYS C 190 -46.05 43.40 2.13
N SER C 191 -45.68 42.40 1.34
CA SER C 191 -46.46 41.17 1.21
C SER C 191 -46.18 40.17 2.32
N HIS C 192 -45.28 40.48 3.26
CA HIS C 192 -44.91 39.57 4.32
C HIS C 192 -45.04 40.27 5.67
N ARG C 193 -45.05 39.45 6.73
CA ARG C 193 -45.20 39.97 8.08
C ARG C 193 -43.88 40.41 8.70
N SER C 194 -42.81 39.64 8.48
CA SER C 194 -41.52 40.00 9.05
C SER C 194 -40.41 39.37 8.22
N TYR C 195 -39.27 40.05 8.20
CA TYR C 195 -38.04 39.54 7.62
C TYR C 195 -36.98 39.47 8.70
N SER C 196 -36.06 38.51 8.56
CA SER C 196 -35.06 38.26 9.60
C SER C 196 -33.69 38.05 8.99
N CYS C 197 -32.68 38.67 9.58
CA CYS C 197 -31.29 38.42 9.22
C CYS C 197 -30.66 37.54 10.31
N GLN C 198 -30.28 36.34 9.93
CA GLN C 198 -29.67 35.39 10.86
C GLN C 198 -28.17 35.31 10.57
N VAL C 199 -27.36 35.71 11.53
CA VAL C 199 -25.91 35.70 11.42
C VAL C 199 -25.40 34.65 12.39
N THR C 200 -24.81 33.58 11.84
CA THR C 200 -24.24 32.52 12.65
C THR C 200 -22.73 32.69 12.70
N HIS C 201 -22.19 32.66 13.92
CA HIS C 201 -20.76 32.84 14.15
C HIS C 201 -20.32 31.86 15.22
N GLU C 202 -19.25 31.11 14.92
CA GLU C 202 -18.71 30.14 15.87
C GLU C 202 -19.80 29.22 16.41
N GLY C 203 -20.72 28.83 15.53
CA GLY C 203 -21.79 27.93 15.89
C GLY C 203 -22.94 28.54 16.66
N SER C 204 -22.94 29.85 16.89
CA SER C 204 -24.02 30.54 17.58
C SER C 204 -24.61 31.61 16.68
N THR C 205 -25.93 31.75 16.71
CA THR C 205 -26.66 32.57 15.77
C THR C 205 -27.19 33.83 16.44
N VAL C 206 -27.02 34.97 15.77
CA VAL C 206 -27.57 36.25 16.20
C VAL C 206 -28.60 36.68 15.16
N GLU C 207 -29.81 37.00 15.63
CA GLU C 207 -30.95 37.23 14.76
C GLU C 207 -31.48 38.65 14.94
N LYS C 208 -31.84 39.29 13.83
CA LYS C 208 -32.55 40.55 13.84
C LYS C 208 -33.74 40.45 12.89
N THR C 209 -34.79 41.21 13.19
CA THR C 209 -36.04 41.13 12.44
C THR C 209 -36.57 42.53 12.17
N VAL C 210 -37.17 42.70 10.99
CA VAL C 210 -37.85 43.93 10.62
C VAL C 210 -39.21 43.56 10.04
N ALA C 211 -40.16 44.48 10.16
CA ALA C 211 -41.51 44.28 9.67
C ALA C 211 -41.96 45.52 8.90
N PRO C 212 -42.77 45.33 7.85
CA PRO C 212 -43.20 46.49 7.05
C PRO C 212 -43.89 47.56 7.88
N THR C 213 -44.65 47.16 8.89
CA THR C 213 -45.38 48.09 9.75
C THR C 213 -44.52 49.27 10.18
N GLU D 1 13.43 27.21 -9.48
CA GLU D 1 13.57 26.11 -10.42
C GLU D 1 12.34 26.00 -11.32
N VAL D 2 11.33 25.28 -10.84
CA VAL D 2 10.08 25.19 -11.58
C VAL D 2 9.45 26.58 -11.67
N GLN D 3 8.64 26.79 -12.71
CA GLN D 3 7.99 28.07 -12.88
C GLN D 3 6.89 27.96 -13.92
N LEU D 4 5.74 28.57 -13.62
CA LEU D 4 4.63 28.69 -14.55
C LEU D 4 4.18 30.14 -14.54
N LEU D 5 4.24 30.79 -15.71
N LEU D 5 4.23 30.79 -15.71
CA LEU D 5 3.91 32.20 -15.85
CA LEU D 5 3.91 32.21 -15.83
C LEU D 5 2.73 32.33 -16.81
C LEU D 5 2.75 32.37 -16.81
N GLU D 6 1.60 32.80 -16.30
CA GLU D 6 0.41 33.01 -17.13
C GLU D 6 0.42 34.42 -17.72
N SER D 7 -0.24 34.57 -18.87
CA SER D 7 -0.38 35.87 -19.50
C SER D 7 -1.60 35.82 -20.41
N GLY D 8 -2.10 37.00 -20.75
CA GLY D 8 -3.23 37.13 -21.66
C GLY D 8 -4.55 37.51 -21.02
N GLY D 9 -4.60 37.62 -19.70
CA GLY D 9 -5.84 38.01 -19.04
C GLY D 9 -6.13 39.48 -19.20
N GLY D 10 -7.42 39.82 -19.16
CA GLY D 10 -7.82 41.21 -19.30
C GLY D 10 -9.32 41.35 -19.17
N LEU D 11 -9.80 42.55 -19.48
CA LEU D 11 -11.22 42.86 -19.44
C LEU D 11 -11.85 42.61 -20.81
N VAL D 12 -13.00 41.94 -20.81
CA VAL D 12 -13.70 41.60 -22.04
C VAL D 12 -15.19 41.81 -21.82
N GLN D 13 -15.89 42.13 -22.88
CA GLN D 13 -17.33 42.26 -22.73
C GLN D 13 -18.01 40.91 -22.88
N PRO D 14 -19.19 40.73 -22.28
CA PRO D 14 -19.92 39.47 -22.45
C PRO D 14 -20.02 39.09 -23.92
N GLY D 15 -19.78 37.82 -24.20
CA GLY D 15 -19.77 37.31 -25.56
C GLY D 15 -18.42 37.39 -26.27
N GLY D 16 -17.47 38.11 -25.71
CA GLY D 16 -16.16 38.24 -26.33
C GLY D 16 -15.34 36.98 -26.20
N SER D 17 -14.07 37.10 -26.58
CA SER D 17 -13.14 35.97 -26.56
C SER D 17 -11.82 36.42 -25.97
N LEU D 18 -11.01 35.46 -25.56
CA LEU D 18 -9.72 35.73 -24.94
C LEU D 18 -8.90 34.46 -24.93
N ARG D 19 -7.60 34.59 -25.19
CA ARG D 19 -6.69 33.46 -25.22
C ARG D 19 -5.63 33.65 -24.13
N LEU D 20 -5.51 32.67 -23.25
CA LEU D 20 -4.54 32.68 -22.17
C LEU D 20 -3.35 31.81 -22.53
N SER D 21 -2.19 32.18 -22.00
CA SER D 21 -0.96 31.44 -22.24
C SER D 21 -0.26 31.17 -20.91
N CYS D 22 0.32 29.98 -20.79
CA CYS D 22 1.10 29.59 -19.62
C CYS D 22 2.45 29.10 -20.10
N ALA D 23 3.51 29.80 -19.73
CA ALA D 23 4.86 29.47 -20.14
C ALA D 23 5.54 28.65 -19.05
N ALA D 24 5.93 27.42 -19.38
CA ALA D 24 6.52 26.50 -18.43
C ALA D 24 8.03 26.48 -18.55
N SER D 25 8.69 26.21 -17.43
CA SER D 25 10.15 26.10 -17.39
C SER D 25 10.54 25.31 -16.14
N GLY D 26 11.72 24.71 -16.19
CA GLY D 26 12.25 23.98 -15.06
C GLY D 26 11.87 22.51 -14.99
N PHE D 27 11.16 21.99 -16.00
CA PHE D 27 10.82 20.57 -16.02
C PHE D 27 10.51 20.16 -17.45
N THR D 28 10.51 18.85 -17.69
CA THR D 28 10.20 18.33 -19.01
C THR D 28 8.71 18.45 -19.30
N PHE D 29 8.32 19.59 -19.89
CA PHE D 29 6.92 19.90 -20.13
C PHE D 29 6.16 18.73 -20.74
N SER D 30 6.71 18.15 -21.82
CA SER D 30 5.99 17.12 -22.58
C SER D 30 5.65 15.89 -21.75
N ARG D 31 6.37 15.66 -20.66
CA ARG D 31 6.17 14.45 -19.86
C ARG D 31 4.97 14.53 -18.92
N PHE D 32 4.29 15.68 -18.85
CA PHE D 32 3.29 15.89 -17.80
C PHE D 32 2.01 16.47 -18.37
N ALA D 33 0.89 16.01 -17.82
CA ALA D 33 -0.40 16.64 -18.10
C ALA D 33 -0.48 18.00 -17.42
N MET D 34 -1.25 18.90 -18.02
CA MET D 34 -1.40 20.26 -17.52
C MET D 34 -2.88 20.59 -17.39
N THR D 35 -3.19 21.52 -16.49
CA THR D 35 -4.57 21.87 -16.18
C THR D 35 -4.71 23.37 -16.03
N TRP D 36 -5.94 23.85 -16.24
CA TRP D 36 -6.35 25.20 -15.90
C TRP D 36 -7.34 25.14 -14.76
N VAL D 37 -7.13 25.98 -13.74
CA VAL D 37 -8.05 26.12 -12.63
C VAL D 37 -8.33 27.60 -12.44
N ARG D 38 -9.57 27.95 -12.14
CA ARG D 38 -9.97 29.34 -12.00
C ARG D 38 -10.61 29.57 -10.64
N GLN D 39 -10.69 30.85 -10.27
CA GLN D 39 -11.22 31.24 -8.97
C GLN D 39 -11.92 32.59 -9.14
N ALA D 40 -13.23 32.61 -8.94
CA ALA D 40 -13.97 33.86 -9.03
C ALA D 40 -13.60 34.76 -7.84
N PRO D 41 -13.73 36.08 -8.00
CA PRO D 41 -13.34 36.99 -6.91
C PRO D 41 -14.05 36.65 -5.61
N GLY D 42 -13.28 36.29 -4.59
CA GLY D 42 -13.86 35.96 -3.30
C GLY D 42 -14.60 34.65 -3.25
N LYS D 43 -14.37 33.76 -4.21
CA LYS D 43 -15.01 32.44 -4.23
C LYS D 43 -13.94 31.35 -4.28
N GLY D 44 -14.39 30.10 -4.29
CA GLY D 44 -13.51 28.96 -4.22
C GLY D 44 -12.88 28.63 -5.56
N LEU D 45 -12.18 27.50 -5.57
CA LEU D 45 -11.48 27.02 -6.75
C LEU D 45 -12.41 26.16 -7.61
N GLU D 46 -12.23 26.24 -8.92
CA GLU D 46 -13.02 25.45 -9.86
C GLU D 46 -12.11 24.94 -10.96
N TRP D 47 -12.00 23.62 -11.08
CA TRP D 47 -11.25 23.02 -12.17
C TRP D 47 -11.91 23.33 -13.50
N VAL D 48 -11.11 23.73 -14.49
CA VAL D 48 -11.60 24.21 -15.77
C VAL D 48 -11.33 23.20 -16.89
N SER D 49 -10.08 22.83 -17.08
CA SER D 49 -9.70 22.01 -18.23
C SER D 49 -8.34 21.39 -17.96
N ALA D 50 -8.02 20.36 -18.72
CA ALA D 50 -6.73 19.68 -18.60
C ALA D 50 -6.42 18.98 -19.90
N ILE D 51 -5.13 18.70 -20.12
CA ILE D 51 -4.64 18.19 -21.39
C ILE D 51 -3.51 17.21 -21.13
N SER D 52 -3.49 16.13 -21.91
CA SER D 52 -2.42 15.14 -21.81
C SER D 52 -1.07 15.77 -22.14
N GLY D 53 0.00 15.13 -21.67
CA GLY D 53 1.34 15.64 -21.95
C GLY D 53 1.59 15.83 -23.42
N SER D 54 1.12 14.90 -24.26
CA SER D 54 1.27 15.03 -25.69
C SER D 54 0.26 15.98 -26.32
N GLY D 55 -0.87 16.19 -25.67
CA GLY D 55 -1.94 16.98 -26.24
C GLY D 55 -3.01 16.17 -26.96
N GLY D 56 -2.89 14.84 -26.98
CA GLY D 56 -3.85 13.99 -27.66
C GLY D 56 -5.13 13.73 -26.92
N SER D 57 -5.20 14.08 -25.63
CA SER D 57 -6.40 13.91 -24.83
C SER D 57 -6.68 15.19 -24.06
N THR D 58 -7.90 15.70 -24.19
CA THR D 58 -8.32 16.90 -23.50
C THR D 58 -9.51 16.61 -22.60
N TYR D 59 -9.68 17.44 -21.58
CA TYR D 59 -10.75 17.28 -20.60
C TYR D 59 -11.30 18.65 -20.24
N TYR D 60 -12.62 18.74 -20.11
CA TYR D 60 -13.29 20.00 -19.82
C TYR D 60 -14.34 19.80 -18.75
N ALA D 61 -14.45 20.79 -17.86
CA ALA D 61 -15.59 20.84 -16.95
C ALA D 61 -16.85 21.25 -17.71
N ASP D 62 -17.99 20.76 -17.24
CA ASP D 62 -19.24 20.99 -17.96
C ASP D 62 -19.53 22.48 -18.13
N SER D 63 -19.05 23.33 -17.21
CA SER D 63 -19.38 24.74 -17.27
C SER D 63 -18.65 25.48 -18.39
N VAL D 64 -17.57 24.91 -18.93
CA VAL D 64 -16.82 25.53 -20.01
C VAL D 64 -16.78 24.67 -21.27
N LYS D 65 -17.35 23.47 -21.24
CA LYS D 65 -17.32 22.59 -22.41
C LYS D 65 -17.99 23.28 -23.60
N GLY D 66 -17.35 23.19 -24.76
CA GLY D 66 -17.85 23.78 -25.98
C GLY D 66 -17.44 25.22 -26.20
N ARG D 67 -17.16 25.96 -25.12
CA ARG D 67 -16.72 27.34 -25.24
C ARG D 67 -15.22 27.51 -25.09
N PHE D 68 -14.58 26.70 -24.25
CA PHE D 68 -13.15 26.76 -24.04
C PHE D 68 -12.46 25.62 -24.77
N THR D 69 -11.24 25.88 -25.25
CA THR D 69 -10.40 24.89 -25.88
C THR D 69 -9.00 24.97 -25.26
N ILE D 70 -8.55 23.87 -24.68
CA ILE D 70 -7.21 23.77 -24.11
C ILE D 70 -6.27 23.17 -25.14
N SER D 71 -5.07 23.70 -25.21
CA SER D 71 -4.07 23.21 -26.16
C SER D 71 -2.68 23.52 -25.62
N ARG D 72 -1.68 22.88 -26.23
CA ARG D 72 -0.30 23.06 -25.80
C ARG D 72 0.61 23.04 -27.02
N ASP D 73 1.81 23.60 -26.82
CA ASP D 73 2.87 23.63 -27.82
C ASP D 73 4.15 23.22 -27.11
N ASN D 74 4.45 21.91 -27.15
CA ASN D 74 5.62 21.40 -26.43
C ASN D 74 6.93 21.96 -26.97
N SER D 75 6.93 22.46 -28.22
CA SER D 75 8.13 23.12 -28.73
C SER D 75 8.39 24.41 -27.96
N LYS D 76 7.34 25.17 -27.65
CA LYS D 76 7.46 26.42 -26.92
C LYS D 76 7.23 26.25 -25.42
N ASN D 77 7.08 25.03 -24.94
CA ASN D 77 6.80 24.76 -23.53
C ASN D 77 5.73 25.70 -23.00
N THR D 78 4.59 25.73 -23.68
CA THR D 78 3.53 26.68 -23.38
C THR D 78 2.18 26.00 -23.45
N LEU D 79 1.33 26.30 -22.47
CA LEU D 79 -0.03 25.82 -22.41
C LEU D 79 -0.99 26.94 -22.80
N TYR D 80 -2.10 26.58 -23.42
CA TYR D 80 -3.05 27.56 -23.93
C TYR D 80 -4.46 27.24 -23.45
N LEU D 81 -5.28 28.29 -23.36
CA LEU D 81 -6.70 28.15 -23.10
C LEU D 81 -7.43 29.20 -23.92
N GLN D 82 -8.09 28.77 -24.98
CA GLN D 82 -8.86 29.66 -25.85
C GLN D 82 -10.28 29.76 -25.31
N MET D 83 -10.68 30.97 -24.89
CA MET D 83 -11.98 31.20 -24.28
C MET D 83 -12.86 31.97 -25.25
N ASN D 84 -14.00 31.40 -25.59
CA ASN D 84 -14.97 32.01 -26.49
C ASN D 84 -16.31 32.15 -25.78
N SER D 85 -17.17 33.00 -26.34
CA SER D 85 -18.50 33.28 -25.80
C SER D 85 -18.43 33.50 -24.29
N LEU D 86 -17.47 34.31 -23.88
CA LEU D 86 -17.26 34.57 -22.46
C LEU D 86 -18.53 35.12 -21.82
N ARG D 87 -18.73 34.76 -20.56
CA ARG D 87 -19.85 35.25 -19.77
C ARG D 87 -19.33 35.89 -18.50
N ALA D 88 -20.21 36.66 -17.85
CA ALA D 88 -19.83 37.31 -16.60
C ALA D 88 -19.31 36.30 -15.59
N GLU D 89 -19.93 35.11 -15.54
CA GLU D 89 -19.53 34.09 -14.59
C GLU D 89 -18.15 33.53 -14.85
N ASP D 90 -17.57 33.80 -16.02
CA ASP D 90 -16.19 33.40 -16.29
C ASP D 90 -15.17 34.34 -15.67
N THR D 91 -15.63 35.47 -15.11
CA THR D 91 -14.72 36.38 -14.43
C THR D 91 -14.02 35.65 -13.30
N ALA D 92 -12.69 35.63 -13.33
CA ALA D 92 -11.95 34.89 -12.33
C ALA D 92 -10.46 35.02 -12.59
N VAL D 93 -9.67 34.70 -11.57
CA VAL D 93 -8.25 34.46 -11.75
C VAL D 93 -8.08 33.06 -12.34
N TYR D 94 -7.28 32.95 -13.39
CA TYR D 94 -7.09 31.70 -14.10
C TYR D 94 -5.70 31.17 -13.81
N TYR D 95 -5.62 30.05 -13.10
CA TYR D 95 -4.36 29.46 -12.70
C TYR D 95 -3.96 28.35 -13.65
N CYS D 96 -2.67 28.26 -13.93
CA CYS D 96 -2.07 27.18 -14.69
C CYS D 96 -1.30 26.28 -13.73
N ALA D 97 -1.46 24.96 -13.89
CA ALA D 97 -0.88 24.05 -12.92
C ALA D 97 -0.43 22.76 -13.59
N LYS D 98 0.68 22.21 -13.08
CA LYS D 98 1.15 20.90 -13.50
C LYS D 98 0.44 19.81 -12.71
N VAL D 99 0.20 18.68 -13.37
CA VAL D 99 -0.49 17.55 -12.76
C VAL D 99 0.55 16.53 -12.32
N GLY D 100 0.32 15.92 -11.16
CA GLY D 100 1.20 14.89 -10.65
C GLY D 100 0.52 13.99 -9.63
N TRP D 101 0.44 12.71 -9.93
CA TRP D 101 -0.12 11.71 -9.00
C TRP D 101 -1.46 12.18 -8.42
N GLY D 102 -2.38 12.54 -9.32
CA GLY D 102 -3.73 12.91 -8.94
C GLY D 102 -3.90 14.30 -8.38
N ALA D 103 -2.83 15.03 -8.11
CA ALA D 103 -2.91 16.37 -7.58
C ALA D 103 -2.34 17.38 -8.57
N PHE D 104 -2.53 18.66 -8.24
CA PHE D 104 -1.92 19.76 -8.98
C PHE D 104 -0.76 20.26 -8.13
N ASP D 105 0.46 19.84 -8.47
CA ASP D 105 1.59 19.97 -7.55
C ASP D 105 2.36 21.28 -7.69
N ILE D 106 2.23 21.99 -8.80
CA ILE D 106 2.86 23.31 -8.92
C ILE D 106 1.97 24.21 -9.77
N TRP D 107 1.65 25.38 -9.23
CA TRP D 107 0.75 26.35 -9.87
C TRP D 107 1.53 27.58 -10.29
N GLY D 108 0.93 28.32 -11.24
CA GLY D 108 1.37 29.66 -11.54
C GLY D 108 0.71 30.67 -10.62
N GLN D 109 1.11 31.93 -10.77
CA GLN D 109 0.53 32.98 -9.93
C GLN D 109 -0.79 33.51 -10.48
N GLY D 110 -1.18 33.09 -11.68
CA GLY D 110 -2.51 33.39 -12.20
C GLY D 110 -2.54 34.65 -13.05
N THR D 111 -3.61 34.75 -13.85
CA THR D 111 -3.88 35.93 -14.66
C THR D 111 -5.36 36.26 -14.52
N MET D 112 -5.66 37.54 -14.28
CA MET D 112 -7.03 37.95 -14.02
C MET D 112 -7.80 38.09 -15.33
N VAL D 113 -9.04 37.60 -15.32
CA VAL D 113 -9.95 37.71 -16.46
C VAL D 113 -11.26 38.30 -15.96
N THR D 114 -11.63 39.45 -16.51
CA THR D 114 -12.86 40.15 -16.15
C THR D 114 -13.75 40.23 -17.38
N VAL D 115 -14.96 39.70 -17.27
CA VAL D 115 -15.96 39.77 -18.33
C VAL D 115 -17.10 40.63 -17.80
N SER D 116 -17.13 41.89 -18.21
CA SER D 116 -18.10 42.85 -17.70
C SER D 116 -18.36 43.91 -18.76
N SER D 117 -19.60 44.40 -18.81
CA SER D 117 -19.95 45.56 -19.61
C SER D 117 -20.32 46.74 -18.72
N ALA D 118 -19.77 46.77 -17.51
CA ALA D 118 -20.08 47.82 -16.55
C ALA D 118 -19.36 49.10 -16.93
N SER D 119 -20.10 50.20 -16.90
CA SER D 119 -19.56 51.53 -17.17
C SER D 119 -19.82 52.43 -15.96
N THR D 120 -19.15 53.59 -15.96
CA THR D 120 -19.29 54.54 -14.86
C THR D 120 -20.75 54.77 -14.52
N LYS D 121 -21.09 54.57 -13.25
CA LYS D 121 -22.47 54.75 -12.79
C LYS D 121 -22.46 55.33 -11.38
N GLY D 122 -23.27 56.36 -11.17
CA GLY D 122 -23.41 56.97 -9.87
C GLY D 122 -24.39 56.22 -9.01
N PRO D 123 -24.23 56.34 -7.69
CA PRO D 123 -25.09 55.59 -6.77
C PRO D 123 -26.35 56.34 -6.40
N SER D 124 -27.32 55.58 -5.89
CA SER D 124 -28.46 56.15 -5.19
C SER D 124 -28.16 56.14 -3.70
N VAL D 125 -28.38 57.27 -3.04
CA VAL D 125 -28.11 57.43 -1.62
C VAL D 125 -29.44 57.49 -0.89
N PHE D 126 -29.68 56.53 -0.01
CA PHE D 126 -30.92 56.45 0.75
C PHE D 126 -30.63 56.53 2.25
N PRO D 127 -31.52 57.12 3.02
CA PRO D 127 -31.27 57.25 4.46
C PRO D 127 -31.67 56.00 5.22
N LEU D 128 -30.84 55.64 6.20
CA LEU D 128 -31.13 54.53 7.11
C LEU D 128 -31.60 55.15 8.42
N ALA D 129 -32.92 55.29 8.54
CA ALA D 129 -33.48 56.07 9.63
C ALA D 129 -33.17 55.44 10.98
N PRO D 130 -32.87 56.23 12.01
CA PRO D 130 -32.72 55.67 13.35
C PRO D 130 -34.06 55.15 13.87
N SER D 131 -34.07 53.89 14.25
CA SER D 131 -35.26 53.20 14.74
C SER D 131 -35.14 52.93 16.23
N SER D 132 -36.21 52.41 16.82
CA SER D 132 -36.10 51.88 18.17
C SER D 132 -35.37 50.54 18.15
N LYS D 133 -35.53 49.77 17.07
CA LYS D 133 -34.72 48.57 16.90
C LYS D 133 -33.24 48.93 16.76
N SER D 134 -32.95 50.04 16.08
CA SER D 134 -31.58 50.55 16.06
C SER D 134 -31.17 51.08 17.43
N THR D 135 -32.13 51.65 18.17
CA THR D 135 -31.85 52.09 19.53
C THR D 135 -31.43 50.92 20.40
N SER D 136 -30.53 51.19 21.34
CA SER D 136 -30.08 50.14 22.26
C SER D 136 -29.18 50.71 23.34
N GLY D 137 -29.67 50.71 24.58
CA GLY D 137 -28.88 51.12 25.73
C GLY D 137 -28.42 52.57 25.69
N GLY D 138 -29.34 53.48 25.36
CA GLY D 138 -29.04 54.89 25.32
C GLY D 138 -28.44 55.40 24.03
N THR D 139 -28.12 54.51 23.09
CA THR D 139 -27.54 54.89 21.82
C THR D 139 -28.41 54.40 20.67
N ALA D 140 -28.40 55.15 19.58
CA ALA D 140 -29.17 54.81 18.38
C ALA D 140 -28.24 54.75 17.17
N ALA D 141 -28.58 53.88 16.23
CA ALA D 141 -27.76 53.63 15.06
C ALA D 141 -28.47 54.14 13.80
N LEU D 142 -27.77 54.93 13.00
CA LEU D 142 -28.32 55.48 11.78
C LEU D 142 -27.22 55.58 10.73
N GLY D 143 -27.63 55.63 9.48
CA GLY D 143 -26.70 55.78 8.39
C GLY D 143 -27.42 56.00 7.09
N CYS D 144 -26.69 55.83 5.99
CA CYS D 144 -27.28 55.92 4.66
C CYS D 144 -26.68 54.86 3.76
N LEU D 145 -27.46 54.46 2.77
CA LEU D 145 -27.13 53.35 1.87
C LEU D 145 -26.70 53.91 0.52
N VAL D 146 -25.49 53.56 0.09
CA VAL D 146 -24.98 53.93 -1.22
C VAL D 146 -25.12 52.71 -2.12
N LYS D 147 -26.03 52.77 -3.08
CA LYS D 147 -26.44 51.61 -3.84
C LYS D 147 -26.14 51.77 -5.33
N ASP D 148 -25.71 50.66 -5.95
CA ASP D 148 -25.62 50.53 -7.41
C ASP D 148 -24.72 51.62 -8.00
N TYR D 149 -23.41 51.46 -7.76
CA TYR D 149 -22.42 52.36 -8.31
C TYR D 149 -21.28 51.56 -8.93
N PHE D 150 -20.51 52.25 -9.78
CA PHE D 150 -19.35 51.69 -10.46
C PHE D 150 -18.52 52.81 -11.06
N PRO D 151 -17.19 52.76 -10.95
CA PRO D 151 -16.45 51.74 -10.21
C PRO D 151 -16.16 52.19 -8.78
N GLU D 152 -15.38 51.40 -8.03
CA GLU D 152 -14.90 51.86 -6.75
C GLU D 152 -13.89 52.98 -6.93
N PRO D 153 -13.70 53.84 -5.92
CA PRO D 153 -14.34 53.81 -4.61
C PRO D 153 -15.35 54.92 -4.39
N VAL D 154 -16.05 54.87 -3.25
CA VAL D 154 -16.85 55.99 -2.77
C VAL D 154 -16.45 56.26 -1.33
N THR D 155 -16.52 57.53 -0.94
CA THR D 155 -16.20 57.97 0.41
C THR D 155 -17.43 58.58 1.05
N VAL D 156 -17.56 58.40 2.36
CA VAL D 156 -18.70 58.91 3.11
C VAL D 156 -18.18 59.65 4.34
N SER D 157 -18.71 60.85 4.56
CA SER D 157 -18.45 61.63 5.76
C SER D 157 -19.75 61.83 6.52
N TRP D 158 -19.65 62.41 7.70
CA TRP D 158 -20.82 62.67 8.53
C TRP D 158 -20.74 64.07 9.11
N ASN D 159 -21.79 64.86 8.90
CA ASN D 159 -21.80 66.26 9.29
C ASN D 159 -20.58 66.99 8.72
N SER D 160 -20.15 66.57 7.52
CA SER D 160 -19.09 67.24 6.78
C SER D 160 -17.77 67.26 7.55
N GLY D 161 -17.49 66.18 8.27
CA GLY D 161 -16.20 65.95 8.90
C GLY D 161 -16.19 66.07 10.41
N ALA D 162 -17.11 66.87 10.97
CA ALA D 162 -17.12 67.06 12.42
C ALA D 162 -17.48 65.78 13.16
N LEU D 163 -18.25 64.89 12.53
CA LEU D 163 -18.68 63.64 13.14
C LEU D 163 -17.66 62.56 12.79
N THR D 164 -16.68 62.36 13.66
CA THR D 164 -15.56 61.48 13.37
C THR D 164 -15.59 60.15 14.13
N SER D 165 -16.50 59.98 15.09
CA SER D 165 -16.50 58.80 15.94
C SER D 165 -17.89 58.21 16.05
N GLY D 166 -17.94 56.89 16.29
CA GLY D 166 -19.16 56.14 16.13
C GLY D 166 -19.49 55.78 14.70
N VAL D 167 -18.65 56.18 13.75
CA VAL D 167 -18.91 55.99 12.32
C VAL D 167 -18.22 54.71 11.87
N HIS D 168 -18.99 53.78 11.32
CA HIS D 168 -18.47 52.55 10.73
C HIS D 168 -18.95 52.50 9.28
N THR D 169 -18.04 52.76 8.35
CA THR D 169 -18.33 52.63 6.92
C THR D 169 -17.90 51.25 6.47
N PHE D 170 -18.86 50.46 6.00
CA PHE D 170 -18.65 49.05 5.68
C PHE D 170 -18.13 48.89 4.25
N PRO D 171 -17.18 47.98 4.04
CA PRO D 171 -16.72 47.70 2.68
C PRO D 171 -17.89 47.32 1.78
N ALA D 172 -17.78 47.69 0.51
CA ALA D 172 -18.87 47.47 -0.42
C ALA D 172 -19.00 45.99 -0.77
N VAL D 173 -20.17 45.63 -1.28
CA VAL D 173 -20.44 44.31 -1.84
C VAL D 173 -20.49 44.43 -3.36
N LEU D 174 -19.90 43.47 -4.05
CA LEU D 174 -19.97 43.42 -5.50
C LEU D 174 -21.14 42.51 -5.88
N GLN D 175 -22.23 43.11 -6.32
CA GLN D 175 -23.44 42.37 -6.61
C GLN D 175 -23.33 41.61 -7.93
N SER D 176 -24.28 40.70 -8.15
CA SER D 176 -24.31 39.95 -9.39
C SER D 176 -24.46 40.87 -10.60
N SER D 177 -25.09 42.02 -10.41
CA SER D 177 -25.24 42.98 -11.51
C SER D 177 -23.90 43.55 -11.97
N GLY D 178 -22.84 43.37 -11.18
CA GLY D 178 -21.56 43.98 -11.46
C GLY D 178 -21.36 45.34 -10.84
N LEU D 179 -22.37 45.87 -10.15
CA LEU D 179 -22.29 47.17 -9.50
C LEU D 179 -22.10 47.00 -8.00
N TYR D 180 -21.43 47.97 -7.39
CA TYR D 180 -21.13 47.94 -5.97
C TYR D 180 -22.20 48.66 -5.16
N SER D 181 -22.29 48.30 -3.89
CA SER D 181 -23.07 49.03 -2.90
C SER D 181 -22.39 48.90 -1.55
N LEU D 182 -22.52 49.94 -0.73
CA LEU D 182 -21.95 49.91 0.61
C LEU D 182 -22.87 50.67 1.55
N SER D 183 -22.52 50.64 2.84
CA SER D 183 -23.28 51.30 3.88
C SER D 183 -22.32 51.97 4.84
N SER D 184 -22.69 53.16 5.29
CA SER D 184 -22.01 53.85 6.38
C SER D 184 -23.05 54.14 7.46
N VAL D 185 -22.74 53.76 8.69
CA VAL D 185 -23.65 53.95 9.82
C VAL D 185 -22.87 54.53 10.98
N VAL D 186 -23.52 55.42 11.73
CA VAL D 186 -22.91 56.10 12.87
C VAL D 186 -23.78 55.83 14.09
N THR D 187 -23.13 55.49 15.20
CA THR D 187 -23.83 55.35 16.48
C THR D 187 -23.75 56.68 17.22
N VAL D 188 -24.90 57.22 17.59
CA VAL D 188 -24.97 58.50 18.28
C VAL D 188 -25.94 58.40 19.44
N PRO D 189 -25.81 59.27 20.44
CA PRO D 189 -26.72 59.21 21.59
C PRO D 189 -28.14 59.52 21.18
N SER D 190 -29.04 58.56 21.42
CA SER D 190 -30.46 58.83 21.20
C SER D 190 -30.90 60.10 21.92
N SER D 191 -30.13 60.57 22.89
CA SER D 191 -30.34 61.89 23.46
C SER D 191 -30.41 62.95 22.37
N SER D 192 -29.49 62.90 21.41
CA SER D 192 -29.35 63.95 20.41
C SER D 192 -30.19 63.72 19.16
N LEU D 193 -30.95 62.63 19.09
CA LEU D 193 -31.85 62.40 17.97
C LEU D 193 -33.09 63.26 18.13
N GLY D 194 -33.41 64.03 17.09
CA GLY D 194 -34.45 65.03 17.17
C GLY D 194 -33.97 66.38 17.66
N THR D 195 -32.75 66.46 18.20
CA THR D 195 -32.15 67.72 18.62
C THR D 195 -30.85 68.04 17.90
N GLN D 196 -30.35 67.13 17.05
CA GLN D 196 -29.10 67.33 16.33
C GLN D 196 -29.26 66.87 14.89
N THR D 197 -28.69 67.64 13.97
CA THR D 197 -28.79 67.31 12.55
C THR D 197 -27.72 66.29 12.18
N TYR D 198 -28.10 65.33 11.34
CA TYR D 198 -27.20 64.26 10.90
C TYR D 198 -27.27 64.17 9.38
N ILE D 199 -26.17 64.52 8.73
CA ILE D 199 -26.06 64.51 7.27
C ILE D 199 -24.91 63.59 6.90
N CYS D 200 -25.14 62.72 5.92
CA CYS D 200 -24.10 61.89 5.36
C CYS D 200 -23.62 62.46 4.04
N ASN D 201 -22.30 62.47 3.85
CA ASN D 201 -21.66 63.12 2.70
C ASN D 201 -21.07 62.05 1.80
N VAL D 202 -21.84 61.64 0.80
CA VAL D 202 -21.40 60.61 -0.14
C VAL D 202 -20.74 61.28 -1.34
N ASN D 203 -19.59 60.77 -1.74
CA ASN D 203 -18.88 61.28 -2.91
C ASN D 203 -18.34 60.11 -3.72
N HIS D 204 -18.77 60.02 -4.97
CA HIS D 204 -18.30 59.01 -5.92
C HIS D 204 -17.48 59.75 -6.98
N LYS D 205 -16.17 59.88 -6.72
CA LYS D 205 -15.32 60.67 -7.60
C LYS D 205 -15.38 60.22 -9.05
N PRO D 206 -15.22 58.94 -9.37
CA PRO D 206 -15.26 58.53 -10.79
C PRO D 206 -16.51 58.98 -11.52
N SER D 207 -17.63 59.17 -10.81
CA SER D 207 -18.87 59.63 -11.41
C SER D 207 -19.18 61.08 -11.10
N ASN D 208 -18.42 61.73 -10.22
CA ASN D 208 -18.72 63.06 -9.71
C ASN D 208 -20.06 63.12 -8.99
N THR D 209 -20.66 61.98 -8.68
CA THR D 209 -21.90 61.96 -7.91
C THR D 209 -21.59 62.34 -6.47
N LYS D 210 -21.97 63.56 -6.09
CA LYS D 210 -21.81 64.04 -4.72
C LYS D 210 -23.20 64.30 -4.14
N VAL D 211 -23.46 63.79 -2.95
CA VAL D 211 -24.78 63.87 -2.34
C VAL D 211 -24.62 64.07 -0.85
N ASP D 212 -25.40 65.01 -0.30
CA ASP D 212 -25.58 65.17 1.13
C ASP D 212 -27.03 64.85 1.45
N LYS D 213 -27.26 63.80 2.25
CA LYS D 213 -28.60 63.39 2.63
C LYS D 213 -28.70 63.39 4.14
N LYS D 214 -29.65 64.17 4.66
CA LYS D 214 -29.92 64.18 6.10
C LYS D 214 -30.71 62.93 6.48
N VAL D 215 -30.33 62.33 7.59
CA VAL D 215 -30.97 61.12 8.11
C VAL D 215 -31.73 61.50 9.37
N GLU D 216 -33.02 61.22 9.38
CA GLU D 216 -33.90 61.62 10.47
C GLU D 216 -34.90 60.50 10.74
N PRO D 217 -35.45 60.45 11.96
CA PRO D 217 -36.47 59.43 12.25
C PRO D 217 -37.68 59.60 11.36
N LYS D 218 -38.34 58.48 11.06
CA LYS D 218 -39.49 58.49 10.17
C LYS D 218 -40.77 58.74 10.97
N SER D 219 -41.89 58.79 10.27
CA SER D 219 -43.20 59.02 10.87
C SER D 219 -43.42 58.09 12.06
N ASN E 4 14.78 -27.82 16.60
CA ASN E 4 13.83 -27.88 17.71
C ASN E 4 13.21 -26.50 17.97
N LEU E 5 14.01 -25.45 17.82
CA LEU E 5 13.55 -24.09 18.01
C LEU E 5 12.73 -23.62 16.80
N CYS E 6 11.68 -22.84 17.08
CA CYS E 6 10.92 -22.20 16.02
C CYS E 6 11.88 -21.36 15.17
N PRO E 7 11.74 -21.38 13.83
CA PRO E 7 12.72 -20.71 12.97
C PRO E 7 12.53 -19.19 12.84
N PHE E 8 12.48 -18.50 13.98
CA PHE E 8 12.39 -17.04 13.94
C PHE E 8 13.65 -16.42 13.37
N GLY E 9 14.79 -17.11 13.48
CA GLY E 9 16.04 -16.54 13.03
C GLY E 9 16.05 -16.18 11.55
N GLU E 10 15.50 -17.07 10.71
CA GLU E 10 15.51 -16.80 9.28
C GLU E 10 14.51 -15.70 8.89
N VAL E 11 13.52 -15.42 9.73
CA VAL E 11 12.66 -14.28 9.49
C VAL E 11 13.41 -12.98 9.81
N PHE E 12 13.86 -12.83 11.05
CA PHE E 12 14.46 -11.57 11.49
C PHE E 12 15.78 -11.30 10.77
N ASN E 13 16.56 -12.35 10.51
CA ASN E 13 17.90 -12.21 9.99
C ASN E 13 17.98 -12.36 8.47
N ALA E 14 16.84 -12.40 7.78
CA ALA E 14 16.85 -12.58 6.32
C ALA E 14 17.65 -11.48 5.65
N THR E 15 18.38 -11.85 4.59
CA THR E 15 19.22 -10.89 3.90
C THR E 15 18.38 -9.80 3.23
N ARG E 16 17.32 -10.19 2.53
CA ARG E 16 16.42 -9.25 1.88
C ARG E 16 15.03 -9.38 2.47
N PHE E 17 14.34 -8.25 2.58
CA PHE E 17 12.94 -8.21 2.99
C PHE E 17 12.07 -7.87 1.79
N ALA E 18 10.79 -8.17 1.92
CA ALA E 18 9.84 -7.90 0.84
C ALA E 18 9.38 -6.45 0.88
N SER E 19 8.98 -5.95 -0.29
CA SER E 19 8.21 -4.71 -0.32
C SER E 19 6.92 -4.90 0.47
N VAL E 20 6.45 -3.81 1.09
CA VAL E 20 5.31 -3.91 1.99
C VAL E 20 4.05 -4.33 1.22
N TYR E 21 3.90 -3.84 -0.01
CA TYR E 21 2.72 -4.23 -0.78
C TYR E 21 2.72 -5.72 -1.09
N ALA E 22 3.90 -6.30 -1.25
CA ALA E 22 4.06 -7.74 -1.43
C ALA E 22 4.62 -8.38 -0.16
N TRP E 23 4.05 -8.02 0.98
CA TRP E 23 4.65 -8.39 2.26
C TRP E 23 4.82 -9.91 2.35
N ASN E 24 5.81 -10.31 3.15
CA ASN E 24 6.18 -11.71 3.30
C ASN E 24 5.46 -12.32 4.49
N ARG E 25 5.28 -13.65 4.42
CA ARG E 25 4.66 -14.38 5.52
C ARG E 25 5.35 -15.73 5.66
N LYS E 26 5.62 -16.11 6.92
CA LYS E 26 6.17 -17.42 7.24
C LYS E 26 5.33 -18.01 8.36
N ARG E 27 4.90 -19.26 8.18
CA ARG E 27 4.08 -19.95 9.16
C ARG E 27 4.97 -20.73 10.12
N ILE E 28 4.75 -20.54 11.42
CA ILE E 28 5.52 -21.20 12.46
C ILE E 28 4.63 -22.25 13.14
N SER E 29 5.15 -23.45 13.30
CA SER E 29 4.36 -24.53 13.88
C SER E 29 5.28 -25.66 14.33
N ASN E 30 4.72 -26.58 15.13
CA ASN E 30 5.44 -27.72 15.68
C ASN E 30 6.82 -27.31 16.14
N CYS E 31 6.91 -26.54 17.21
CA CYS E 31 8.16 -25.87 17.54
C CYS E 31 8.00 -25.26 18.93
N VAL E 32 9.12 -24.79 19.47
CA VAL E 32 9.16 -24.10 20.75
C VAL E 32 10.00 -22.85 20.58
N ALA E 33 9.46 -21.71 20.98
CA ALA E 33 10.04 -20.42 20.65
C ALA E 33 10.75 -19.80 21.85
N ASP E 34 11.90 -19.17 21.59
CA ASP E 34 12.64 -18.39 22.58
C ASP E 34 12.24 -16.93 22.37
N TYR E 35 11.18 -16.50 23.06
CA TYR E 35 10.54 -15.25 22.70
C TYR E 35 11.37 -14.04 23.13
N SER E 36 11.78 -14.00 24.40
CA SER E 36 12.51 -12.85 24.91
C SER E 36 13.96 -12.79 24.42
N VAL E 37 14.44 -13.81 23.71
CA VAL E 37 15.62 -13.62 22.88
C VAL E 37 15.45 -12.38 22.02
N LEU E 38 14.21 -12.13 21.58
CA LEU E 38 13.84 -10.95 20.82
C LEU E 38 13.49 -9.77 21.72
N TYR E 39 12.67 -10.00 22.76
CA TYR E 39 12.20 -8.88 23.57
C TYR E 39 13.34 -8.22 24.34
N ASN E 40 14.35 -8.98 24.76
CA ASN E 40 15.47 -8.41 25.50
C ASN E 40 16.44 -7.66 24.61
N SER E 41 16.29 -7.72 23.29
CA SER E 41 17.25 -7.11 22.39
C SER E 41 17.03 -5.61 22.30
N ALA E 42 18.09 -4.84 22.58
CA ALA E 42 18.07 -3.40 22.39
C ALA E 42 18.25 -3.01 20.93
N SER E 43 18.35 -3.99 20.02
CA SER E 43 18.47 -3.70 18.60
C SER E 43 17.14 -3.31 17.97
N PHE E 44 16.03 -3.49 18.68
CA PHE E 44 14.71 -3.17 18.16
C PHE E 44 14.29 -1.80 18.69
N SER E 45 14.04 -0.86 17.77
CA SER E 45 13.51 0.44 18.17
C SER E 45 12.00 0.39 18.41
N THR E 46 11.32 -0.65 17.93
CA THR E 46 9.91 -0.86 18.21
C THR E 46 9.69 -2.33 18.58
N PHE E 47 9.08 -2.54 19.75
CA PHE E 47 8.66 -3.87 20.17
C PHE E 47 7.38 -3.68 21.00
N LYS E 48 6.24 -3.74 20.30
CA LYS E 48 4.95 -3.49 20.92
C LYS E 48 4.04 -4.68 20.67
N CYS E 49 3.40 -5.17 21.72
CA CYS E 49 2.51 -6.32 21.65
C CYS E 49 1.11 -5.90 22.04
N TYR E 50 0.11 -6.58 21.47
CA TYR E 50 -1.29 -6.26 21.67
C TYR E 50 -2.04 -7.54 22.01
N GLY E 51 -2.95 -7.44 22.98
CA GLY E 51 -3.67 -8.62 23.44
C GLY E 51 -2.85 -9.59 24.24
N VAL E 52 -1.59 -9.25 24.54
CA VAL E 52 -0.72 -10.15 25.30
C VAL E 52 0.44 -9.33 25.83
N SER E 53 1.02 -9.77 26.95
CA SER E 53 2.20 -9.07 27.42
C SER E 53 3.46 -9.73 26.88
N PRO E 54 4.44 -8.93 26.44
CA PRO E 54 5.63 -9.52 25.80
C PRO E 54 6.33 -10.55 26.66
N THR E 55 6.21 -10.44 27.99
CA THR E 55 6.90 -11.37 28.88
C THR E 55 6.13 -12.67 29.06
N LYS E 56 4.81 -12.58 29.22
CA LYS E 56 3.98 -13.77 29.45
C LYS E 56 3.98 -14.73 28.25
N LEU E 57 4.60 -14.35 27.14
CA LEU E 57 4.59 -15.22 25.97
C LEU E 57 5.40 -16.50 26.20
N ASN E 58 6.45 -16.42 27.02
CA ASN E 58 7.30 -17.59 27.23
C ASN E 58 6.59 -18.73 27.93
N ASP E 59 5.48 -18.46 28.62
CA ASP E 59 4.72 -19.47 29.32
C ASP E 59 3.33 -19.63 28.73
N LEU E 60 3.24 -19.63 27.40
CA LEU E 60 1.96 -19.75 26.73
C LEU E 60 2.12 -20.54 25.44
N CYS E 61 0.98 -20.95 24.88
CA CYS E 61 0.92 -21.82 23.71
C CYS E 61 -0.09 -21.30 22.71
N PHE E 62 0.16 -21.57 21.43
CA PHE E 62 -0.77 -21.22 20.38
C PHE E 62 -0.78 -22.30 19.30
N THR E 63 -1.88 -22.37 18.59
CA THR E 63 -2.00 -23.34 17.50
C THR E 63 -0.94 -23.08 16.43
N ASN E 64 -0.90 -21.86 15.91
CA ASN E 64 0.07 -21.46 14.91
C ASN E 64 0.50 -20.03 15.16
N VAL E 65 1.72 -19.70 14.76
CA VAL E 65 2.25 -18.35 14.85
C VAL E 65 2.68 -17.92 13.45
N TYR E 66 2.19 -16.77 13.02
CA TYR E 66 2.52 -16.23 11.71
C TYR E 66 3.50 -15.08 11.86
N ALA E 67 4.52 -15.06 11.00
CA ALA E 67 5.57 -14.05 11.02
C ALA E 67 5.54 -13.31 9.68
N ASP E 68 4.91 -12.15 9.66
CA ASP E 68 4.92 -11.29 8.49
C ASP E 68 6.08 -10.30 8.58
N SER E 69 6.66 -9.97 7.42
CA SER E 69 7.80 -9.08 7.41
C SER E 69 7.83 -8.30 6.10
N PHE E 70 8.39 -7.10 6.15
CA PHE E 70 8.39 -6.17 5.02
C PHE E 70 9.17 -4.92 5.43
N VAL E 71 9.38 -4.04 4.46
CA VAL E 71 10.10 -2.79 4.66
C VAL E 71 9.16 -1.63 4.37
N ILE E 72 9.23 -0.60 5.21
CA ILE E 72 8.46 0.63 5.05
C ILE E 72 9.33 1.81 5.47
N ARG E 73 8.74 3.00 5.45
CA ARG E 73 9.40 4.22 5.86
C ARG E 73 9.35 4.37 7.38
N GLY E 74 10.31 5.13 7.92
CA GLY E 74 10.36 5.34 9.36
C GLY E 74 9.08 5.91 9.93
N ASP E 75 8.57 6.98 9.31
CA ASP E 75 7.37 7.62 9.85
C ASP E 75 6.09 6.86 9.56
N GLU E 76 6.17 5.72 8.87
CA GLU E 76 5.02 4.87 8.66
C GLU E 76 4.91 3.74 9.68
N VAL E 77 5.93 3.55 10.52
CA VAL E 77 5.94 2.43 11.45
C VAL E 77 4.77 2.50 12.42
N ARG E 78 4.35 3.72 12.80
CA ARG E 78 3.21 3.85 13.70
C ARG E 78 1.94 3.29 13.09
N GLN E 79 1.89 3.14 11.76
CA GLN E 79 0.70 2.59 11.11
C GLN E 79 0.59 1.09 11.27
N ILE E 80 1.68 0.40 11.62
CA ILE E 80 1.64 -1.03 11.87
C ILE E 80 1.11 -1.28 13.27
N ALA E 81 -0.18 -1.03 13.47
CA ALA E 81 -0.84 -1.22 14.75
C ALA E 81 -2.33 -1.29 14.52
N PRO E 82 -3.09 -1.88 15.44
CA PRO E 82 -4.54 -1.96 15.26
C PRO E 82 -5.17 -0.57 15.23
N GLY E 83 -6.23 -0.45 14.43
CA GLY E 83 -7.01 0.78 14.39
C GLY E 83 -6.32 1.97 13.77
N GLN E 84 -5.39 1.75 12.85
CA GLN E 84 -4.64 2.83 12.22
C GLN E 84 -5.12 3.07 10.79
N THR E 85 -4.89 4.29 10.32
CA THR E 85 -5.19 4.69 8.95
C THR E 85 -3.96 5.32 8.33
N GLY E 86 -3.92 5.33 7.00
CA GLY E 86 -2.79 5.87 6.28
C GLY E 86 -2.43 5.04 5.06
N LYS E 87 -1.47 5.52 4.26
CA LYS E 87 -1.12 4.81 3.03
C LYS E 87 -0.84 3.33 3.28
N ILE E 88 -0.09 3.03 4.35
CA ILE E 88 0.31 1.65 4.60
C ILE E 88 -0.87 0.83 5.13
N ALA E 89 -1.46 1.28 6.24
CA ALA E 89 -2.56 0.52 6.83
C ALA E 89 -3.73 0.39 5.87
N ASP E 90 -3.96 1.40 5.02
CA ASP E 90 -5.12 1.37 4.13
C ASP E 90 -4.86 0.52 2.89
N TYR E 91 -3.69 0.69 2.26
CA TYR E 91 -3.45 0.16 0.94
C TYR E 91 -2.40 -0.94 0.87
N ASN E 92 -1.71 -1.24 1.97
CA ASN E 92 -0.56 -2.14 1.87
C ASN E 92 -0.59 -3.29 2.87
N TYR E 93 -0.66 -2.98 4.17
CA TYR E 93 -0.69 -4.00 5.20
C TYR E 93 -1.59 -3.55 6.34
N LYS E 94 -2.63 -4.32 6.62
CA LYS E 94 -3.67 -3.93 7.57
C LYS E 94 -3.75 -4.95 8.70
N LEU E 95 -3.61 -4.47 9.93
CA LEU E 95 -3.84 -5.28 11.13
C LEU E 95 -5.29 -5.11 11.59
N PRO E 96 -5.90 -6.17 12.12
CA PRO E 96 -7.29 -6.07 12.57
C PRO E 96 -7.39 -5.31 13.89
N ASP E 97 -8.62 -4.85 14.17
CA ASP E 97 -8.86 -4.11 15.40
C ASP E 97 -8.54 -4.97 16.63
N ASP E 98 -8.94 -6.24 16.60
CA ASP E 98 -8.68 -7.16 17.70
C ASP E 98 -7.36 -7.92 17.53
N PHE E 99 -6.35 -7.28 16.95
CA PHE E 99 -5.09 -7.96 16.68
C PHE E 99 -4.47 -8.46 17.98
N THR E 100 -4.02 -9.71 17.98
CA THR E 100 -3.32 -10.32 19.11
C THR E 100 -1.95 -10.77 18.62
N GLY E 101 -0.93 -9.97 18.91
CA GLY E 101 0.41 -10.30 18.49
C GLY E 101 1.38 -9.20 18.83
N CYS E 102 2.55 -9.25 18.22
CA CYS E 102 3.61 -8.30 18.48
C CYS E 102 4.11 -7.70 17.17
N VAL E 103 4.50 -6.42 17.24
CA VAL E 103 5.06 -5.70 16.11
C VAL E 103 6.48 -5.28 16.48
N ILE E 104 7.43 -5.61 15.63
CA ILE E 104 8.85 -5.35 15.88
C ILE E 104 9.43 -4.66 14.65
N ALA E 105 10.16 -3.57 14.88
CA ALA E 105 10.74 -2.80 13.78
C ALA E 105 12.14 -2.31 14.18
N TRP E 106 12.99 -2.13 13.17
CA TRP E 106 14.32 -1.60 13.40
C TRP E 106 14.81 -0.91 12.14
N ASN E 107 15.64 0.11 12.33
CA ASN E 107 16.17 0.89 11.22
C ASN E 107 17.11 0.04 10.37
N SER E 108 16.89 0.03 9.06
CA SER E 108 17.69 -0.77 8.14
C SER E 108 18.35 0.08 7.07
N ASN E 109 18.68 1.33 7.40
CA ASN E 109 19.28 2.23 6.41
C ASN E 109 20.56 1.63 5.83
N ASN E 110 21.37 0.98 6.66
CA ASN E 110 22.64 0.42 6.19
C ASN E 110 22.44 -0.78 5.27
N LEU E 111 21.27 -1.39 5.27
CA LEU E 111 21.02 -2.59 4.46
C LEU E 111 20.17 -2.32 3.23
N ASP E 112 19.26 -1.35 3.30
CA ASP E 112 18.25 -1.19 2.26
C ASP E 112 18.31 0.16 1.55
N SER E 113 19.25 1.03 1.90
CA SER E 113 19.45 2.28 1.19
C SER E 113 20.56 2.11 0.16
N LYS E 114 20.57 3.00 -0.82
CA LYS E 114 21.47 2.88 -1.96
C LYS E 114 21.71 4.27 -2.54
N VAL E 115 22.98 4.56 -2.87
CA VAL E 115 23.27 5.81 -3.56
C VAL E 115 22.55 5.81 -4.89
N GLY E 116 21.83 6.89 -5.17
CA GLY E 116 20.93 6.92 -6.30
C GLY E 116 19.53 6.42 -5.99
N GLY E 117 19.29 5.95 -4.76
CA GLY E 117 17.99 5.48 -4.37
C GLY E 117 17.78 4.01 -4.65
N ASN E 118 17.25 3.28 -3.66
CA ASN E 118 16.91 1.87 -3.84
C ASN E 118 15.51 1.79 -4.43
N TYR E 119 15.42 1.31 -5.68
CA TYR E 119 14.14 1.18 -6.35
C TYR E 119 13.64 -0.26 -6.36
N ASN E 120 14.12 -1.08 -5.43
CA ASN E 120 13.58 -2.42 -5.21
C ASN E 120 12.40 -2.43 -4.24
N TYR E 121 12.29 -1.44 -3.36
CA TYR E 121 11.27 -1.41 -2.33
C TYR E 121 10.14 -0.49 -2.76
N LEU E 122 8.94 -1.05 -2.91
CA LEU E 122 7.79 -0.34 -3.43
C LEU E 122 6.66 -0.34 -2.41
N TYR E 123 5.68 0.53 -2.66
CA TYR E 123 4.47 0.61 -1.88
C TYR E 123 3.31 0.95 -2.81
N ARG E 124 2.10 0.56 -2.42
CA ARG E 124 0.92 0.90 -3.20
C ARG E 124 0.47 2.30 -2.80
N LEU E 125 0.45 3.21 -3.77
CA LEU E 125 0.07 4.59 -3.52
C LEU E 125 -1.43 4.83 -3.66
N PHE E 126 -2.09 4.11 -4.58
CA PHE E 126 -3.50 4.29 -4.84
C PHE E 126 -4.22 2.95 -4.72
N ARG E 127 -5.48 3.00 -4.30
CA ARG E 127 -6.34 1.83 -4.27
C ARG E 127 -7.78 2.28 -4.13
N LYS E 128 -8.69 1.54 -4.79
CA LYS E 128 -10.09 1.95 -4.80
C LYS E 128 -10.76 1.74 -3.44
N SER E 129 -10.28 0.79 -2.65
CA SER E 129 -10.84 0.56 -1.33
C SER E 129 -9.73 0.05 -0.40
N ASN E 130 -9.98 0.14 0.89
CA ASN E 130 -9.01 -0.26 1.89
C ASN E 130 -8.90 -1.78 1.97
N LEU E 131 -7.69 -2.24 2.29
CA LEU E 131 -7.47 -3.67 2.48
C LEU E 131 -8.21 -4.15 3.72
N LYS E 132 -8.74 -5.36 3.64
CA LYS E 132 -9.23 -6.04 4.82
C LYS E 132 -8.03 -6.51 5.65
N PRO E 133 -8.23 -6.76 6.94
CA PRO E 133 -7.11 -7.20 7.78
C PRO E 133 -6.41 -8.41 7.19
N PHE E 134 -5.09 -8.33 7.10
CA PHE E 134 -4.23 -9.38 6.55
C PHE E 134 -4.49 -9.64 5.06
N GLU E 135 -5.21 -8.74 4.39
CA GLU E 135 -5.36 -8.86 2.95
C GLU E 135 -4.07 -8.41 2.25
N ARG E 136 -3.88 -8.89 1.03
CA ARG E 136 -2.65 -8.65 0.29
C ARG E 136 -2.99 -8.42 -1.17
N ASP E 137 -2.50 -7.32 -1.72
CA ASP E 137 -2.78 -6.92 -3.09
C ASP E 137 -1.46 -6.65 -3.80
N ILE E 138 -1.17 -7.46 -4.82
CA ILE E 138 0.05 -7.29 -5.61
C ILE E 138 -0.27 -6.97 -7.07
N SER E 139 -1.52 -6.56 -7.36
CA SER E 139 -1.89 -6.25 -8.72
C SER E 139 -1.25 -4.94 -9.17
N THR E 140 -1.15 -4.77 -10.49
CA THR E 140 -0.52 -3.59 -11.08
C THR E 140 -1.42 -2.96 -12.14
N GLU E 141 -2.73 -2.98 -11.90
CA GLU E 141 -3.65 -2.29 -12.79
C GLU E 141 -3.48 -0.78 -12.65
N ILE E 142 -3.49 -0.07 -13.79
CA ILE E 142 -3.43 1.38 -13.75
C ILE E 142 -4.58 1.92 -12.93
N TYR E 143 -4.28 2.75 -11.94
CA TYR E 143 -5.32 3.33 -11.10
C TYR E 143 -6.02 4.46 -11.83
N GLN E 144 -7.36 4.41 -11.83
CA GLN E 144 -8.18 5.40 -12.53
C GLN E 144 -8.82 6.33 -11.51
N ALA E 145 -8.54 7.62 -11.64
CA ALA E 145 -9.19 8.64 -10.84
C ALA E 145 -10.21 9.37 -11.71
N GLY E 146 -11.42 9.53 -11.20
CA GLY E 146 -12.46 10.12 -12.01
C GLY E 146 -13.08 9.11 -12.97
N SER E 147 -13.69 9.63 -14.03
CA SER E 147 -14.55 8.85 -14.88
C SER E 147 -13.88 8.34 -16.16
N THR E 148 -12.78 8.94 -16.58
CA THR E 148 -12.18 8.59 -17.88
C THR E 148 -11.41 7.28 -17.77
N PRO E 149 -11.75 6.27 -18.56
CA PRO E 149 -10.98 5.01 -18.50
C PRO E 149 -9.55 5.21 -18.96
N CYS E 150 -8.66 4.38 -18.40
CA CYS E 150 -7.23 4.46 -18.63
C CYS E 150 -6.79 3.62 -19.81
N ASN E 151 -7.30 2.40 -19.91
CA ASN E 151 -6.90 1.45 -20.94
C ASN E 151 -5.41 1.18 -20.87
N GLY E 152 -4.92 0.92 -19.66
CA GLY E 152 -3.54 0.54 -19.43
C GLY E 152 -2.51 1.62 -19.69
N VAL E 153 -2.93 2.88 -19.85
CA VAL E 153 -2.04 3.97 -20.19
C VAL E 153 -2.10 5.01 -19.08
N GLU E 154 -0.93 5.50 -18.68
CA GLU E 154 -0.85 6.56 -17.68
C GLU E 154 -1.17 7.91 -18.33
N GLY E 155 -1.69 8.83 -17.51
CA GLY E 155 -2.01 10.16 -18.01
C GLY E 155 -2.58 11.10 -16.98
N PHE E 156 -3.41 12.04 -17.44
CA PHE E 156 -3.98 13.07 -16.58
C PHE E 156 -4.58 12.46 -15.32
N ASN E 157 -5.43 11.45 -15.47
CA ASN E 157 -6.18 10.88 -14.36
C ASN E 157 -5.79 9.43 -14.05
N CYS E 158 -4.71 8.94 -14.62
CA CYS E 158 -4.37 7.53 -14.59
C CYS E 158 -2.92 7.35 -14.15
N TYR E 159 -2.71 6.59 -13.07
CA TYR E 159 -1.38 6.49 -12.47
C TYR E 159 -1.08 5.05 -12.12
N PHE E 160 0.17 4.65 -12.38
CA PHE E 160 0.63 3.33 -11.97
C PHE E 160 0.54 3.23 -10.45
N PRO E 161 -0.04 2.14 -9.91
CA PRO E 161 -0.37 2.14 -8.47
C PRO E 161 0.82 1.95 -7.53
N LEU E 162 1.91 1.34 -7.99
CA LEU E 162 3.07 1.10 -7.13
C LEU E 162 4.18 2.09 -7.43
N GLN E 163 4.78 2.63 -6.37
CA GLN E 163 5.90 3.56 -6.49
C GLN E 163 6.99 3.17 -5.50
N SER E 164 8.19 3.71 -5.73
CA SER E 164 9.38 3.31 -4.99
C SER E 164 9.68 4.27 -3.85
N TYR E 165 10.12 3.71 -2.72
CA TYR E 165 10.63 4.52 -1.62
C TYR E 165 11.91 5.26 -2.02
N GLY E 166 12.67 4.74 -2.97
CA GLY E 166 13.90 5.36 -3.41
C GLY E 166 14.89 5.62 -2.29
N PHE E 167 14.93 4.72 -1.31
CA PHE E 167 15.78 4.89 -0.14
C PHE E 167 17.21 5.24 -0.54
N GLN E 168 17.69 6.39 -0.08
CA GLN E 168 19.09 6.77 -0.21
C GLN E 168 19.68 6.99 1.18
N PRO E 169 20.98 6.74 1.34
CA PRO E 169 21.55 6.75 2.70
C PRO E 169 21.47 8.09 3.39
N THR E 170 21.42 9.20 2.65
CA THR E 170 21.37 10.53 3.25
C THR E 170 19.96 10.93 3.67
N ASN E 171 18.96 10.09 3.42
CA ASN E 171 17.59 10.41 3.82
C ASN E 171 17.52 10.72 5.31
N GLY E 172 16.55 11.56 5.67
CA GLY E 172 16.22 11.73 7.08
C GLY E 172 15.56 10.48 7.64
N VAL E 173 15.71 10.28 8.94
CA VAL E 173 15.29 9.02 9.57
C VAL E 173 13.84 8.72 9.24
N GLY E 174 12.98 9.74 9.23
CA GLY E 174 11.59 9.53 8.87
C GLY E 174 11.41 8.95 7.48
N TYR E 175 12.38 9.16 6.59
CA TYR E 175 12.33 8.67 5.23
C TYR E 175 13.29 7.52 4.99
N GLN E 176 13.91 6.98 6.04
CA GLN E 176 14.82 5.85 5.96
C GLN E 176 14.05 4.55 6.01
N PRO E 177 14.63 3.46 5.50
CA PRO E 177 13.93 2.18 5.53
C PRO E 177 13.94 1.57 6.93
N TYR E 178 12.81 0.97 7.29
CA TYR E 178 12.70 0.20 8.52
C TYR E 178 12.18 -1.19 8.19
N ARG E 179 12.81 -2.21 8.76
CA ARG E 179 12.35 -3.58 8.60
C ARG E 179 11.38 -3.90 9.73
N VAL E 180 10.25 -4.50 9.38
CA VAL E 180 9.18 -4.78 10.32
C VAL E 180 8.89 -6.28 10.30
N VAL E 181 8.66 -6.85 11.47
CA VAL E 181 8.21 -8.22 11.62
C VAL E 181 6.99 -8.22 12.52
N VAL E 182 5.87 -8.70 11.99
CA VAL E 182 4.62 -8.79 12.72
C VAL E 182 4.40 -10.25 13.09
N LEU E 183 4.21 -10.52 14.38
CA LEU E 183 3.97 -11.87 14.88
C LEU E 183 2.51 -11.98 15.30
N SER E 184 1.77 -12.83 14.62
CA SER E 184 0.36 -13.09 14.92
C SER E 184 0.24 -14.46 15.59
N PHE E 185 -0.39 -14.48 16.76
CA PHE E 185 -0.55 -15.70 17.54
C PHE E 185 -1.98 -16.21 17.38
N GLU E 186 -2.12 -17.44 16.90
CA GLU E 186 -3.39 -18.03 16.52
C GLU E 186 -3.82 -19.06 17.56
N LEU E 187 -5.08 -18.99 17.99
CA LEU E 187 -5.64 -19.91 18.97
C LEU E 187 -6.92 -20.50 18.40
N LEU E 188 -6.88 -21.78 18.04
CA LEU E 188 -7.99 -22.48 17.45
C LEU E 188 -8.36 -23.69 18.31
N HIS E 189 -9.48 -24.33 17.94
CA HIS E 189 -9.89 -25.59 18.54
C HIS E 189 -9.08 -26.73 17.89
N ALA E 190 -7.80 -26.77 18.24
CA ALA E 190 -6.87 -27.74 17.67
C ALA E 190 -5.67 -27.85 18.59
N PRO E 191 -4.76 -28.78 18.34
CA PRO E 191 -3.56 -28.89 19.18
C PRO E 191 -2.69 -27.66 19.07
N ALA E 192 -2.20 -27.19 20.22
CA ALA E 192 -1.27 -26.07 20.27
C ALA E 192 0.11 -26.57 19.91
N THR E 193 0.64 -26.11 18.77
CA THR E 193 1.87 -26.63 18.22
C THR E 193 3.10 -25.75 18.49
N VAL E 194 2.89 -24.53 18.98
CA VAL E 194 3.99 -23.59 19.25
C VAL E 194 3.85 -23.09 20.68
N CYS E 195 4.91 -23.25 21.47
CA CYS E 195 4.89 -22.92 22.89
C CYS E 195 6.19 -22.27 23.30
N GLY E 196 6.12 -21.44 24.34
CA GLY E 196 7.30 -20.85 24.94
C GLY E 196 8.09 -21.89 25.72
N PRO E 197 9.31 -21.51 26.13
CA PRO E 197 10.16 -22.49 26.83
C PRO E 197 9.58 -22.94 28.17
N GLY E 198 9.09 -22.01 28.98
CA GLY E 198 8.55 -22.35 30.27
C GLY E 198 7.18 -21.76 30.52
N LEU F 1 -55.50 -14.53 -10.10
CA LEU F 1 -54.78 -15.60 -10.76
C LEU F 1 -53.43 -15.85 -10.09
N VAL F 2 -52.54 -14.87 -10.17
CA VAL F 2 -51.23 -14.95 -9.55
C VAL F 2 -51.36 -14.57 -8.08
N GLN F 3 -50.89 -15.44 -7.19
CA GLN F 3 -51.05 -15.19 -5.76
C GLN F 3 -50.07 -16.05 -4.98
N LEU F 4 -49.73 -15.57 -3.78
CA LEU F 4 -48.89 -16.29 -2.84
C LEU F 4 -49.64 -16.41 -1.52
N VAL F 5 -49.66 -17.62 -0.96
CA VAL F 5 -50.40 -17.92 0.26
C VAL F 5 -49.43 -18.47 1.28
N GLN F 6 -49.27 -17.77 2.39
CA GLN F 6 -48.32 -18.14 3.43
C GLN F 6 -49.02 -18.89 4.56
N SER F 7 -48.21 -19.59 5.35
CA SER F 7 -48.72 -20.31 6.51
C SER F 7 -49.13 -19.34 7.62
N GLY F 8 -49.77 -19.88 8.65
CA GLY F 8 -50.41 -19.07 9.66
C GLY F 8 -49.45 -18.50 10.69
N ALA F 9 -50.01 -17.68 11.58
CA ALA F 9 -49.22 -17.03 12.62
C ALA F 9 -48.55 -18.06 13.51
N GLU F 10 -47.39 -17.68 14.05
CA GLU F 10 -46.60 -18.55 14.90
C GLU F 10 -46.14 -17.82 16.14
N VAL F 11 -46.13 -18.51 17.27
CA VAL F 11 -45.55 -18.01 18.51
C VAL F 11 -44.42 -18.96 18.90
N LYS F 12 -43.26 -18.40 19.22
CA LYS F 12 -42.07 -19.18 19.47
C LYS F 12 -41.34 -18.65 20.69
N LYS F 13 -40.69 -19.56 21.42
CA LYS F 13 -39.83 -19.18 22.52
C LYS F 13 -38.46 -18.78 21.98
N PRO F 14 -37.76 -17.87 22.67
CA PRO F 14 -36.41 -17.52 22.24
C PRO F 14 -35.52 -18.75 22.16
N GLY F 15 -34.69 -18.80 21.12
CA GLY F 15 -33.83 -19.93 20.87
C GLY F 15 -34.43 -21.01 19.99
N ALA F 16 -35.75 -21.00 19.81
CA ALA F 16 -36.41 -21.97 18.94
C ALA F 16 -36.21 -21.57 17.48
N SER F 17 -36.89 -22.26 16.58
CA SER F 17 -36.84 -21.96 15.16
CA SER F 17 -36.83 -21.98 15.16
C SER F 17 -38.25 -21.93 14.60
N VAL F 18 -38.41 -21.24 13.47
CA VAL F 18 -39.67 -21.14 12.78
C VAL F 18 -39.46 -21.45 11.31
N LYS F 19 -40.39 -22.19 10.72
CA LYS F 19 -40.38 -22.48 9.30
C LYS F 19 -41.69 -22.00 8.71
N ILE F 20 -41.61 -21.13 7.71
CA ILE F 20 -42.78 -20.51 7.10
C ILE F 20 -42.85 -20.94 5.64
N SER F 21 -44.06 -21.20 5.17
CA SER F 21 -44.28 -21.68 3.81
C SER F 21 -44.93 -20.59 2.97
N CYS F 22 -44.65 -20.62 1.66
CA CYS F 22 -45.21 -19.66 0.71
C CYS F 22 -45.59 -20.45 -0.54
N LYS F 23 -46.89 -20.72 -0.69
CA LYS F 23 -47.40 -21.52 -1.80
C LYS F 23 -47.76 -20.58 -2.96
N ALA F 24 -47.14 -20.80 -4.11
CA ALA F 24 -47.32 -19.96 -5.28
C ALA F 24 -48.27 -20.62 -6.27
N SER F 25 -49.12 -19.81 -6.89
CA SER F 25 -50.07 -20.30 -7.88
C SER F 25 -50.29 -19.22 -8.93
N GLY F 26 -50.65 -19.66 -10.14
CA GLY F 26 -51.01 -18.75 -11.20
C GLY F 26 -49.89 -18.32 -12.12
N TYR F 27 -48.72 -18.95 -12.03
CA TYR F 27 -47.59 -18.56 -12.86
C TYR F 27 -46.55 -19.66 -12.84
N THR F 28 -45.61 -19.59 -13.79
CA THR F 28 -44.53 -20.57 -13.86
C THR F 28 -43.62 -20.39 -12.65
N PHE F 29 -43.71 -21.32 -11.70
CA PHE F 29 -43.04 -21.16 -10.41
C PHE F 29 -41.54 -20.97 -10.58
N THR F 30 -40.91 -21.72 -11.48
CA THR F 30 -39.46 -21.77 -11.59
C THR F 30 -38.88 -20.63 -12.42
N SER F 31 -39.67 -19.67 -12.86
CA SER F 31 -39.20 -18.61 -13.75
C SER F 31 -38.98 -17.29 -13.05
N TYR F 32 -39.07 -17.25 -11.71
CA TYR F 32 -38.98 -15.97 -11.00
C TYR F 32 -38.32 -16.18 -9.64
N TYR F 33 -37.50 -15.20 -9.25
CA TYR F 33 -36.96 -15.17 -7.89
C TYR F 33 -38.10 -15.17 -6.87
N MET F 34 -37.81 -15.66 -5.68
CA MET F 34 -38.66 -15.46 -4.51
C MET F 34 -37.83 -14.77 -3.44
N HIS F 35 -38.29 -13.61 -2.98
CA HIS F 35 -37.67 -12.92 -1.86
C HIS F 35 -38.40 -13.25 -0.57
N TRP F 36 -37.70 -13.04 0.54
CA TRP F 36 -38.34 -12.97 1.85
C TRP F 36 -37.98 -11.62 2.47
N VAL F 37 -39.01 -10.90 2.89
CA VAL F 37 -38.86 -9.57 3.49
C VAL F 37 -39.67 -9.54 4.77
N ARG F 38 -39.07 -9.02 5.84
CA ARG F 38 -39.74 -8.95 7.12
C ARG F 38 -39.90 -7.51 7.57
N GLN F 39 -40.85 -7.30 8.48
CA GLN F 39 -41.19 -5.98 8.98
C GLN F 39 -41.50 -6.09 10.46
N ALA F 40 -40.59 -5.58 11.30
CA ALA F 40 -40.82 -5.59 12.73
C ALA F 40 -41.89 -4.55 13.09
N PRO F 41 -42.56 -4.73 14.23
CA PRO F 41 -43.65 -3.81 14.59
C PRO F 41 -43.18 -2.36 14.58
N GLY F 42 -43.91 -1.52 13.84
CA GLY F 42 -43.57 -0.11 13.76
C GLY F 42 -42.24 0.18 13.11
N GLN F 43 -41.67 -0.79 12.42
CA GLN F 43 -40.34 -0.67 11.82
C GLN F 43 -40.44 -0.60 10.30
N GLY F 44 -39.29 -0.45 9.66
CA GLY F 44 -39.19 -0.53 8.23
C GLY F 44 -38.95 -1.95 7.74
N LEU F 45 -38.78 -2.07 6.43
CA LEU F 45 -38.61 -3.38 5.81
C LEU F 45 -37.17 -3.84 5.93
N GLU F 46 -36.99 -5.16 6.05
CA GLU F 46 -35.68 -5.79 6.11
C GLU F 46 -35.68 -6.98 5.17
N TRP F 47 -34.96 -6.85 4.06
CA TRP F 47 -34.84 -7.94 3.09
C TRP F 47 -33.97 -9.06 3.65
N MET F 48 -34.45 -10.29 3.52
CA MET F 48 -33.74 -11.44 4.10
C MET F 48 -32.90 -12.20 3.07
N GLY F 49 -33.38 -12.37 1.85
CA GLY F 49 -32.62 -13.05 0.84
C GLY F 49 -33.48 -13.50 -0.32
N ILE F 50 -32.82 -14.15 -1.27
CA ILE F 50 -33.45 -14.65 -2.49
C ILE F 50 -33.22 -16.14 -2.60
N ILE F 51 -34.20 -16.86 -3.13
CA ILE F 51 -34.01 -18.24 -3.58
C ILE F 51 -34.46 -18.31 -5.04
N ASN F 52 -33.64 -18.92 -5.87
CA ASN F 52 -33.96 -19.14 -7.27
C ASN F 52 -34.65 -20.49 -7.41
N PRO F 53 -35.97 -20.53 -7.57
CA PRO F 53 -36.67 -21.83 -7.62
C PRO F 53 -36.16 -22.75 -8.71
N SER F 54 -35.54 -22.22 -9.76
CA SER F 54 -34.92 -23.05 -10.79
C SER F 54 -33.49 -23.35 -10.34
N GLY F 55 -33.33 -24.46 -9.62
CA GLY F 55 -32.04 -24.89 -9.11
C GLY F 55 -31.91 -24.79 -7.60
N GLY F 56 -32.72 -23.97 -6.95
CA GLY F 56 -32.68 -23.87 -5.51
C GLY F 56 -31.55 -23.05 -4.94
N GLY F 57 -30.74 -22.41 -5.78
CA GLY F 57 -29.69 -21.53 -5.27
C GLY F 57 -30.27 -20.38 -4.48
N THR F 58 -29.46 -19.85 -3.55
CA THR F 58 -29.92 -18.82 -2.64
C THR F 58 -28.84 -17.76 -2.46
N SER F 59 -29.25 -16.63 -1.88
CA SER F 59 -28.34 -15.57 -1.48
C SER F 59 -29.00 -14.80 -0.34
N TYR F 60 -28.40 -14.85 0.84
CA TYR F 60 -28.98 -14.27 2.03
C TYR F 60 -28.32 -12.93 2.36
N ALA F 61 -29.08 -12.05 2.98
CA ALA F 61 -28.49 -10.87 3.60
C ALA F 61 -27.51 -11.30 4.68
N GLN F 62 -26.35 -10.65 4.72
CA GLN F 62 -25.29 -11.08 5.63
C GLN F 62 -25.77 -11.09 7.07
N LYS F 63 -26.67 -10.17 7.43
CA LYS F 63 -27.18 -10.13 8.80
C LYS F 63 -27.79 -11.45 9.23
N PHE F 64 -28.36 -12.19 8.28
CA PHE F 64 -29.00 -13.46 8.58
C PHE F 64 -28.18 -14.67 8.16
N GLN F 65 -27.03 -14.46 7.53
CA GLN F 65 -26.20 -15.58 7.10
C GLN F 65 -25.85 -16.46 8.28
N GLY F 66 -26.30 -17.70 8.25
CA GLY F 66 -26.01 -18.64 9.32
C GLY F 66 -27.22 -19.26 9.96
N ARG F 67 -28.30 -18.49 10.13
CA ARG F 67 -29.49 -18.99 10.78
C ARG F 67 -30.75 -18.93 9.92
N VAL F 68 -30.66 -18.46 8.69
CA VAL F 68 -31.77 -18.50 7.75
C VAL F 68 -31.46 -19.52 6.67
N THR F 69 -32.48 -20.27 6.26
CA THR F 69 -32.35 -21.25 5.19
C THR F 69 -33.63 -21.22 4.37
N MET F 70 -33.48 -20.94 3.07
CA MET F 70 -34.60 -20.93 2.15
C MET F 70 -34.53 -22.14 1.24
N THR F 71 -35.64 -22.88 1.14
CA THR F 71 -35.74 -24.04 0.28
C THR F 71 -36.99 -23.91 -0.57
N ARG F 72 -37.08 -24.73 -1.62
CA ARG F 72 -38.23 -24.73 -2.50
C ARG F 72 -38.58 -26.16 -2.86
N ASP F 73 -39.88 -26.45 -2.83
CA ASP F 73 -40.41 -27.75 -3.26
C ASP F 73 -41.18 -27.49 -4.56
N THR F 74 -40.54 -27.81 -5.68
CA THR F 74 -41.10 -27.44 -6.98
C THR F 74 -42.30 -28.29 -7.38
N SER F 75 -42.47 -29.48 -6.79
CA SER F 75 -43.63 -30.28 -7.12
C SER F 75 -44.92 -29.67 -6.57
N THR F 76 -44.82 -28.90 -5.49
CA THR F 76 -45.97 -28.22 -4.90
C THR F 76 -45.91 -26.71 -5.07
N SER F 77 -44.87 -26.17 -5.72
CA SER F 77 -44.76 -24.74 -5.96
C SER F 77 -44.77 -23.95 -4.66
N THR F 78 -44.04 -24.45 -3.65
CA THR F 78 -43.98 -23.84 -2.34
C THR F 78 -42.55 -23.45 -2.01
N VAL F 79 -42.37 -22.24 -1.48
CA VAL F 79 -41.09 -21.78 -0.98
C VAL F 79 -41.15 -21.81 0.54
N TYR F 80 -40.03 -22.17 1.17
CA TYR F 80 -39.94 -22.24 2.62
C TYR F 80 -38.82 -21.33 3.12
N MET F 81 -39.04 -20.72 4.28
CA MET F 81 -38.02 -19.93 4.96
C MET F 81 -37.95 -20.39 6.41
N GLU F 82 -36.76 -20.77 6.85
CA GLU F 82 -36.53 -21.20 8.22
C GLU F 82 -35.52 -20.30 8.88
N LEU F 83 -35.88 -19.75 10.04
CA LEU F 83 -35.00 -18.91 10.84
C LEU F 83 -34.80 -19.57 12.20
N THR F 84 -33.54 -19.78 12.57
CA THR F 84 -33.21 -20.52 13.78
C THR F 84 -32.55 -19.60 14.80
N SER F 85 -32.41 -20.12 16.02
CA SER F 85 -31.88 -19.35 17.15
C SER F 85 -32.64 -18.03 17.30
N LEU F 86 -33.96 -18.13 17.27
CA LEU F 86 -34.81 -16.94 17.30
C LEU F 86 -34.54 -16.09 18.54
N ARG F 87 -34.54 -14.78 18.34
CA ARG F 87 -34.45 -13.81 19.43
C ARG F 87 -35.67 -12.91 19.39
N SER F 88 -35.85 -12.14 20.46
CA SER F 88 -37.08 -11.34 20.60
C SER F 88 -37.20 -10.32 19.47
N ASP F 89 -36.10 -9.78 18.97
CA ASP F 89 -36.17 -8.82 17.88
C ASP F 89 -36.37 -9.49 16.52
N ASP F 90 -36.61 -10.80 16.49
CA ASP F 90 -37.12 -11.46 15.31
C ASP F 90 -38.63 -11.39 15.21
N THR F 91 -39.29 -10.88 16.25
CA THR F 91 -40.72 -10.62 16.19
C THR F 91 -41.02 -9.65 15.04
N ALA F 92 -41.82 -10.09 14.10
CA ALA F 92 -42.08 -9.28 12.91
C ALA F 92 -43.10 -10.00 12.04
N VAL F 93 -43.59 -9.29 11.03
CA VAL F 93 -44.37 -9.88 9.96
C VAL F 93 -43.42 -10.28 8.85
N TYR F 94 -43.47 -11.54 8.45
CA TYR F 94 -42.61 -12.06 7.39
C TYR F 94 -43.40 -12.18 6.11
N TYR F 95 -42.86 -11.60 5.04
CA TYR F 95 -43.51 -11.60 3.74
C TYR F 95 -42.68 -12.39 2.74
N CYS F 96 -43.37 -13.16 1.91
CA CYS F 96 -42.76 -13.77 0.74
CA CYS F 96 -42.77 -13.79 0.74
C CYS F 96 -43.21 -12.99 -0.49
N ALA F 97 -42.27 -12.75 -1.40
CA ALA F 97 -42.55 -11.89 -2.54
C ALA F 97 -41.93 -12.45 -3.81
N LYS F 98 -42.69 -12.42 -4.90
CA LYS F 98 -42.24 -12.91 -6.19
C LYS F 98 -41.64 -11.75 -6.99
N ASP F 99 -40.47 -12.00 -7.57
CA ASP F 99 -39.79 -11.00 -8.38
C ASP F 99 -40.31 -11.04 -9.82
N ARG F 100 -40.07 -9.95 -10.54
CA ARG F 100 -40.46 -9.88 -11.94
C ARG F 100 -39.52 -10.66 -12.85
N VAL F 101 -38.30 -10.97 -12.39
CA VAL F 101 -37.31 -11.64 -13.22
C VAL F 101 -36.49 -12.61 -12.38
N THR F 102 -35.46 -13.20 -12.98
CA THR F 102 -34.47 -14.03 -12.30
C THR F 102 -33.07 -13.61 -12.71
N ILE F 103 -32.83 -12.29 -12.70
CA ILE F 103 -31.58 -11.71 -13.16
C ILE F 103 -31.04 -10.79 -12.09
N PHE F 104 -29.74 -10.90 -11.80
CA PHE F 104 -29.04 -10.02 -10.85
C PHE F 104 -29.78 -10.08 -9.52
N TRP F 105 -30.21 -8.96 -8.95
CA TRP F 105 -30.97 -8.96 -7.71
C TRP F 105 -32.45 -8.74 -7.94
N GLY F 106 -32.96 -9.08 -9.12
CA GLY F 106 -34.35 -8.86 -9.46
C GLY F 106 -34.58 -7.52 -10.14
N ASN F 107 -35.85 -7.24 -10.40
CA ASN F 107 -36.25 -5.97 -10.98
C ASN F 107 -37.69 -5.66 -10.55
N GLY F 108 -37.90 -5.61 -9.24
CA GLY F 108 -39.22 -5.33 -8.70
C GLY F 108 -39.93 -6.57 -8.23
N MET F 109 -40.58 -6.48 -7.06
CA MET F 109 -41.33 -7.58 -6.48
C MET F 109 -42.81 -7.29 -6.72
N ASP F 110 -43.38 -7.93 -7.74
CA ASP F 110 -44.70 -7.55 -8.22
C ASP F 110 -45.85 -8.27 -7.53
N VAL F 111 -45.59 -9.38 -6.83
CA VAL F 111 -46.65 -10.11 -6.14
C VAL F 111 -46.15 -10.47 -4.74
N TRP F 112 -46.99 -10.21 -3.73
CA TRP F 112 -46.64 -10.40 -2.34
C TRP F 112 -47.64 -11.32 -1.66
N GLY F 113 -47.14 -12.20 -0.81
CA GLY F 113 -48.01 -12.96 0.06
C GLY F 113 -48.66 -12.09 1.11
N GLN F 114 -49.64 -12.68 1.80
CA GLN F 114 -50.36 -11.91 2.81
C GLN F 114 -49.55 -11.68 4.08
N GLY F 115 -48.40 -12.32 4.21
CA GLY F 115 -47.57 -12.10 5.39
C GLY F 115 -47.85 -13.10 6.49
N THR F 116 -46.85 -13.31 7.33
CA THR F 116 -46.94 -14.25 8.46
C THR F 116 -46.41 -13.57 9.70
N THR F 117 -47.24 -13.44 10.72
CA THR F 117 -46.80 -12.89 12.00
C THR F 117 -46.05 -13.95 12.79
N VAL F 118 -44.92 -13.54 13.38
CA VAL F 118 -44.13 -14.41 14.24
C VAL F 118 -43.76 -13.63 15.48
N THR F 119 -44.21 -14.12 16.64
CA THR F 119 -43.91 -13.51 17.93
C THR F 119 -42.93 -14.39 18.69
N VAL F 120 -41.81 -13.80 19.10
CA VAL F 120 -40.76 -14.50 19.84
C VAL F 120 -40.75 -13.94 21.25
N SER F 121 -41.10 -14.78 22.22
CA SER F 121 -41.28 -14.31 23.59
C SER F 121 -41.25 -15.50 24.53
N SER F 122 -40.71 -15.25 25.72
CA SER F 122 -40.76 -16.25 26.80
C SER F 122 -42.14 -16.33 27.42
N ALA F 123 -43.11 -15.59 26.88
CA ALA F 123 -44.44 -15.51 27.46
C ALA F 123 -45.31 -16.70 27.06
N SER F 124 -46.16 -17.13 27.98
CA SER F 124 -47.17 -18.13 27.73
C SER F 124 -48.52 -17.46 27.45
N THR F 125 -49.37 -18.20 26.74
CA THR F 125 -50.70 -17.69 26.41
C THR F 125 -51.45 -17.29 27.66
N LYS F 126 -52.10 -16.13 27.61
CA LYS F 126 -52.86 -15.61 28.74
C LYS F 126 -53.99 -14.74 28.23
N GLY F 127 -55.20 -14.99 28.72
CA GLY F 127 -56.35 -14.19 28.38
C GLY F 127 -56.30 -12.84 29.07
N PRO F 128 -56.95 -11.84 28.48
CA PRO F 128 -56.88 -10.48 29.03
C PRO F 128 -57.81 -10.28 30.22
N SER F 129 -57.50 -9.24 30.98
CA SER F 129 -58.44 -8.65 31.92
C SER F 129 -59.07 -7.42 31.26
N VAL F 130 -60.36 -7.22 31.50
CA VAL F 130 -61.10 -6.12 30.90
C VAL F 130 -61.59 -5.23 32.03
N PHE F 131 -61.00 -4.04 32.15
CA PHE F 131 -61.43 -3.07 33.14
C PHE F 131 -62.15 -1.91 32.46
N PRO F 132 -63.18 -1.36 33.10
CA PRO F 132 -63.94 -0.28 32.47
C PRO F 132 -63.23 1.06 32.59
N LEU F 133 -63.47 1.90 31.59
CA LEU F 133 -63.06 3.31 31.61
C LEU F 133 -64.34 4.12 31.71
N ALA F 134 -64.75 4.40 32.95
CA ALA F 134 -66.09 4.87 33.24
C ALA F 134 -66.26 6.35 32.86
N PRO F 135 -67.36 6.70 32.22
CA PRO F 135 -67.69 8.13 32.06
C PRO F 135 -68.04 8.74 33.42
N SER F 136 -67.78 10.04 33.55
CA SER F 136 -68.01 10.71 34.80
C SER F 136 -68.41 12.16 34.54
N SER F 137 -69.12 12.75 35.51
CA SER F 137 -69.59 14.12 35.37
C SER F 137 -68.43 15.09 35.19
N LYS F 138 -67.33 14.88 35.93
CA LYS F 138 -66.15 15.72 35.73
C LYS F 138 -65.55 15.50 34.35
N SER F 139 -65.73 14.31 33.77
CA SER F 139 -65.08 13.98 32.50
C SER F 139 -65.87 14.46 31.30
N THR F 140 -67.18 14.63 31.43
CA THR F 140 -68.00 15.01 30.29
C THR F 140 -67.64 16.42 29.82
N SER F 141 -67.65 16.61 28.49
CA SER F 141 -67.27 17.89 27.89
C SER F 141 -68.32 18.28 26.86
N GLY F 142 -69.11 19.31 27.17
CA GLY F 142 -70.06 19.87 26.23
C GLY F 142 -71.07 18.88 25.68
N GLY F 143 -71.68 18.09 26.55
CA GLY F 143 -72.69 17.14 26.13
C GLY F 143 -72.16 15.84 25.56
N THR F 144 -70.84 15.69 25.46
CA THR F 144 -70.23 14.47 24.94
C THR F 144 -69.46 13.78 26.06
N ALA F 145 -69.72 12.49 26.25
CA ALA F 145 -69.05 11.67 27.25
C ALA F 145 -68.11 10.70 26.57
N ALA F 146 -66.96 10.47 27.19
CA ALA F 146 -65.96 9.53 26.69
C ALA F 146 -65.91 8.33 27.63
N LEU F 147 -66.06 7.14 27.06
CA LEU F 147 -66.02 5.90 27.83
C LEU F 147 -65.30 4.83 27.01
N GLY F 148 -64.95 3.75 27.68
CA GLY F 148 -64.29 2.63 27.02
C GLY F 148 -63.97 1.56 28.04
N CYS F 149 -63.22 0.56 27.60
CA CYS F 149 -62.69 -0.42 28.54
C CYS F 149 -61.27 -0.79 28.14
N LEU F 150 -60.49 -1.18 29.13
CA LEU F 150 -59.06 -1.44 29.00
C LEU F 150 -58.82 -2.95 28.98
N VAL F 151 -58.20 -3.44 27.92
CA VAL F 151 -57.95 -4.86 27.73
C VAL F 151 -56.48 -5.10 28.06
N LYS F 152 -56.21 -5.54 29.29
CA LYS F 152 -54.87 -5.55 29.85
C LYS F 152 -54.35 -6.96 30.08
N ASP F 153 -53.05 -7.13 29.84
CA ASP F 153 -52.31 -8.33 30.26
C ASP F 153 -52.77 -9.58 29.51
N TYR F 154 -52.58 -9.57 28.19
CA TYR F 154 -52.86 -10.73 27.37
C TYR F 154 -51.66 -11.06 26.51
N PHE F 155 -51.61 -12.30 26.03
CA PHE F 155 -50.57 -12.77 25.14
C PHE F 155 -51.03 -14.04 24.43
N PRO F 156 -50.80 -14.15 23.11
CA PRO F 156 -50.20 -13.09 22.30
C PRO F 156 -51.26 -12.25 21.61
N GLU F 157 -50.86 -11.46 20.63
CA GLU F 157 -51.83 -10.80 19.77
C GLU F 157 -52.53 -11.86 18.91
N PRO F 158 -53.74 -11.56 18.42
CA PRO F 158 -54.48 -10.32 18.61
C PRO F 158 -55.64 -10.41 19.58
N VAL F 159 -56.30 -9.28 19.81
CA VAL F 159 -57.57 -9.21 20.51
C VAL F 159 -58.55 -8.45 19.64
N THR F 160 -59.83 -8.80 19.74
CA THR F 160 -60.89 -8.10 19.05
C THR F 160 -61.78 -7.41 20.08
N VAL F 161 -62.25 -6.21 19.74
CA VAL F 161 -63.11 -5.43 20.62
C VAL F 161 -64.23 -4.84 19.78
N SER F 162 -65.47 -5.11 20.17
CA SER F 162 -66.65 -4.49 19.60
C SER F 162 -67.43 -3.80 20.72
N TRP F 163 -68.40 -2.99 20.32
CA TRP F 163 -69.23 -2.27 21.27
C TRP F 163 -70.70 -2.56 21.00
N ASN F 164 -71.44 -2.81 22.08
CA ASN F 164 -72.84 -3.22 21.98
C ASN F 164 -73.01 -4.32 20.93
N SER F 165 -72.06 -5.24 20.92
CA SER F 165 -72.08 -6.40 20.02
C SER F 165 -72.14 -5.98 18.55
N GLY F 166 -71.62 -4.79 18.24
CA GLY F 166 -71.54 -4.31 16.88
C GLY F 166 -72.52 -3.21 16.54
N ALA F 167 -73.44 -2.86 17.43
CA ALA F 167 -74.41 -1.82 17.13
C ALA F 167 -73.76 -0.43 17.11
N LEU F 168 -72.74 -0.22 17.95
CA LEU F 168 -72.11 1.09 18.11
C LEU F 168 -70.75 1.06 17.42
N THR F 169 -70.66 1.72 16.26
CA THR F 169 -69.42 1.83 15.52
C THR F 169 -68.94 3.27 15.37
N SER F 170 -69.85 4.25 15.33
CA SER F 170 -69.45 5.64 15.17
C SER F 170 -68.77 6.15 16.43
N GLY F 171 -67.66 6.86 16.24
CA GLY F 171 -66.90 7.40 17.35
C GLY F 171 -66.02 6.39 18.07
N VAL F 172 -65.95 5.16 17.61
CA VAL F 172 -65.13 4.14 18.24
C VAL F 172 -63.67 4.35 17.86
N HIS F 173 -62.79 4.25 18.85
CA HIS F 173 -61.34 4.31 18.63
C HIS F 173 -60.71 3.16 19.41
N THR F 174 -60.30 2.11 18.70
CA THR F 174 -59.58 0.99 19.30
C THR F 174 -58.10 1.16 18.97
N PHE F 175 -57.29 1.32 20.01
CA PHE F 175 -55.89 1.70 19.84
C PHE F 175 -55.01 0.48 19.60
N PRO F 176 -53.89 0.66 18.90
CA PRO F 176 -52.92 -0.43 18.76
C PRO F 176 -52.39 -0.84 20.12
N ALA F 177 -52.15 -2.14 20.27
CA ALA F 177 -51.66 -2.66 21.54
C ALA F 177 -50.23 -2.20 21.81
N VAL F 178 -49.90 -2.07 23.08
CA VAL F 178 -48.54 -1.78 23.52
C VAL F 178 -48.05 -2.96 24.34
N LEU F 179 -46.77 -3.29 24.17
CA LEU F 179 -46.15 -4.38 24.91
C LEU F 179 -45.57 -3.84 26.21
N GLN F 180 -45.91 -4.48 27.33
CA GLN F 180 -45.49 -4.03 28.64
C GLN F 180 -44.22 -4.76 29.07
N SER F 181 -43.57 -4.20 30.09
CA SER F 181 -42.35 -4.79 30.62
C SER F 181 -42.58 -6.24 31.03
N SER F 182 -43.79 -6.58 31.48
CA SER F 182 -44.11 -7.94 31.87
C SER F 182 -44.10 -8.91 30.70
N GLY F 183 -44.06 -8.42 29.48
CA GLY F 183 -44.16 -9.26 28.29
C GLY F 183 -45.58 -9.50 27.82
N LEU F 184 -46.57 -8.91 28.47
CA LEU F 184 -47.96 -9.04 28.09
C LEU F 184 -48.44 -7.77 27.41
N TYR F 185 -49.40 -7.91 26.50
CA TYR F 185 -49.94 -6.79 25.75
C TYR F 185 -51.05 -6.09 26.54
N SER F 186 -51.44 -4.92 26.04
CA SER F 186 -52.55 -4.18 26.61
C SER F 186 -52.97 -3.11 25.60
N LEU F 187 -54.28 -3.00 25.37
CA LEU F 187 -54.82 -1.96 24.50
C LEU F 187 -56.11 -1.43 25.10
N SER F 188 -56.47 -0.23 24.69
CA SER F 188 -57.69 0.42 25.12
C SER F 188 -58.59 0.68 23.93
N SER F 189 -59.89 0.59 24.16
CA SER F 189 -60.90 0.94 23.17
C SER F 189 -61.84 1.95 23.80
N VAL F 190 -62.06 3.06 23.12
CA VAL F 190 -62.88 4.15 23.64
C VAL F 190 -63.92 4.55 22.61
N VAL F 191 -64.95 5.26 23.09
CA VAL F 191 -66.02 5.75 22.24
C VAL F 191 -66.60 7.00 22.89
N THR F 192 -66.92 7.99 22.06
CA THR F 192 -67.58 9.20 22.50
C THR F 192 -69.07 9.09 22.19
N VAL F 193 -69.90 9.40 23.18
CA VAL F 193 -71.35 9.33 23.03
C VAL F 193 -71.98 10.54 23.69
N PRO F 194 -73.23 10.84 23.35
CA PRO F 194 -73.93 11.93 24.04
C PRO F 194 -74.11 11.59 25.51
N SER F 195 -73.70 12.52 26.37
CA SER F 195 -73.98 12.36 27.80
C SER F 195 -75.46 12.15 28.05
N SER F 196 -76.32 12.57 27.11
CA SER F 196 -77.74 12.27 27.20
C SER F 196 -77.99 10.77 27.27
N SER F 197 -77.23 9.99 26.50
CA SER F 197 -77.48 8.56 26.40
C SER F 197 -77.11 7.80 27.67
N LEU F 198 -76.26 8.37 28.52
CA LEU F 198 -75.93 7.71 29.77
C LEU F 198 -77.17 7.61 30.65
N GLY F 199 -77.47 6.39 31.10
CA GLY F 199 -78.68 6.10 31.84
C GLY F 199 -79.80 5.57 30.97
N THR F 200 -79.85 5.98 29.70
CA THR F 200 -80.85 5.46 28.76
C THR F 200 -80.32 4.27 27.97
N GLN F 201 -79.08 4.36 27.50
CA GLN F 201 -78.47 3.31 26.68
C GLN F 201 -77.31 2.69 27.43
N THR F 202 -77.30 1.35 27.50
CA THR F 202 -76.19 0.65 28.10
C THR F 202 -75.07 0.47 27.09
N TYR F 203 -73.83 0.47 27.60
CA TYR F 203 -72.65 0.36 26.76
C TYR F 203 -71.82 -0.82 27.22
N ILE F 204 -71.69 -1.82 26.36
CA ILE F 204 -71.01 -3.08 26.68
C ILE F 204 -69.85 -3.23 25.72
N CYS F 205 -68.67 -3.56 26.25
CA CYS F 205 -67.53 -3.85 25.39
C CYS F 205 -67.35 -5.36 25.28
N ASN F 206 -67.16 -5.82 24.05
CA ASN F 206 -67.10 -7.25 23.70
C ASN F 206 -65.67 -7.56 23.31
N VAL F 207 -64.93 -8.18 24.23
CA VAL F 207 -63.53 -8.48 24.04
C VAL F 207 -63.37 -9.97 23.74
N ASN F 208 -62.63 -10.29 22.70
CA ASN F 208 -62.38 -11.67 22.32
C ASN F 208 -60.90 -11.88 22.11
N HIS F 209 -60.35 -12.92 22.73
CA HIS F 209 -58.95 -13.30 22.61
C HIS F 209 -58.91 -14.79 22.31
N LYS F 210 -58.95 -15.14 21.03
CA LYS F 210 -59.08 -16.54 20.63
C LYS F 210 -57.84 -17.37 20.99
N PRO F 211 -56.64 -16.80 20.93
CA PRO F 211 -55.47 -17.57 21.39
C PRO F 211 -55.67 -18.25 22.73
N SER F 212 -56.42 -17.62 23.64
CA SER F 212 -56.75 -18.21 24.93
C SER F 212 -58.21 -18.61 25.02
N ASN F 213 -58.96 -18.50 23.92
CA ASN F 213 -60.40 -18.75 23.92
C ASN F 213 -61.10 -18.01 25.06
N THR F 214 -60.75 -16.74 25.21
CA THR F 214 -61.35 -15.87 26.21
C THR F 214 -62.36 -14.94 25.54
N LYS F 215 -63.56 -14.87 26.12
CA LYS F 215 -64.58 -13.92 25.69
C LYS F 215 -65.08 -13.19 26.92
N VAL F 216 -65.15 -11.86 26.82
CA VAL F 216 -65.55 -11.03 27.95
C VAL F 216 -66.47 -9.92 27.44
N ASP F 217 -67.63 -9.80 28.07
CA ASP F 217 -68.56 -8.71 27.81
C ASP F 217 -68.63 -7.87 29.09
N LYS F 218 -67.96 -6.73 29.09
CA LYS F 218 -67.91 -5.85 30.25
C LYS F 218 -68.79 -4.63 30.02
N LYS F 219 -69.65 -4.35 30.99
CA LYS F 219 -70.54 -3.20 30.92
C LYS F 219 -69.87 -2.01 31.60
N VAL F 220 -69.65 -0.94 30.83
CA VAL F 220 -69.07 0.29 31.35
C VAL F 220 -70.22 1.17 31.82
N GLU F 221 -70.30 1.39 33.12
CA GLU F 221 -71.38 2.16 33.71
C GLU F 221 -70.89 3.51 34.21
N PRO F 222 -71.73 4.54 34.16
CA PRO F 222 -71.33 5.84 34.69
C PRO F 222 -70.99 5.75 36.17
N LYS F 223 -70.14 6.67 36.62
CA LYS F 223 -69.72 6.71 38.01
C LYS F 223 -70.32 7.92 38.73
N ASP G 1 -22.86 -1.55 2.90
CA ASP G 1 -24.29 -1.55 2.61
C ASP G 1 -24.74 -0.17 2.14
N ILE G 2 -25.69 -0.15 1.22
CA ILE G 2 -26.28 1.11 0.76
C ILE G 2 -27.30 1.58 1.78
N VAL G 3 -27.30 2.88 2.04
CA VAL G 3 -28.24 3.51 2.96
C VAL G 3 -29.22 4.33 2.13
N MET G 4 -30.51 4.04 2.29
CA MET G 4 -31.57 4.76 1.59
C MET G 4 -32.25 5.71 2.57
N THR G 5 -32.20 7.01 2.28
CA THR G 5 -32.76 8.04 3.14
C THR G 5 -33.94 8.69 2.44
N GLN G 6 -35.12 8.60 3.06
CA GLN G 6 -36.34 9.17 2.48
C GLN G 6 -36.70 10.48 3.15
N SER G 7 -37.14 11.44 2.33
CA SER G 7 -37.57 12.76 2.78
C SER G 7 -38.93 13.06 2.17
N PRO G 8 -39.89 13.57 2.96
CA PRO G 8 -39.87 13.74 4.40
C PRO G 8 -40.34 12.48 5.10
N VAL G 9 -40.31 12.46 6.45
CA VAL G 9 -40.80 11.28 7.16
C VAL G 9 -42.31 11.19 7.08
N SER G 10 -43.00 12.33 7.13
CA SER G 10 -44.44 12.40 6.98
C SER G 10 -44.79 13.59 6.12
N LEU G 11 -45.77 13.41 5.22
CA LEU G 11 -46.19 14.44 4.29
C LEU G 11 -47.71 14.58 4.34
N ALA G 12 -48.17 15.80 4.59
CA ALA G 12 -49.60 16.11 4.62
C ALA G 12 -49.96 16.87 3.35
N VAL G 13 -50.87 16.32 2.57
CA VAL G 13 -51.28 16.91 1.30
C VAL G 13 -52.80 16.93 1.23
N SER G 14 -53.34 18.05 0.73
CA SER G 14 -54.78 18.13 0.52
C SER G 14 -55.18 17.28 -0.68
N LEU G 15 -56.40 16.76 -0.65
CA LEU G 15 -56.89 15.96 -1.76
C LEU G 15 -56.81 16.75 -3.05
N GLY G 16 -56.49 16.06 -4.14
CA GLY G 16 -56.29 16.68 -5.43
C GLY G 16 -54.97 17.39 -5.62
N GLU G 17 -54.25 17.70 -4.54
CA GLU G 17 -52.98 18.40 -4.64
C GLU G 17 -51.84 17.41 -4.89
N ARG G 18 -50.63 17.95 -5.03
CA ARG G 18 -49.47 17.20 -5.48
C ARG G 18 -48.66 16.70 -4.28
N ALA G 19 -48.22 15.45 -4.35
CA ALA G 19 -47.34 14.87 -3.35
C ALA G 19 -46.05 14.43 -4.03
N THR G 20 -44.92 14.89 -3.50
CA THR G 20 -43.61 14.49 -3.99
C THR G 20 -42.76 14.03 -2.83
N ILE G 21 -42.23 12.81 -2.93
CA ILE G 21 -41.38 12.22 -1.91
C ILE G 21 -39.99 12.02 -2.47
N LYS G 22 -38.98 12.23 -1.64
CA LYS G 22 -37.59 12.12 -2.04
C LYS G 22 -36.96 10.87 -1.43
N CYS G 23 -36.09 10.23 -2.19
CA CYS G 23 -35.27 9.14 -1.71
C CYS G 23 -33.85 9.37 -2.17
N LYS G 24 -32.90 9.31 -1.23
CA LYS G 24 -31.49 9.51 -1.50
C LYS G 24 -30.73 8.24 -1.16
N SER G 25 -29.90 7.77 -2.10
CA SER G 25 -29.09 6.59 -1.89
C SER G 25 -27.64 6.99 -1.65
N SER G 26 -27.00 6.37 -0.66
CA SER G 26 -25.62 6.68 -0.34
C SER G 26 -24.66 6.28 -1.44
N GLN G 27 -25.09 5.43 -2.37
CA GLN G 27 -24.27 5.00 -3.50
C GLN G 27 -25.14 5.00 -4.75
N SER G 28 -24.52 5.35 -5.88
CA SER G 28 -25.25 5.39 -7.13
C SER G 28 -25.71 3.99 -7.52
N VAL G 29 -26.96 3.89 -7.96
CA VAL G 29 -27.52 2.63 -8.43
C VAL G 29 -27.74 2.65 -9.94
N LEU G 30 -27.06 3.55 -10.65
CA LEU G 30 -27.15 3.63 -12.10
C LEU G 30 -26.07 2.75 -12.72
N TYR G 31 -26.49 1.84 -13.60
CA TYR G 31 -25.58 0.94 -14.29
C TYR G 31 -25.47 1.39 -15.75
N SER G 32 -24.24 1.68 -16.19
CA SER G 32 -24.03 2.16 -17.55
C SER G 32 -24.21 1.07 -18.59
N SER G 33 -24.21 -0.21 -18.20
CA SER G 33 -24.35 -1.28 -19.19
C SER G 33 -25.72 -1.27 -19.84
N ASN G 34 -26.74 -0.83 -19.10
CA ASN G 34 -28.08 -0.68 -19.67
C ASN G 34 -28.71 0.67 -19.33
N ASN G 35 -27.95 1.57 -18.72
CA ASN G 35 -28.43 2.91 -18.38
C ASN G 35 -29.73 2.83 -17.57
N LYS G 36 -29.73 1.96 -16.56
CA LYS G 36 -30.89 1.76 -15.71
C LYS G 36 -30.52 2.00 -14.26
N ASN G 37 -31.43 2.65 -13.53
CA ASN G 37 -31.28 2.86 -12.09
C ASN G 37 -32.01 1.74 -11.37
N TYR G 38 -31.27 0.96 -10.58
CA TYR G 38 -31.86 -0.19 -9.89
C TYR G 38 -32.53 0.30 -8.60
N LEU G 39 -33.67 0.96 -8.80
CA LEU G 39 -34.38 1.68 -7.76
C LEU G 39 -35.87 1.43 -7.91
N GLY G 40 -36.54 1.04 -6.84
CA GLY G 40 -37.95 0.74 -6.88
C GLY G 40 -38.73 1.49 -5.82
N TRP G 41 -40.02 1.71 -6.11
CA TRP G 41 -40.94 2.38 -5.22
C TRP G 41 -42.09 1.44 -4.87
N TYR G 42 -42.47 1.43 -3.59
CA TYR G 42 -43.51 0.55 -3.10
C TYR G 42 -44.51 1.33 -2.24
N GLN G 43 -45.75 0.85 -2.23
CA GLN G 43 -46.81 1.42 -1.42
C GLN G 43 -47.31 0.38 -0.43
N GLN G 44 -47.52 0.79 0.82
CA GLN G 44 -48.04 -0.10 1.85
C GLN G 44 -49.16 0.60 2.60
N LYS G 45 -50.35 0.02 2.55
CA LYS G 45 -51.45 0.43 3.42
C LYS G 45 -51.47 -0.44 4.67
N PRO G 46 -52.11 0.03 5.74
CA PRO G 46 -52.08 -0.71 7.01
C PRO G 46 -52.56 -2.15 6.83
N GLY G 47 -51.90 -3.07 7.52
CA GLY G 47 -52.27 -4.46 7.51
C GLY G 47 -52.09 -5.18 6.19
N GLN G 48 -51.40 -4.58 5.23
CA GLN G 48 -51.21 -5.15 3.91
C GLN G 48 -49.73 -5.28 3.58
N PRO G 49 -49.38 -6.16 2.64
CA PRO G 49 -47.99 -6.21 2.16
C PRO G 49 -47.67 -5.03 1.26
N LEU G 50 -46.44 -4.96 0.76
CA LEU G 50 -46.08 -3.89 -0.16
C LEU G 50 -46.76 -4.09 -1.50
N ARG G 51 -46.87 -3.00 -2.26
CA ARG G 51 -47.41 -3.02 -3.61
C ARG G 51 -46.44 -2.29 -4.53
N LEU G 52 -45.96 -2.98 -5.56
CA LEU G 52 -44.97 -2.40 -6.46
C LEU G 52 -45.61 -1.32 -7.31
N LEU G 53 -45.04 -0.11 -7.26
CA LEU G 53 -45.50 1.02 -8.06
C LEU G 53 -44.56 1.33 -9.21
N ILE G 54 -43.25 1.40 -8.94
CA ILE G 54 -42.26 1.82 -9.91
C ILE G 54 -41.05 0.90 -9.79
N TYR G 55 -40.50 0.50 -10.94
CA TYR G 55 -39.22 -0.17 -10.99
C TYR G 55 -38.32 0.56 -11.98
N TRP G 56 -37.02 0.36 -11.82
CA TRP G 56 -36.01 1.08 -12.59
C TRP G 56 -36.27 2.58 -12.59
N ALA G 57 -36.74 3.07 -11.44
CA ALA G 57 -36.81 4.51 -11.16
C ALA G 57 -38.01 5.19 -11.79
N SER G 58 -38.32 4.87 -13.06
CA SER G 58 -39.33 5.63 -13.79
C SER G 58 -40.40 4.78 -14.47
N THR G 59 -40.25 3.47 -14.53
CA THR G 59 -41.20 2.61 -15.25
C THR G 59 -42.32 2.19 -14.32
N ARG G 60 -43.55 2.57 -14.67
CA ARG G 60 -44.71 2.24 -13.87
C ARG G 60 -45.09 0.77 -14.03
N GLU G 61 -45.41 0.13 -12.91
CA GLU G 61 -45.84 -1.27 -12.95
C GLU G 61 -47.24 -1.39 -13.54
N SER G 62 -47.51 -2.55 -14.13
CA SER G 62 -48.83 -2.80 -14.71
C SER G 62 -49.93 -2.59 -13.68
N GLY G 63 -50.95 -1.85 -14.08
CA GLY G 63 -52.09 -1.59 -13.22
C GLY G 63 -51.91 -0.48 -12.22
N VAL G 64 -50.85 0.31 -12.34
CA VAL G 64 -50.60 1.42 -11.43
C VAL G 64 -51.15 2.69 -12.05
N PRO G 65 -51.98 3.46 -11.34
CA PRO G 65 -52.58 4.66 -11.93
C PRO G 65 -51.52 5.63 -12.44
N ASP G 66 -51.88 6.35 -13.51
CA ASP G 66 -50.94 7.25 -14.18
C ASP G 66 -50.48 8.40 -13.29
N ARG G 67 -51.20 8.70 -12.22
CA ARG G 67 -50.81 9.82 -11.37
C ARG G 67 -49.53 9.54 -10.61
N PHE G 68 -49.13 8.28 -10.49
CA PHE G 68 -47.85 7.92 -9.88
C PHE G 68 -46.75 7.96 -10.94
N SER G 69 -45.67 8.67 -10.64
CA SER G 69 -44.53 8.71 -11.55
C SER G 69 -43.26 8.87 -10.73
N GLY G 70 -42.23 8.11 -11.12
CA GLY G 70 -40.92 8.19 -10.51
C GLY G 70 -39.93 8.87 -11.45
N SER G 71 -39.00 9.61 -10.87
CA SER G 71 -37.94 10.26 -11.62
C SER G 71 -36.67 10.25 -10.78
N GLY G 72 -35.58 10.73 -11.35
CA GLY G 72 -34.30 10.77 -10.68
C GLY G 72 -33.28 9.85 -11.35
N SER G 73 -32.05 9.95 -10.87
CA SER G 73 -30.96 9.15 -11.43
C SER G 73 -29.78 9.17 -10.47
N GLY G 74 -29.03 8.08 -10.48
CA GLY G 74 -27.84 7.96 -9.65
C GLY G 74 -28.15 7.76 -8.19
N THR G 75 -28.24 8.85 -7.43
CA THR G 75 -28.49 8.80 -5.99
C THR G 75 -29.73 9.57 -5.56
N ASP G 76 -30.24 10.50 -6.37
N ASP G 76 -30.24 10.50 -6.37
CA ASP G 76 -31.37 11.33 -5.99
CA ASP G 76 -31.38 11.33 -6.02
C ASP G 76 -32.59 10.90 -6.80
C ASP G 76 -32.59 10.86 -6.82
N PHE G 77 -33.62 10.43 -6.10
CA PHE G 77 -34.84 9.92 -6.74
C PHE G 77 -36.06 10.56 -6.10
N THR G 78 -37.14 10.62 -6.88
CA THR G 78 -38.36 11.28 -6.45
C THR G 78 -39.57 10.48 -6.91
N LEU G 79 -40.55 10.35 -6.03
CA LEU G 79 -41.85 9.79 -6.36
C LEU G 79 -42.90 10.89 -6.29
N THR G 80 -43.65 11.05 -7.37
CA THR G 80 -44.62 12.14 -7.48
C THR G 80 -46.02 11.56 -7.64
N ILE G 81 -46.95 12.06 -6.83
CA ILE G 81 -48.39 11.81 -7.01
C ILE G 81 -49.00 13.13 -7.47
N SER G 82 -49.44 13.18 -8.72
CA SER G 82 -49.88 14.44 -9.31
C SER G 82 -51.08 15.01 -8.55
N SER G 83 -52.11 14.19 -8.33
CA SER G 83 -53.31 14.62 -7.61
C SER G 83 -53.67 13.54 -6.60
N LEU G 84 -53.40 13.82 -5.33
CA LEU G 84 -53.61 12.82 -4.29
C LEU G 84 -55.08 12.44 -4.19
N GLN G 85 -55.32 11.13 -4.07
CA GLN G 85 -56.66 10.58 -3.85
C GLN G 85 -56.75 9.99 -2.45
N ALA G 86 -57.98 9.69 -2.03
CA ALA G 86 -58.18 9.13 -0.70
C ALA G 86 -57.52 7.77 -0.56
N GLU G 87 -57.48 6.98 -1.62
CA GLU G 87 -56.87 5.66 -1.58
C GLU G 87 -55.35 5.70 -1.78
N ASP G 88 -54.76 6.89 -1.79
CA ASP G 88 -53.31 7.04 -1.81
C ASP G 88 -52.72 7.29 -0.43
N VAL G 89 -53.56 7.46 0.59
CA VAL G 89 -53.09 7.57 1.95
C VAL G 89 -52.41 6.25 2.32
N ALA G 90 -51.10 6.31 2.56
CA ALA G 90 -50.33 5.12 2.84
C ALA G 90 -48.88 5.48 3.13
N VAL G 91 -48.06 4.49 3.44
CA VAL G 91 -46.62 4.67 3.57
C VAL G 91 -45.96 4.22 2.29
N TYR G 92 -45.00 5.00 1.80
CA TYR G 92 -44.30 4.71 0.56
C TYR G 92 -42.83 4.47 0.87
N TYR G 93 -42.28 3.40 0.30
CA TYR G 93 -40.90 3.01 0.53
C TYR G 93 -40.14 3.02 -0.80
N CYS G 94 -38.93 3.56 -0.77
CA CYS G 94 -38.01 3.31 -1.86
C CYS G 94 -37.17 2.08 -1.52
N HIS G 95 -36.56 1.50 -2.54
CA HIS G 95 -35.85 0.23 -2.39
C HIS G 95 -34.80 0.13 -3.49
N GLN G 96 -33.57 -0.16 -3.11
CA GLN G 96 -32.50 -0.40 -4.06
C GLN G 96 -32.26 -1.91 -4.19
N TYR G 97 -32.09 -2.35 -5.43
CA TYR G 97 -31.74 -3.74 -5.72
C TYR G 97 -30.50 -3.78 -6.59
N SER G 98 -29.47 -3.03 -6.17
CA SER G 98 -28.18 -2.97 -6.83
C SER G 98 -27.11 -3.79 -6.13
N THR G 99 -27.09 -3.79 -4.79
CA THR G 99 -26.09 -4.52 -4.03
C THR G 99 -26.73 -5.11 -2.78
N THR G 100 -26.19 -6.26 -2.36
CA THR G 100 -26.69 -6.93 -1.17
C THR G 100 -26.05 -6.31 0.07
N PRO G 101 -26.82 -6.13 1.16
CA PRO G 101 -28.25 -6.47 1.20
C PRO G 101 -29.12 -5.43 0.51
N LEU G 102 -30.22 -5.87 -0.09
CA LEU G 102 -31.15 -4.95 -0.75
C LEU G 102 -31.90 -4.16 0.32
N THR G 103 -31.65 -2.86 0.40
CA THR G 103 -32.10 -2.03 1.51
C THR G 103 -33.25 -1.13 1.09
N PHE G 104 -34.19 -0.94 2.00
CA PHE G 104 -35.31 -0.03 1.82
C PHE G 104 -35.03 1.31 2.50
N GLY G 105 -35.69 2.35 2.01
CA GLY G 105 -35.74 3.60 2.74
C GLY G 105 -36.62 3.48 3.96
N GLY G 106 -36.49 4.46 4.85
CA GLY G 106 -37.28 4.48 6.07
C GLY G 106 -38.76 4.68 5.84
N GLY G 107 -39.17 5.07 4.64
CA GLY G 107 -40.59 5.22 4.38
C GLY G 107 -41.07 6.64 4.59
N THR G 108 -42.10 7.01 3.84
CA THR G 108 -42.73 8.32 3.94
C THR G 108 -44.23 8.12 4.08
N LYS G 109 -44.79 8.54 5.20
CA LYS G 109 -46.23 8.42 5.44
C LYS G 109 -46.94 9.61 4.80
N VAL G 110 -47.80 9.33 3.83
CA VAL G 110 -48.59 10.36 3.15
C VAL G 110 -49.98 10.37 3.76
N GLU G 111 -50.38 11.53 4.27
CA GLU G 111 -51.65 11.69 4.96
C GLU G 111 -52.43 12.84 4.33
N ILE G 112 -53.70 12.95 4.72
CA ILE G 112 -54.55 14.04 4.25
C ILE G 112 -54.33 15.26 5.14
N LYS G 113 -54.00 16.39 4.52
CA LYS G 113 -53.89 17.64 5.25
C LYS G 113 -55.29 18.20 5.53
N ARG G 114 -55.51 18.62 6.77
CA ARG G 114 -56.77 19.26 7.17
C ARG G 114 -56.44 20.37 8.14
N THR G 115 -57.47 21.11 8.55
CA THR G 115 -57.27 22.24 9.45
C THR G 115 -56.85 21.77 10.83
N VAL G 116 -56.01 22.58 11.49
CA VAL G 116 -55.57 22.26 12.84
C VAL G 116 -56.77 22.11 13.76
N ALA G 117 -56.77 21.06 14.57
CA ALA G 117 -57.86 20.78 15.49
C ALA G 117 -57.28 20.39 16.84
N ALA G 118 -57.53 21.21 17.86
CA ALA G 118 -57.09 20.88 19.20
C ALA G 118 -57.83 19.63 19.69
N PRO G 119 -57.23 18.87 20.61
CA PRO G 119 -57.86 17.63 21.06
C PRO G 119 -58.81 17.83 22.23
N SER G 120 -59.83 16.97 22.26
CA SER G 120 -60.63 16.81 23.46
C SER G 120 -59.91 15.84 24.40
N VAL G 121 -59.71 16.25 25.64
CA VAL G 121 -58.93 15.50 26.60
C VAL G 121 -59.88 14.90 27.64
N PHE G 122 -59.70 13.61 27.92
CA PHE G 122 -60.45 12.90 28.94
C PHE G 122 -59.48 12.11 29.80
N ILE G 123 -59.72 12.09 31.11
CA ILE G 123 -58.90 11.34 32.05
C ILE G 123 -59.77 10.30 32.73
N PHE G 124 -59.20 9.13 32.99
CA PHE G 124 -59.93 8.00 33.56
C PHE G 124 -59.16 7.46 34.76
N PRO G 125 -59.70 7.54 35.97
CA PRO G 125 -59.05 6.92 37.12
C PRO G 125 -59.10 5.40 37.00
N PRO G 126 -58.35 4.68 37.83
CA PRO G 126 -58.37 3.22 37.74
C PRO G 126 -59.66 2.65 38.29
N SER G 127 -60.15 1.59 37.64
CA SER G 127 -61.27 0.85 38.17
C SER G 127 -60.95 0.28 39.54
N ASP G 128 -61.97 0.17 40.39
CA ASP G 128 -61.78 -0.52 41.66
C ASP G 128 -61.47 -2.00 41.44
N GLU G 129 -62.01 -2.58 40.36
CA GLU G 129 -61.70 -3.97 40.03
C GLU G 129 -60.20 -4.16 39.84
N GLN G 130 -59.56 -3.25 39.11
CA GLN G 130 -58.12 -3.37 38.87
C GLN G 130 -57.32 -3.12 40.15
N LEU G 131 -57.77 -2.17 40.97
CA LEU G 131 -57.07 -1.87 42.21
C LEU G 131 -56.97 -3.10 43.11
N LYS G 132 -58.02 -3.93 43.12
CA LYS G 132 -57.96 -5.18 43.86
C LYS G 132 -56.79 -6.03 43.39
N SER G 133 -56.50 -6.00 42.09
CA SER G 133 -55.44 -6.84 41.54
C SER G 133 -54.05 -6.42 42.02
N GLY G 134 -53.88 -5.17 42.43
CA GLY G 134 -52.60 -4.69 42.91
C GLY G 134 -51.91 -3.68 42.01
N THR G 135 -52.54 -3.27 40.92
CA THR G 135 -51.98 -2.29 40.01
C THR G 135 -53.05 -1.25 39.67
N ALA G 136 -52.59 -0.04 39.37
CA ALA G 136 -53.47 1.07 39.04
C ALA G 136 -53.10 1.60 37.66
N SER G 137 -54.04 1.53 36.73
CA SER G 137 -53.87 2.04 35.38
C SER G 137 -54.70 3.31 35.23
N VAL G 138 -54.02 4.43 34.97
CA VAL G 138 -54.67 5.72 34.71
C VAL G 138 -54.53 6.02 33.23
N VAL G 139 -55.64 6.30 32.57
CA VAL G 139 -55.67 6.48 31.13
C VAL G 139 -56.09 7.91 30.81
N CYS G 140 -55.43 8.49 29.81
CA CYS G 140 -55.71 9.85 29.34
C CYS G 140 -55.92 9.78 27.84
N LEU G 141 -57.09 10.21 27.38
CA LEU G 141 -57.46 10.13 25.97
C LEU G 141 -57.42 11.52 25.34
N LEU G 142 -56.70 11.64 24.24
CA LEU G 142 -56.71 12.83 23.39
C LEU G 142 -57.44 12.43 22.11
N ASN G 143 -58.62 13.02 21.89
CA ASN G 143 -59.53 12.54 20.85
C ASN G 143 -59.69 13.57 19.73
N ASN G 144 -59.62 13.09 18.50
CA ASN G 144 -59.99 13.85 17.30
C ASN G 144 -59.19 15.15 17.19
N PHE G 145 -57.87 15.00 17.16
CA PHE G 145 -56.99 16.15 17.01
C PHE G 145 -56.20 16.04 15.71
N TYR G 146 -55.54 17.14 15.36
CA TYR G 146 -54.67 17.24 14.19
C TYR G 146 -53.79 18.47 14.31
N PRO G 147 -52.50 18.38 13.95
CA PRO G 147 -51.90 17.17 13.39
C PRO G 147 -51.58 16.11 14.43
N ARG G 148 -50.83 15.07 14.02
CA ARG G 148 -50.61 13.92 14.88
C ARG G 148 -49.74 14.27 16.09
N GLU G 149 -48.78 15.17 15.92
CA GLU G 149 -47.81 15.44 16.98
C GLU G 149 -48.51 15.97 18.22
N ALA G 150 -48.24 15.34 19.36
CA ALA G 150 -48.82 15.74 20.64
C ALA G 150 -47.93 15.21 21.76
N LYS G 151 -47.95 15.91 22.89
CA LYS G 151 -47.15 15.52 24.05
C LYS G 151 -48.03 15.43 25.28
N VAL G 152 -47.89 14.33 26.01
CA VAL G 152 -48.63 14.08 27.24
C VAL G 152 -47.64 13.98 28.39
N GLN G 153 -47.87 14.73 29.46
CA GLN G 153 -47.03 14.71 30.64
C GLN G 153 -47.90 14.38 31.85
N TRP G 154 -47.52 13.33 32.57
CA TRP G 154 -48.26 12.93 33.77
C TRP G 154 -47.66 13.61 34.99
N LYS G 155 -48.51 14.20 35.82
CA LYS G 155 -48.12 14.81 37.07
C LYS G 155 -48.90 14.15 38.20
N VAL G 156 -48.18 13.61 39.18
CA VAL G 156 -48.77 12.98 40.35
C VAL G 156 -48.45 13.85 41.55
N ASP G 157 -49.49 14.42 42.17
CA ASP G 157 -49.29 15.42 43.22
C ASP G 157 -48.35 16.52 42.74
N ASN G 158 -48.53 16.93 41.48
CA ASN G 158 -47.71 17.94 40.82
C ASN G 158 -46.26 17.50 40.63
N ALA G 159 -46.00 16.20 40.66
CA ALA G 159 -44.66 15.65 40.44
C ALA G 159 -44.64 15.00 39.07
N LEU G 160 -43.79 15.50 38.19
CA LEU G 160 -43.72 14.96 36.82
C LEU G 160 -43.25 13.52 36.85
N GLN G 161 -43.97 12.66 36.12
CA GLN G 161 -43.64 11.25 36.03
C GLN G 161 -42.76 10.99 34.81
N SER G 162 -42.01 9.89 34.88
CA SER G 162 -41.13 9.50 33.78
C SER G 162 -40.89 7.99 33.84
N GLY G 163 -41.04 7.34 32.69
CA GLY G 163 -40.79 5.91 32.59
C GLY G 163 -41.96 5.01 32.93
N ASN G 164 -43.04 5.56 33.46
CA ASN G 164 -44.17 4.75 33.91
C ASN G 164 -45.41 4.95 33.04
N SER G 165 -45.25 5.43 31.81
CA SER G 165 -46.36 5.65 30.91
C SER G 165 -46.04 5.10 29.53
N GLN G 166 -47.09 4.71 28.80
CA GLN G 166 -46.98 4.23 27.44
C GLN G 166 -48.12 4.82 26.61
N GLU G 167 -47.87 4.99 25.31
CA GLU G 167 -48.82 5.63 24.42
C GLU G 167 -48.97 4.83 23.13
N SER G 168 -50.16 4.92 22.53
CA SER G 168 -50.39 4.47 21.17
C SER G 168 -51.33 5.46 20.50
N VAL G 169 -51.43 5.37 19.18
CA VAL G 169 -52.17 6.32 18.38
C VAL G 169 -52.92 5.58 17.28
N THR G 170 -54.11 6.07 16.95
CA THR G 170 -54.88 5.52 15.86
C THR G 170 -54.34 6.00 14.52
N GLU G 171 -54.79 5.34 13.45
CA GLU G 171 -54.53 5.85 12.12
C GLU G 171 -55.45 7.03 11.82
N GLN G 172 -55.13 7.77 10.76
CA GLN G 172 -55.97 8.90 10.38
C GLN G 172 -57.39 8.44 10.08
N ASP G 173 -58.36 9.14 10.66
CA ASP G 173 -59.74 8.70 10.55
C ASP G 173 -60.26 8.89 9.12
N SER G 174 -61.12 7.95 8.69
CA SER G 174 -61.64 8.00 7.33
C SER G 174 -62.57 9.18 7.11
N LYS G 175 -63.22 9.66 8.17
CA LYS G 175 -64.24 10.69 8.04
C LYS G 175 -63.66 12.10 8.19
N ASP G 176 -63.03 12.38 9.32
CA ASP G 176 -62.61 13.74 9.66
C ASP G 176 -61.10 13.95 9.61
N SER G 177 -60.32 12.94 9.22
CA SER G 177 -58.88 13.07 9.04
C SER G 177 -58.17 13.44 10.34
N THR G 178 -58.73 13.07 11.48
CA THR G 178 -58.12 13.38 12.76
C THR G 178 -57.44 12.14 13.34
N TYR G 179 -56.68 12.36 14.41
CA TYR G 179 -56.01 11.30 15.14
C TYR G 179 -56.53 11.27 16.57
N SER G 180 -56.33 10.14 17.23
CA SER G 180 -56.62 9.97 18.64
C SER G 180 -55.44 9.29 19.31
N LEU G 181 -55.22 9.62 20.57
CA LEU G 181 -54.07 9.10 21.30
C LEU G 181 -54.51 8.69 22.69
N SER G 182 -54.02 7.55 23.14
CA SER G 182 -54.23 7.07 24.50
C SER G 182 -52.87 7.00 25.20
N SER G 183 -52.82 7.54 26.42
CA SER G 183 -51.65 7.43 27.28
C SER G 183 -52.06 6.74 28.56
N THR G 184 -51.34 5.69 28.92
CA THR G 184 -51.64 4.90 30.12
C THR G 184 -50.49 5.06 31.11
N LEU G 185 -50.80 5.59 32.29
CA LEU G 185 -49.85 5.65 33.39
C LEU G 185 -50.20 4.57 34.38
N THR G 186 -49.26 3.68 34.65
CA THR G 186 -49.49 2.51 35.49
C THR G 186 -48.64 2.59 36.75
N LEU G 187 -49.25 2.27 37.89
CA LEU G 187 -48.61 2.34 39.18
C LEU G 187 -49.02 1.16 40.04
N SER G 188 -48.17 0.82 41.00
CA SER G 188 -48.56 -0.16 42.01
C SER G 188 -49.70 0.38 42.85
N LYS G 189 -50.61 -0.51 43.25
CA LYS G 189 -51.72 -0.09 44.10
C LYS G 189 -51.22 0.70 45.30
N ALA G 190 -50.11 0.27 45.90
CA ALA G 190 -49.58 0.96 47.08
C ALA G 190 -49.18 2.39 46.74
N ASP G 191 -48.51 2.58 45.60
CA ASP G 191 -48.09 3.93 45.22
C ASP G 191 -49.28 4.78 44.77
N TYR G 192 -50.31 4.15 44.21
CA TYR G 192 -51.51 4.90 43.82
C TYR G 192 -52.23 5.45 45.04
N GLU G 193 -52.32 4.64 46.11
CA GLU G 193 -52.94 5.13 47.34
C GLU G 193 -52.09 6.19 48.03
N LYS G 194 -50.82 6.32 47.65
CA LYS G 194 -49.92 7.25 48.32
C LYS G 194 -50.18 8.72 47.96
N HIS G 195 -50.79 8.98 46.80
CA HIS G 195 -50.92 10.34 46.30
C HIS G 195 -52.38 10.68 46.07
N LYS G 196 -52.63 11.97 45.84
CA LYS G 196 -53.98 12.51 45.82
C LYS G 196 -54.45 12.91 44.42
N VAL G 197 -53.74 13.84 43.77
CA VAL G 197 -54.19 14.44 42.51
C VAL G 197 -53.35 13.87 41.37
N TYR G 198 -54.02 13.31 40.37
CA TYR G 198 -53.38 12.80 39.16
C TYR G 198 -53.79 13.68 37.98
N ALA G 199 -52.81 14.15 37.23
CA ALA G 199 -53.03 15.13 36.18
C ALA G 199 -52.41 14.66 34.87
N CYS G 200 -53.09 14.98 33.77
CA CYS G 200 -52.62 14.67 32.42
C CYS G 200 -52.54 15.99 31.65
N GLU G 201 -51.32 16.48 31.44
CA GLU G 201 -51.10 17.76 30.77
C GLU G 201 -50.83 17.51 29.29
N VAL G 202 -51.61 18.15 28.42
CA VAL G 202 -51.55 17.95 26.99
C VAL G 202 -51.01 19.20 26.33
N THR G 203 -50.10 19.01 25.37
CA THR G 203 -49.57 20.09 24.54
C THR G 203 -49.81 19.74 23.08
N HIS G 204 -50.22 20.73 22.29
CA HIS G 204 -50.58 20.49 20.91
C HIS G 204 -50.60 21.82 20.16
N GLN G 205 -50.45 21.73 18.83
CA GLN G 205 -50.48 22.93 18.00
C GLN G 205 -51.73 23.74 18.23
N GLY G 206 -52.89 23.10 18.18
CA GLY G 206 -54.16 23.80 18.27
C GLY G 206 -54.51 24.33 19.64
N LEU G 207 -53.54 24.30 20.56
CA LEU G 207 -53.73 24.79 21.92
C LEU G 207 -52.76 25.95 22.16
N SER G 208 -53.29 27.11 22.51
CA SER G 208 -52.44 28.25 22.83
C SER G 208 -51.66 28.03 24.12
N SER G 209 -52.21 27.23 25.03
CA SER G 209 -51.58 26.89 26.30
C SER G 209 -51.95 25.45 26.63
N PRO G 210 -51.06 24.72 27.30
CA PRO G 210 -51.34 23.30 27.59
C PRO G 210 -52.63 23.13 28.38
N VAL G 211 -53.35 22.06 28.06
CA VAL G 211 -54.60 21.71 28.74
C VAL G 211 -54.32 20.56 29.69
N THR G 212 -54.81 20.68 30.93
CA THR G 212 -54.58 19.68 31.96
C THR G 212 -55.93 19.20 32.50
N LYS G 213 -56.10 17.87 32.51
CA LYS G 213 -57.28 17.24 33.09
C LYS G 213 -56.86 16.53 34.37
N SER G 214 -57.59 16.78 35.45
CA SER G 214 -57.20 16.31 36.78
C SER G 214 -58.34 15.52 37.41
N PHE G 215 -57.98 14.76 38.44
CA PHE G 215 -58.96 14.10 39.29
C PHE G 215 -58.31 13.82 40.64
N ASN G 216 -59.12 13.91 41.69
CA ASN G 216 -58.68 13.58 43.05
C ASN G 216 -59.07 12.14 43.35
N ARG G 217 -58.11 11.36 43.85
CA ARG G 217 -58.35 9.96 44.15
C ARG G 217 -59.58 9.81 45.06
N GLY G 218 -60.69 9.35 44.48
CA GLY G 218 -61.91 9.17 45.24
C GLY G 218 -63.12 8.94 44.35
N LEU H 1 42.44 -9.72 -15.18
CA LEU H 1 41.04 -10.01 -14.93
C LEU H 1 40.24 -8.72 -14.77
N VAL H 2 39.77 -8.47 -13.54
CA VAL H 2 39.09 -7.22 -13.23
C VAL H 2 40.14 -6.12 -13.13
N GLN H 3 39.98 -5.07 -13.93
CA GLN H 3 40.95 -3.98 -13.92
C GLN H 3 40.27 -2.66 -14.27
N LEU H 4 40.85 -1.58 -13.77
CA LEU H 4 40.39 -0.22 -14.05
C LEU H 4 41.57 0.56 -14.60
N VAL H 5 41.43 1.08 -15.81
CA VAL H 5 42.48 1.84 -16.48
C VAL H 5 42.01 3.28 -16.63
N GLN H 6 42.78 4.20 -16.08
CA GLN H 6 42.45 5.63 -16.06
C GLN H 6 43.18 6.36 -17.17
N SER H 7 42.74 7.59 -17.42
CA SER H 7 43.39 8.44 -18.40
C SER H 7 44.72 8.97 -17.86
N GLY H 8 45.57 9.43 -18.77
CA GLY H 8 46.92 9.80 -18.42
C GLY H 8 47.01 11.06 -17.58
N ALA H 9 48.23 11.31 -17.10
CA ALA H 9 48.50 12.48 -16.28
C ALA H 9 48.16 13.75 -17.05
N GLU H 10 47.87 14.81 -16.30
CA GLU H 10 47.43 16.07 -16.88
C GLU H 10 47.97 17.23 -16.09
N VAL H 11 48.51 18.23 -16.79
CA VAL H 11 48.84 19.52 -16.21
C VAL H 11 47.74 20.50 -16.60
N LYS H 12 47.22 21.22 -15.61
CA LYS H 12 46.08 22.09 -15.82
C LYS H 12 46.37 23.47 -15.27
N LYS H 13 46.00 24.50 -16.03
CA LYS H 13 46.14 25.87 -15.55
C LYS H 13 45.10 26.14 -14.47
N PRO H 14 45.39 27.06 -13.54
CA PRO H 14 44.40 27.41 -12.51
C PRO H 14 43.11 27.91 -13.14
N GLY H 15 42.01 27.64 -12.44
CA GLY H 15 40.69 27.95 -12.94
C GLY H 15 40.17 27.01 -14.00
N ALA H 16 40.95 26.00 -14.38
CA ALA H 16 40.58 25.05 -15.41
C ALA H 16 39.73 23.93 -14.82
N SER H 17 39.40 22.93 -15.64
CA SER H 17 38.66 21.74 -15.26
C SER H 17 39.38 20.51 -15.80
N VAL H 18 39.37 19.43 -15.04
CA VAL H 18 39.95 18.17 -15.50
C VAL H 18 38.84 17.13 -15.52
N LYS H 19 38.77 16.36 -16.61
CA LYS H 19 37.85 15.24 -16.74
C LYS H 19 38.69 13.98 -16.88
N ILE H 20 38.61 13.10 -15.88
CA ILE H 20 39.41 11.89 -15.82
C ILE H 20 38.52 10.70 -16.14
N SER H 21 39.00 9.82 -17.01
CA SER H 21 38.28 8.62 -17.39
C SER H 21 38.81 7.42 -16.62
N CYS H 22 37.93 6.44 -16.39
CA CYS H 22 38.26 5.22 -15.66
C CYS H 22 37.53 4.07 -16.34
N LYS H 23 38.21 3.38 -17.26
CA LYS H 23 37.61 2.29 -18.00
C LYS H 23 37.66 1.00 -17.17
N ALA H 24 36.51 0.36 -17.03
CA ALA H 24 36.40 -0.88 -16.27
C ALA H 24 36.29 -2.07 -17.21
N SER H 25 36.83 -3.20 -16.78
CA SER H 25 36.80 -4.43 -17.58
C SER H 25 36.85 -5.63 -16.64
N GLY H 26 36.29 -6.74 -17.11
CA GLY H 26 36.34 -7.98 -16.37
C GLY H 26 35.26 -8.19 -15.33
N TYR H 27 34.27 -7.30 -15.26
CA TYR H 27 33.18 -7.47 -14.29
C TYR H 27 31.95 -6.75 -14.80
N THR H 28 30.81 -7.07 -14.20
CA THR H 28 29.54 -6.44 -14.56
C THR H 28 29.55 -4.99 -14.09
N PHE H 29 29.65 -4.07 -15.05
CA PHE H 29 29.83 -2.66 -14.73
C PHE H 29 28.72 -2.14 -13.81
N THR H 30 27.48 -2.50 -14.09
CA THR H 30 26.32 -1.89 -13.46
C THR H 30 26.05 -2.38 -12.04
N SER H 31 26.83 -3.34 -11.53
CA SER H 31 26.51 -4.01 -10.28
C SER H 31 27.39 -3.57 -9.12
N TYR H 32 28.22 -2.54 -9.29
CA TYR H 32 29.14 -2.14 -8.24
C TYR H 32 29.35 -0.63 -8.27
N TYR H 33 29.34 -0.02 -7.09
CA TYR H 33 29.67 1.40 -6.95
C TYR H 33 31.01 1.70 -7.59
N MET H 34 31.23 2.97 -7.91
CA MET H 34 32.56 3.47 -8.29
C MET H 34 32.85 4.70 -7.46
N HIS H 35 33.88 4.63 -6.63
CA HIS H 35 34.33 5.78 -5.87
C HIS H 35 35.41 6.55 -6.63
N TRP H 36 35.65 7.78 -6.20
CA TRP H 36 36.82 8.54 -6.59
C TRP H 36 37.52 9.00 -5.33
N VAL H 37 38.83 8.76 -5.25
CA VAL H 37 39.62 9.12 -4.09
C VAL H 37 40.91 9.78 -4.59
N ARG H 38 41.29 10.88 -3.97
CA ARG H 38 42.48 11.61 -4.35
C ARG H 38 43.45 11.67 -3.18
N GLN H 39 44.73 11.87 -3.51
CA GLN H 39 45.80 11.90 -2.52
C GLN H 39 46.73 13.06 -2.88
N ALA H 40 46.73 14.10 -2.06
CA ALA H 40 47.64 15.21 -2.28
C ALA H 40 49.08 14.78 -2.02
N PRO H 41 50.05 15.55 -2.50
CA PRO H 41 51.46 15.20 -2.27
C PRO H 41 51.76 15.09 -0.78
N GLY H 42 52.22 13.91 -0.37
CA GLY H 42 52.62 13.68 1.01
C GLY H 42 51.49 13.73 2.02
N GLN H 43 50.26 13.82 1.54
CA GLN H 43 49.08 13.94 2.39
C GLN H 43 48.34 12.61 2.45
N GLY H 44 47.21 12.61 3.17
CA GLY H 44 46.37 11.45 3.27
C GLY H 44 45.38 11.36 2.12
N LEU H 45 44.42 10.44 2.28
CA LEU H 45 43.40 10.22 1.26
C LEU H 45 42.18 11.08 1.53
N GLU H 46 41.51 11.50 0.45
CA GLU H 46 40.27 12.27 0.53
C GLU H 46 39.26 11.66 -0.41
N TRP H 47 38.18 11.13 0.16
CA TRP H 47 37.11 10.55 -0.63
C TRP H 47 36.30 11.65 -1.31
N MET H 48 36.10 11.52 -2.62
CA MET H 48 35.39 12.53 -3.39
C MET H 48 33.91 12.23 -3.60
N GLY H 49 33.54 10.96 -3.72
CA GLY H 49 32.14 10.62 -3.91
C GLY H 49 31.97 9.28 -4.60
N ILE H 50 30.71 8.90 -4.76
CA ILE H 50 30.32 7.64 -5.37
C ILE H 50 29.41 7.94 -6.55
N ILE H 51 29.51 7.09 -7.58
CA ILE H 51 28.52 7.03 -8.65
C ILE H 51 28.02 5.59 -8.75
N ASN H 52 26.70 5.44 -8.80
CA ASN H 52 26.10 4.12 -8.99
C ASN H 52 25.95 3.88 -10.49
N PRO H 53 26.78 3.03 -11.11
CA PRO H 53 26.66 2.83 -12.55
C PRO H 53 25.29 2.35 -13.00
N SER H 54 24.53 1.73 -12.10
CA SER H 54 23.15 1.34 -12.39
C SER H 54 22.25 2.52 -12.05
N GLY H 55 21.95 3.34 -13.05
CA GLY H 55 21.10 4.51 -12.89
C GLY H 55 21.84 5.83 -12.95
N GLY H 56 23.13 5.85 -12.64
CA GLY H 56 23.89 7.07 -12.69
C GLY H 56 23.75 7.99 -11.49
N GLY H 57 23.02 7.57 -10.46
CA GLY H 57 22.91 8.39 -9.26
C GLY H 57 24.24 8.55 -8.56
N THR H 58 24.41 9.70 -7.90
CA THR H 58 25.69 10.07 -7.32
C THR H 58 25.48 10.61 -5.91
N SER H 59 26.59 10.66 -5.17
CA SER H 59 26.63 11.30 -3.86
C SER H 59 28.05 11.78 -3.63
N TYR H 60 28.22 13.09 -3.46
CA TYR H 60 29.54 13.71 -3.38
C TYR H 60 29.86 14.13 -1.96
N ALA H 61 31.15 14.08 -1.64
CA ALA H 61 31.63 14.67 -0.39
C ALA H 61 31.32 16.16 -0.40
N GLN H 62 30.86 16.67 0.76
CA GLN H 62 30.47 18.07 0.84
C GLN H 62 31.60 18.99 0.41
N LYS H 63 32.85 18.62 0.69
CA LYS H 63 33.99 19.47 0.34
C LYS H 63 34.02 19.81 -1.14
N PHE H 64 33.50 18.92 -1.99
CA PHE H 64 33.55 19.10 -3.44
C PHE H 64 32.18 19.40 -4.05
N GLN H 65 31.11 19.38 -3.27
CA GLN H 65 29.79 19.69 -3.78
C GLN H 65 29.79 21.04 -4.48
N GLY H 66 29.47 21.03 -5.79
CA GLY H 66 29.48 22.22 -6.61
C GLY H 66 30.58 22.24 -7.65
N ARG H 67 31.69 21.55 -7.38
CA ARG H 67 32.81 21.50 -8.31
C ARG H 67 33.02 20.15 -8.97
N VAL H 68 32.43 19.08 -8.43
CA VAL H 68 32.67 17.72 -8.90
C VAL H 68 31.42 17.20 -9.58
N THR H 69 31.62 16.50 -10.69
CA THR H 69 30.53 15.83 -11.41
C THR H 69 31.04 14.46 -11.84
N MET H 70 30.33 13.41 -11.41
CA MET H 70 30.66 12.05 -11.80
C MET H 70 29.60 11.55 -12.77
N THR H 71 30.05 10.97 -13.87
CA THR H 71 29.17 10.40 -14.88
C THR H 71 29.68 9.03 -15.29
N ARG H 72 28.83 8.27 -15.94
CA ARG H 72 29.19 6.95 -16.44
C ARG H 72 28.59 6.74 -17.82
N ASP H 73 29.40 6.20 -18.72
CA ASP H 73 28.97 5.81 -20.06
C ASP H 73 28.96 4.29 -20.06
N THR H 74 27.81 3.71 -19.73
CA THR H 74 27.73 2.26 -19.58
C THR H 74 27.97 1.53 -20.89
N SER H 75 27.69 2.19 -22.02
CA SER H 75 28.00 1.58 -23.31
C SER H 75 29.47 1.22 -23.42
N THR H 76 30.34 2.05 -22.82
CA THR H 76 31.78 1.82 -22.84
C THR H 76 32.32 1.35 -21.50
N SER H 77 31.47 1.14 -20.50
CA SER H 77 31.91 0.69 -19.18
C SER H 77 32.98 1.62 -18.61
N THR H 78 32.76 2.92 -18.79
CA THR H 78 33.72 3.93 -18.36
C THR H 78 33.05 4.91 -17.40
N VAL H 79 33.79 5.28 -16.36
CA VAL H 79 33.35 6.28 -15.39
C VAL H 79 34.21 7.53 -15.58
N TYR H 80 33.59 8.69 -15.41
CA TYR H 80 34.29 9.96 -15.53
C TYR H 80 34.15 10.76 -14.24
N MET H 81 35.14 11.61 -13.98
CA MET H 81 35.08 12.55 -12.88
C MET H 81 35.59 13.90 -13.38
N GLU H 82 34.73 14.91 -13.33
CA GLU H 82 35.09 16.26 -13.72
C GLU H 82 35.20 17.12 -12.46
N LEU H 83 36.33 17.81 -12.32
CA LEU H 83 36.56 18.77 -11.25
C LEU H 83 36.81 20.13 -11.89
N THR H 84 36.00 21.11 -11.52
CA THR H 84 36.04 22.43 -12.14
C THR H 84 36.69 23.44 -11.20
N SER H 85 37.07 24.58 -11.78
CA SER H 85 37.69 25.67 -11.03
C SER H 85 38.89 25.18 -10.23
N LEU H 86 39.79 24.49 -10.93
CA LEU H 86 40.96 23.91 -10.30
C LEU H 86 41.83 25.00 -9.66
N ARG H 87 42.24 24.77 -8.42
CA ARG H 87 43.19 25.62 -7.73
C ARG H 87 44.44 24.80 -7.40
N SER H 88 45.39 25.44 -6.70
CA SER H 88 46.66 24.79 -6.43
C SER H 88 46.49 23.60 -5.48
N ASP H 89 45.74 23.78 -4.40
CA ASP H 89 45.58 22.65 -3.47
C ASP H 89 44.75 21.51 -4.06
N ASP H 90 44.38 21.57 -5.33
CA ASP H 90 43.78 20.43 -6.01
C ASP H 90 44.83 19.52 -6.64
N THR H 91 46.08 19.96 -6.69
CA THR H 91 47.16 19.08 -7.16
C THR H 91 47.17 17.81 -6.33
N ALA H 92 47.09 16.66 -7.01
CA ALA H 92 47.00 15.39 -6.30
C ALA H 92 46.95 14.26 -7.32
N VAL H 93 47.01 13.04 -6.82
CA VAL H 93 46.82 11.84 -7.62
C VAL H 93 45.39 11.35 -7.39
N TYR H 94 44.65 11.18 -8.48
CA TYR H 94 43.23 10.86 -8.42
C TYR H 94 43.01 9.39 -8.75
N TYR H 95 42.33 8.67 -7.86
CA TYR H 95 42.11 7.24 -8.00
C TYR H 95 40.62 6.96 -8.20
N CYS H 96 40.34 6.01 -9.09
CA CYS H 96 39.00 5.47 -9.27
CA CYS H 96 39.01 5.47 -9.29
C CYS H 96 38.98 4.05 -8.72
N ALA H 97 38.03 3.79 -7.83
CA ALA H 97 37.99 2.51 -7.12
C ALA H 97 36.63 1.87 -7.24
N LYS H 98 36.62 0.57 -7.54
CA LYS H 98 35.39 -0.21 -7.61
C LYS H 98 35.04 -0.76 -6.24
N ASP H 99 33.77 -0.66 -5.87
CA ASP H 99 33.30 -1.18 -4.60
C ASP H 99 32.90 -2.65 -4.75
N ARG H 100 32.74 -3.32 -3.61
CA ARG H 100 32.30 -4.70 -3.62
C ARG H 100 30.79 -4.84 -3.74
N VAL H 101 30.03 -3.79 -3.41
CA VAL H 101 28.57 -3.86 -3.48
C VAL H 101 28.01 -2.58 -4.06
N THR H 102 26.68 -2.46 -4.06
CA THR H 102 25.96 -1.24 -4.39
C THR H 102 24.97 -0.91 -3.29
N ILE H 103 25.39 -1.08 -2.04
CA ILE H 103 24.53 -0.93 -0.87
C ILE H 103 25.12 0.11 0.06
N PHE H 104 24.26 0.97 0.60
CA PHE H 104 24.69 1.99 1.56
C PHE H 104 25.86 2.79 0.98
N TRP H 105 26.97 2.86 1.70
CA TRP H 105 28.18 3.53 1.20
C TRP H 105 29.24 2.53 0.74
N GLY H 106 28.85 1.29 0.48
CA GLY H 106 29.77 0.27 -0.01
C GLY H 106 30.16 -0.71 1.07
N ASN H 107 31.10 -1.57 0.72
CA ASN H 107 31.67 -2.54 1.66
C ASN H 107 33.06 -2.93 1.19
N GLY H 108 33.94 -1.94 1.07
CA GLY H 108 35.30 -2.17 0.62
C GLY H 108 35.51 -1.86 -0.84
N MET H 109 36.64 -1.23 -1.15
CA MET H 109 37.04 -0.92 -2.51
C MET H 109 38.10 -1.92 -2.92
N ASP H 110 37.69 -2.99 -3.60
CA ASP H 110 38.56 -4.13 -3.83
C ASP H 110 39.42 -4.02 -5.08
N VAL H 111 39.07 -3.16 -6.03
CA VAL H 111 39.85 -2.97 -7.24
C VAL H 111 40.05 -1.48 -7.47
N TRP H 112 41.32 -1.08 -7.62
CA TRP H 112 41.68 0.32 -7.74
C TRP H 112 42.32 0.59 -9.10
N GLY H 113 42.17 1.82 -9.58
CA GLY H 113 42.82 2.23 -10.79
C GLY H 113 44.27 2.64 -10.55
N GLN H 114 45.05 2.65 -11.64
CA GLN H 114 46.46 2.98 -11.53
C GLN H 114 46.69 4.40 -11.04
N GLY H 115 45.67 5.25 -11.08
CA GLY H 115 45.80 6.62 -10.65
C GLY H 115 46.11 7.56 -11.80
N THR H 116 45.80 8.84 -11.58
CA THR H 116 46.02 9.89 -12.56
C THR H 116 46.59 11.10 -11.86
N THR H 117 47.82 11.48 -12.21
CA THR H 117 48.44 12.65 -11.61
C THR H 117 47.88 13.91 -12.27
N VAL H 118 47.44 14.85 -11.43
CA VAL H 118 46.93 16.14 -11.90
C VAL H 118 47.72 17.23 -11.19
N THR H 119 48.41 18.06 -11.97
CA THR H 119 49.20 19.17 -11.47
C THR H 119 48.56 20.48 -11.92
N VAL H 120 48.21 21.33 -10.97
CA VAL H 120 47.55 22.61 -11.24
C VAL H 120 48.52 23.71 -10.85
N SER H 121 49.04 24.45 -11.83
CA SER H 121 50.01 25.49 -11.52
C SER H 121 49.98 26.59 -12.57
N SER H 122 50.15 27.83 -12.10
CA SER H 122 50.30 28.96 -13.01
C SER H 122 51.50 28.77 -13.92
N ALA H 123 52.59 28.22 -13.40
CA ALA H 123 53.87 28.20 -14.11
C ALA H 123 53.74 27.43 -15.43
N SER H 124 54.66 27.73 -16.34
CA SER H 124 54.73 27.09 -17.63
C SER H 124 55.87 26.08 -17.68
N THR H 125 55.87 25.26 -18.73
CA THR H 125 56.86 24.20 -18.85
C THR H 125 58.27 24.79 -18.96
N LYS H 126 59.24 24.13 -18.35
CA LYS H 126 60.61 24.61 -18.33
C LYS H 126 61.56 23.41 -18.30
N GLY H 127 62.84 23.70 -18.51
CA GLY H 127 63.88 22.70 -18.46
C GLY H 127 64.74 22.84 -17.23
N PRO H 128 65.43 21.76 -16.85
CA PRO H 128 66.22 21.77 -15.62
C PRO H 128 67.62 22.33 -15.80
N SER H 129 68.03 23.16 -14.85
CA SER H 129 69.40 23.66 -14.77
C SER H 129 70.18 22.78 -13.81
N VAL H 130 71.16 22.05 -14.33
CA VAL H 130 71.93 21.10 -13.53
C VAL H 130 73.18 21.80 -13.00
N PHE H 131 73.31 21.83 -11.67
CA PHE H 131 74.47 22.43 -11.03
C PHE H 131 75.23 21.37 -10.22
N PRO H 132 76.56 21.44 -10.21
CA PRO H 132 77.34 20.39 -9.55
C PRO H 132 77.39 20.56 -8.04
N LEU H 133 77.44 19.42 -7.35
CA LEU H 133 77.67 19.35 -5.91
C LEU H 133 79.04 18.71 -5.72
N ALA H 134 80.08 19.53 -5.83
CA ALA H 134 81.44 19.01 -5.93
C ALA H 134 81.89 18.40 -4.60
N PRO H 135 82.49 17.21 -4.62
CA PRO H 135 83.15 16.72 -3.41
C PRO H 135 84.33 17.61 -3.06
N SER H 136 84.50 17.86 -1.77
CA SER H 136 85.50 18.82 -1.30
C SER H 136 86.40 18.16 -0.26
N SER H 137 87.65 18.62 -0.20
CA SER H 137 88.55 18.19 0.85
C SER H 137 88.02 18.59 2.22
N LYS H 138 87.21 19.65 2.28
CA LYS H 138 86.57 20.04 3.53
C LYS H 138 85.35 19.19 3.85
N SER H 139 84.75 18.55 2.85
CA SER H 139 83.59 17.70 3.03
C SER H 139 83.93 16.21 2.99
N THR H 140 85.22 15.86 3.05
CA THR H 140 85.61 14.47 3.12
C THR H 140 85.28 13.90 4.50
N SER H 141 84.83 12.65 4.52
CA SER H 141 84.38 12.01 5.76
C SER H 141 84.98 10.61 5.85
N GLY H 142 86.09 10.49 6.58
CA GLY H 142 86.71 9.21 6.86
C GLY H 142 87.04 8.39 5.62
N GLY H 143 87.71 9.01 4.66
CA GLY H 143 88.02 8.35 3.42
C GLY H 143 86.86 8.16 2.47
N THR H 144 85.66 8.60 2.85
CA THR H 144 84.48 8.52 2.00
C THR H 144 84.13 9.92 1.52
N ALA H 145 83.85 10.03 0.22
CA ALA H 145 83.51 11.31 -0.41
C ALA H 145 82.08 11.27 -0.91
N ALA H 146 81.35 12.35 -0.67
CA ALA H 146 79.96 12.49 -1.12
C ALA H 146 79.90 13.55 -2.21
N LEU H 147 79.19 13.22 -3.29
CA LEU H 147 79.09 14.14 -4.41
C LEU H 147 77.76 13.93 -5.12
N GLY H 148 77.35 14.94 -5.86
CA GLY H 148 76.13 14.86 -6.63
C GLY H 148 75.96 16.08 -7.51
N CYS H 149 74.77 16.23 -8.07
CA CYS H 149 74.44 17.38 -8.87
C CYS H 149 73.01 17.81 -8.57
N LEU H 150 72.77 19.12 -8.65
CA LEU H 150 71.49 19.72 -8.29
C LEU H 150 70.67 19.95 -9.55
N VAL H 151 69.49 19.33 -9.60
CA VAL H 151 68.53 19.53 -10.68
C VAL H 151 67.53 20.58 -10.20
N LYS H 152 67.60 21.77 -10.78
CA LYS H 152 66.90 22.93 -10.25
C LYS H 152 66.06 23.62 -11.32
N ASP H 153 64.94 24.19 -10.89
CA ASP H 153 64.09 25.03 -11.72
C ASP H 153 63.67 24.32 -13.00
N TYR H 154 62.89 23.26 -12.82
CA TYR H 154 62.29 22.54 -13.93
C TYR H 154 60.81 22.32 -13.66
N PHE H 155 60.05 22.20 -14.75
CA PHE H 155 58.60 22.03 -14.69
C PHE H 155 58.11 21.38 -15.97
N PRO H 156 57.23 20.38 -15.89
CA PRO H 156 56.79 19.77 -14.63
C PRO H 156 57.61 18.53 -14.30
N GLU H 157 57.21 17.79 -13.27
CA GLU H 157 57.81 16.50 -13.03
C GLU H 157 57.43 15.54 -14.17
N PRO H 158 58.18 14.45 -14.34
CA PRO H 158 59.32 14.05 -13.52
C PRO H 158 60.68 14.42 -14.14
N VAL H 159 61.75 14.09 -13.42
CA VAL H 159 63.11 14.19 -13.91
C VAL H 159 63.82 12.89 -13.54
N THR H 160 64.66 12.39 -14.44
CA THR H 160 65.37 11.14 -14.24
C THR H 160 66.87 11.41 -14.11
N VAL H 161 67.50 10.71 -13.18
CA VAL H 161 68.92 10.89 -12.86
C VAL H 161 69.58 9.53 -12.80
N SER H 162 70.71 9.39 -13.50
CA SER H 162 71.56 8.21 -13.41
C SER H 162 73.00 8.66 -13.45
N TRP H 163 73.88 7.85 -12.85
CA TRP H 163 75.27 8.20 -12.65
C TRP H 163 76.16 7.35 -13.55
N ASN H 164 77.03 8.02 -14.31
CA ASN H 164 77.92 7.35 -15.26
C ASN H 164 77.13 6.46 -16.21
N SER H 165 76.01 7.01 -16.71
CA SER H 165 75.15 6.31 -17.66
C SER H 165 74.68 4.96 -17.11
N GLY H 166 74.30 4.95 -15.83
CA GLY H 166 73.70 3.79 -15.21
C GLY H 166 74.66 2.82 -14.56
N ALA H 167 75.97 3.03 -14.68
CA ALA H 167 76.93 2.06 -14.16
C ALA H 167 76.93 2.06 -12.64
N LEU H 168 76.84 3.22 -12.02
CA LEU H 168 76.92 3.34 -10.57
C LEU H 168 75.51 3.32 -9.98
N THR H 169 75.15 2.22 -9.34
CA THR H 169 73.89 2.08 -8.64
C THR H 169 74.06 2.01 -7.13
N SER H 170 75.23 1.62 -6.65
CA SER H 170 75.48 1.50 -5.22
C SER H 170 75.78 2.86 -4.61
N GLY H 171 75.11 3.18 -3.50
CA GLY H 171 75.34 4.41 -2.79
C GLY H 171 74.61 5.62 -3.33
N VAL H 172 73.91 5.50 -4.46
CA VAL H 172 73.19 6.63 -5.04
C VAL H 172 71.91 6.87 -4.27
N HIS H 173 71.58 8.14 -4.04
CA HIS H 173 70.35 8.54 -3.36
C HIS H 173 69.78 9.74 -4.12
N THR H 174 68.78 9.49 -4.96
CA THR H 174 68.09 10.57 -5.66
C THR H 174 66.85 10.95 -4.85
N PHE H 175 66.86 12.16 -4.30
CA PHE H 175 65.81 12.57 -3.39
C PHE H 175 64.53 12.94 -4.14
N PRO H 176 63.37 12.81 -3.49
CA PRO H 176 62.12 13.25 -4.13
C PRO H 176 62.14 14.75 -4.36
N ALA H 177 61.55 15.16 -5.47
CA ALA H 177 61.56 16.57 -5.86
C ALA H 177 60.76 17.42 -4.88
N VAL H 178 61.17 18.68 -4.75
CA VAL H 178 60.45 19.66 -3.95
C VAL H 178 59.91 20.72 -4.90
N LEU H 179 58.82 21.36 -4.47
CA LEU H 179 58.20 22.44 -5.23
C LEU H 179 58.51 23.76 -4.51
N GLN H 180 59.37 24.57 -5.13
CA GLN H 180 59.74 25.85 -4.55
C GLN H 180 58.68 26.91 -4.87
N SER H 181 58.68 27.99 -4.08
CA SER H 181 57.77 29.09 -4.35
C SER H 181 57.94 29.63 -5.76
N SER H 182 59.07 29.34 -6.41
CA SER H 182 59.22 29.65 -7.82
C SER H 182 58.20 28.91 -8.70
N GLY H 183 57.50 27.92 -8.15
CA GLY H 183 56.61 27.11 -8.94
C GLY H 183 57.30 26.04 -9.77
N LEU H 184 58.63 25.97 -9.71
CA LEU H 184 59.41 24.97 -10.42
C LEU H 184 59.92 23.92 -9.43
N TYR H 185 60.20 22.73 -9.97
CA TYR H 185 60.65 21.61 -9.16
C TYR H 185 62.17 21.60 -9.06
N SER H 186 62.68 21.22 -7.88
CA SER H 186 64.10 21.07 -7.65
C SER H 186 64.36 19.71 -7.02
N LEU H 187 65.38 19.02 -7.52
CA LEU H 187 65.69 17.66 -7.09
C LEU H 187 67.19 17.50 -6.97
N SER H 188 67.66 16.91 -5.87
CA SER H 188 69.06 16.64 -5.66
C SER H 188 69.31 15.14 -5.70
N SER H 189 70.40 14.76 -6.37
CA SER H 189 70.85 13.37 -6.41
C SER H 189 72.31 13.34 -5.95
N VAL H 190 72.62 12.43 -5.03
CA VAL H 190 73.94 12.33 -4.43
C VAL H 190 74.40 10.89 -4.46
N VAL H 191 75.72 10.72 -4.38
CA VAL H 191 76.32 9.40 -4.30
C VAL H 191 77.55 9.49 -3.39
N THR H 192 77.80 8.41 -2.66
CA THR H 192 78.95 8.31 -1.77
C THR H 192 79.96 7.34 -2.37
N VAL H 193 81.20 7.79 -2.52
CA VAL H 193 82.24 6.99 -3.16
C VAL H 193 83.52 7.11 -2.36
N PRO H 194 84.45 6.18 -2.58
CA PRO H 194 85.73 6.24 -1.86
C PRO H 194 86.54 7.47 -2.26
N SER H 195 87.19 8.08 -1.27
CA SER H 195 88.12 9.17 -1.56
C SER H 195 89.23 8.73 -2.49
N SER H 196 89.53 7.42 -2.53
CA SER H 196 90.58 6.93 -3.41
C SER H 196 90.27 7.23 -4.87
N SER H 197 89.04 6.97 -5.28
CA SER H 197 88.65 7.10 -6.68
C SER H 197 88.51 8.54 -7.15
N LEU H 198 88.47 9.51 -6.25
CA LEU H 198 88.39 10.91 -6.67
C LEU H 198 89.70 11.32 -7.34
N GLY H 199 89.59 11.96 -8.50
CA GLY H 199 90.75 12.28 -9.31
C GLY H 199 91.19 11.16 -10.24
N THR H 200 90.68 9.95 -10.05
CA THR H 200 90.88 8.86 -10.99
C THR H 200 89.59 8.39 -11.64
N GLN H 201 88.44 8.76 -11.08
CA GLN H 201 87.13 8.31 -11.53
C GLN H 201 86.36 9.50 -12.06
N THR H 202 85.87 9.39 -13.29
CA THR H 202 84.99 10.43 -13.84
C THR H 202 83.56 10.16 -13.38
N TYR H 203 82.90 11.21 -12.90
CA TYR H 203 81.54 11.10 -12.36
C TYR H 203 80.64 12.05 -13.11
N ILE H 204 79.73 11.50 -13.90
CA ILE H 204 78.78 12.27 -14.69
C ILE H 204 77.37 11.85 -14.28
N CYS H 205 76.52 12.81 -13.98
CA CYS H 205 75.12 12.55 -13.64
C CYS H 205 74.27 12.84 -14.87
N ASN H 206 73.51 11.85 -15.31
CA ASN H 206 72.72 11.94 -16.53
C ASN H 206 71.30 12.39 -16.18
N VAL H 207 71.05 13.68 -16.35
CA VAL H 207 69.76 14.29 -16.09
C VAL H 207 69.04 14.45 -17.42
N ASN H 208 67.83 13.90 -17.54
CA ASN H 208 67.02 14.16 -18.73
C ASN H 208 65.56 14.31 -18.35
N HIS H 209 64.94 15.36 -18.89
CA HIS H 209 63.58 15.80 -18.61
C HIS H 209 62.80 15.63 -19.90
N LYS H 210 62.17 14.47 -20.06
CA LYS H 210 61.49 14.17 -21.33
C LYS H 210 60.47 15.22 -21.72
N PRO H 211 59.64 15.75 -20.81
CA PRO H 211 58.66 16.77 -21.22
C PRO H 211 59.28 17.93 -22.00
N SER H 212 60.38 18.48 -21.53
CA SER H 212 61.11 19.51 -22.26
C SER H 212 62.18 18.92 -23.18
N ASN H 213 62.23 17.59 -23.29
CA ASN H 213 63.31 16.90 -23.99
C ASN H 213 64.67 17.52 -23.65
N THR H 214 64.84 17.76 -22.35
CA THR H 214 66.09 18.28 -21.80
C THR H 214 66.89 17.11 -21.23
N LYS H 215 68.10 16.93 -21.74
CA LYS H 215 68.99 15.85 -21.29
C LYS H 215 70.37 16.45 -21.05
N VAL H 216 70.67 16.78 -19.79
CA VAL H 216 71.93 17.42 -19.40
C VAL H 216 72.80 16.39 -18.69
N ASP H 217 74.04 16.27 -19.12
CA ASP H 217 75.03 15.41 -18.47
C ASP H 217 76.17 16.29 -17.96
N LYS H 218 76.36 16.30 -16.64
CA LYS H 218 77.36 17.16 -16.01
C LYS H 218 78.36 16.29 -15.27
N LYS H 219 79.63 16.42 -15.61
CA LYS H 219 80.70 15.78 -14.86
C LYS H 219 80.94 16.54 -13.57
N VAL H 220 80.83 15.85 -12.44
CA VAL H 220 81.06 16.46 -11.13
C VAL H 220 82.53 16.29 -10.81
N GLU H 221 83.30 17.37 -10.95
CA GLU H 221 84.73 17.40 -10.73
C GLU H 221 85.04 17.86 -9.30
N PRO H 222 85.97 17.20 -8.61
CA PRO H 222 86.34 17.64 -7.27
C PRO H 222 86.77 19.11 -7.26
N LYS H 223 86.49 19.77 -6.15
CA LYS H 223 86.82 21.19 -6.00
C LYS H 223 88.32 21.40 -6.00
N ASP I 1 31.45 15.35 10.67
CA ASP I 1 32.23 14.31 10.00
C ASP I 1 32.89 13.39 11.01
N ILE I 2 33.05 12.13 10.63
CA ILE I 2 33.77 11.17 11.47
C ILE I 2 35.26 11.40 11.33
N VAL I 3 35.96 11.46 12.46
CA VAL I 3 37.40 11.63 12.49
C VAL I 3 38.04 10.27 12.77
N MET I 4 38.99 9.88 11.93
CA MET I 4 39.69 8.60 12.06
C MET I 4 41.12 8.88 12.50
N THR I 5 41.46 8.45 13.71
CA THR I 5 42.77 8.68 14.30
C THR I 5 43.54 7.37 14.35
N GLN I 6 44.65 7.31 13.62
CA GLN I 6 45.48 6.12 13.56
C GLN I 6 46.72 6.30 14.42
N SER I 7 47.14 5.22 15.08
CA SER I 7 48.30 5.20 15.95
C SER I 7 48.97 3.84 15.86
N PRO I 8 50.32 3.79 15.87
CA PRO I 8 51.19 4.97 15.84
C PRO I 8 51.35 5.52 14.42
N VAL I 9 51.87 6.73 14.29
CA VAL I 9 52.09 7.28 12.95
C VAL I 9 53.17 6.49 12.22
N SER I 10 54.21 6.07 12.94
CA SER I 10 55.28 5.25 12.39
C SER I 10 55.49 4.05 13.29
N LEU I 11 55.66 2.87 12.69
CA LEU I 11 55.81 1.62 13.42
C LEU I 11 57.06 0.91 12.92
N ALA I 12 58.08 0.82 13.77
CA ALA I 12 59.29 0.06 13.48
C ALA I 12 59.14 -1.34 14.05
N VAL I 13 59.26 -2.34 13.19
CA VAL I 13 59.15 -3.74 13.58
C VAL I 13 60.19 -4.54 12.81
N SER I 14 60.85 -5.47 13.50
CA SER I 14 61.85 -6.31 12.87
C SER I 14 61.18 -7.45 12.10
N LEU I 15 61.83 -7.87 11.01
CA LEU I 15 61.29 -8.93 10.17
C LEU I 15 60.91 -10.14 11.01
N GLY I 16 59.76 -10.74 10.67
CA GLY I 16 59.24 -11.87 11.40
C GLY I 16 58.47 -11.54 12.65
N GLU I 17 58.60 -10.32 13.18
CA GLU I 17 57.91 -9.93 14.39
C GLU I 17 56.49 -9.49 14.08
N ARG I 18 55.74 -9.12 15.13
CA ARG I 18 54.33 -8.80 15.02
C ARG I 18 54.12 -7.30 15.00
N ALA I 19 53.34 -6.83 14.04
CA ALA I 19 52.97 -5.42 13.92
C ALA I 19 51.49 -5.25 14.27
N THR I 20 51.19 -4.20 15.03
CA THR I 20 49.83 -3.96 15.49
C THR I 20 49.50 -2.49 15.34
N ILE I 21 48.61 -2.18 14.40
CA ILE I 21 48.13 -0.82 14.16
C ILE I 21 46.83 -0.62 14.91
N LYS I 22 46.54 0.63 15.25
CA LYS I 22 45.31 0.99 15.95
C LYS I 22 44.65 2.15 15.24
N CYS I 23 43.34 2.06 15.07
CA CYS I 23 42.55 3.15 14.53
C CYS I 23 41.35 3.40 15.43
N LYS I 24 41.14 4.66 15.79
CA LYS I 24 40.02 5.08 16.63
C LYS I 24 39.13 6.02 15.84
N SER I 25 37.84 5.71 15.78
CA SER I 25 36.87 6.58 15.13
C SER I 25 36.18 7.45 16.17
N SER I 26 35.85 8.68 15.77
CA SER I 26 35.20 9.61 16.68
C SER I 26 33.74 9.25 16.93
N GLN I 27 33.14 8.44 16.06
CA GLN I 27 31.79 7.94 16.25
C GLN I 27 31.78 6.44 15.99
N SER I 28 30.85 5.74 16.64
CA SER I 28 30.75 4.30 16.46
C SER I 28 30.27 3.97 15.06
N VAL I 29 30.90 2.97 14.45
CA VAL I 29 30.51 2.49 13.14
C VAL I 29 29.87 1.11 13.22
N LEU I 30 29.41 0.71 14.40
CA LEU I 30 28.72 -0.56 14.58
C LEU I 30 27.23 -0.37 14.33
N TYR I 31 26.68 -1.16 13.41
CA TYR I 31 25.25 -1.15 13.11
C TYR I 31 24.61 -2.40 13.69
N SER I 32 23.60 -2.23 14.53
CA SER I 32 22.96 -3.36 15.18
C SER I 32 22.07 -4.17 14.24
N SER I 33 21.65 -3.57 13.12
CA SER I 33 20.76 -4.28 12.20
C SER I 33 21.40 -5.56 11.69
N ASN I 34 22.71 -5.52 11.44
CA ASN I 34 23.46 -6.71 11.03
C ASN I 34 24.68 -6.95 11.91
N ASN I 35 24.88 -6.15 12.94
CA ASN I 35 25.98 -6.31 13.89
C ASN I 35 27.34 -6.29 13.18
N LYS I 36 27.50 -5.35 12.26
CA LYS I 36 28.74 -5.20 11.50
C LYS I 36 29.31 -3.80 11.71
N ASN I 37 30.63 -3.73 11.84
CA ASN I 37 31.33 -2.46 11.91
C ASN I 37 31.76 -2.05 10.51
N TYR I 38 31.38 -0.85 10.10
CA TYR I 38 31.66 -0.39 8.75
C TYR I 38 33.04 0.27 8.72
N LEU I 39 34.04 -0.60 8.87
CA LEU I 39 35.43 -0.21 9.05
C LEU I 39 36.31 -1.07 8.16
N GLY I 40 37.21 -0.44 7.42
CA GLY I 40 38.07 -1.16 6.49
C GLY I 40 39.52 -0.78 6.68
N TRP I 41 40.39 -1.70 6.24
CA TRP I 41 41.85 -1.52 6.31
C TRP I 41 42.43 -1.61 4.91
N TYR I 42 43.34 -0.69 4.59
CA TYR I 42 43.95 -0.63 3.28
C TYR I 42 45.48 -0.53 3.42
N GLN I 43 46.17 -1.15 2.48
CA GLN I 43 47.62 -1.08 2.39
C GLN I 43 48.02 -0.29 1.15
N GLN I 44 49.05 0.54 1.27
CA GLN I 44 49.54 1.33 0.15
C GLN I 44 51.06 1.29 0.14
N LYS I 45 51.63 0.83 -0.96
CA LYS I 45 53.06 0.93 -1.21
C LYS I 45 53.35 2.15 -2.07
N PRO I 46 54.52 2.76 -1.91
CA PRO I 46 54.78 4.05 -2.56
C PRO I 46 54.49 4.01 -4.05
N GLY I 47 53.82 5.06 -4.53
CA GLY I 47 53.50 5.18 -5.95
C GLY I 47 52.41 4.26 -6.44
N GLN I 48 51.67 3.60 -5.56
CA GLN I 48 50.64 2.66 -5.93
C GLN I 48 49.30 3.08 -5.36
N PRO I 49 48.21 2.53 -5.88
CA PRO I 49 46.89 2.74 -5.25
C PRO I 49 46.75 1.87 -4.02
N LEU I 50 45.66 2.09 -3.29
CA LEU I 50 45.41 1.31 -2.10
C LEU I 50 45.07 -0.14 -2.46
N ARG I 51 45.29 -1.02 -1.51
CA ARG I 51 44.94 -2.44 -1.64
C ARG I 51 44.06 -2.82 -0.45
N LEU I 52 42.88 -3.34 -0.74
CA LEU I 52 41.95 -3.71 0.31
C LEU I 52 42.48 -4.92 1.08
N LEU I 53 42.66 -4.75 2.39
CA LEU I 53 43.09 -5.84 3.27
C LEU I 53 41.91 -6.45 4.03
N ILE I 54 41.14 -5.63 4.73
CA ILE I 54 40.06 -6.09 5.60
C ILE I 54 38.83 -5.23 5.35
N TYR I 55 37.67 -5.88 5.30
CA TYR I 55 36.41 -5.17 5.27
C TYR I 55 35.54 -5.64 6.43
N TRP I 56 34.68 -4.74 6.91
CA TRP I 56 33.83 -4.99 8.06
C TRP I 56 34.65 -5.37 9.29
N ALA I 57 35.80 -4.70 9.45
CA ALA I 57 36.61 -4.76 10.66
C ALA I 57 37.46 -6.03 10.75
N SER I 58 36.89 -7.19 10.40
CA SER I 58 37.57 -8.46 10.64
C SER I 58 37.61 -9.41 9.47
N THR I 59 36.80 -9.21 8.43
CA THR I 59 36.76 -10.14 7.31
C THR I 59 37.87 -9.83 6.31
N ARG I 60 38.77 -10.79 6.12
CA ARG I 60 39.86 -10.63 5.18
C ARG I 60 39.34 -10.79 3.75
N GLU I 61 39.76 -9.90 2.87
CA GLU I 61 39.36 -9.98 1.47
C GLU I 61 40.19 -11.04 0.75
N SER I 62 39.57 -11.66 -0.25
CA SER I 62 40.19 -12.79 -0.94
C SER I 62 41.57 -12.41 -1.48
N GLY I 63 42.52 -13.33 -1.32
CA GLY I 63 43.88 -13.11 -1.77
C GLY I 63 44.78 -12.42 -0.76
N VAL I 64 44.25 -11.99 0.37
CA VAL I 64 45.04 -11.33 1.40
C VAL I 64 45.64 -12.39 2.31
N PRO I 65 46.95 -12.39 2.51
CA PRO I 65 47.57 -13.42 3.36
C PRO I 65 46.95 -13.42 4.76
N ASP I 66 46.73 -14.62 5.29
CA ASP I 66 46.06 -14.76 6.58
C ASP I 66 46.88 -14.19 7.74
N ARG I 67 48.14 -13.79 7.50
CA ARG I 67 48.89 -13.10 8.54
C ARG I 67 48.29 -11.74 8.87
N PHE I 68 47.48 -11.17 7.96
CA PHE I 68 46.76 -9.93 8.21
C PHE I 68 45.43 -10.24 8.89
N SER I 69 45.19 -9.59 10.03
CA SER I 69 43.95 -9.79 10.77
C SER I 69 43.51 -8.47 11.38
N GLY I 70 42.20 -8.21 11.29
CA GLY I 70 41.62 -7.04 11.94
C GLY I 70 40.70 -7.45 13.07
N SER I 71 40.46 -6.54 14.02
CA SER I 71 39.61 -6.85 15.16
C SER I 71 39.13 -5.54 15.77
N GLY I 72 38.27 -5.66 16.77
CA GLY I 72 37.68 -4.51 17.43
C GLY I 72 36.22 -4.33 17.04
N SER I 73 35.61 -3.32 17.66
CA SER I 73 34.21 -3.00 17.39
C SER I 73 33.91 -1.62 17.95
N GLY I 74 32.87 -1.00 17.41
CA GLY I 74 32.46 0.32 17.85
C GLY I 74 33.39 1.42 17.34
N THR I 75 34.33 1.84 18.19
CA THR I 75 35.27 2.89 17.84
C THR I 75 36.73 2.45 17.86
N ASP I 76 37.04 1.33 18.49
CA ASP I 76 38.43 0.89 18.69
C ASP I 76 38.71 -0.32 17.81
N PHE I 77 39.59 -0.14 16.83
CA PHE I 77 39.93 -1.20 15.90
C PHE I 77 41.44 -1.33 15.80
N THR I 78 41.89 -2.53 15.45
CA THR I 78 43.31 -2.82 15.33
C THR I 78 43.56 -3.72 14.15
N LEU I 79 44.63 -3.42 13.40
CA LEU I 79 45.14 -4.29 12.37
C LEU I 79 46.46 -4.88 12.86
N THR I 80 46.61 -6.19 12.72
CA THR I 80 47.79 -6.89 13.21
C THR I 80 48.39 -7.73 12.08
N ILE I 81 49.69 -7.63 11.90
CA ILE I 81 50.46 -8.51 11.04
C ILE I 81 51.23 -9.47 11.94
N SER I 82 50.93 -10.76 11.84
CA SER I 82 51.53 -11.73 12.75
C SER I 82 53.05 -11.71 12.66
N SER I 83 53.59 -11.99 11.47
CA SER I 83 55.03 -12.05 11.25
C SER I 83 55.36 -11.12 10.08
N LEU I 84 55.88 -9.93 10.39
CA LEU I 84 56.18 -8.94 9.38
C LEU I 84 57.19 -9.48 8.37
N GLN I 85 56.80 -9.47 7.09
CA GLN I 85 57.69 -9.78 5.99
C GLN I 85 58.03 -8.52 5.23
N ALA I 86 59.10 -8.59 4.42
CA ALA I 86 59.49 -7.43 3.64
C ALA I 86 58.35 -6.93 2.76
N GLU I 87 57.53 -7.85 2.26
CA GLU I 87 56.38 -7.49 1.43
C GLU I 87 55.39 -6.57 2.14
N ASP I 88 55.55 -6.37 3.45
CA ASP I 88 54.56 -5.64 4.24
C ASP I 88 54.98 -4.23 4.63
N VAL I 89 56.26 -3.87 4.44
CA VAL I 89 56.68 -2.51 4.77
C VAL I 89 55.94 -1.56 3.84
N ALA I 90 55.00 -0.81 4.39
CA ALA I 90 54.11 0.05 3.62
C ALA I 90 53.33 0.90 4.60
N VAL I 91 52.51 1.80 4.07
CA VAL I 91 51.59 2.60 4.87
C VAL I 91 50.24 1.92 4.89
N TYR I 92 49.59 1.92 6.05
CA TYR I 92 48.30 1.27 6.22
C TYR I 92 47.28 2.31 6.65
N TYR I 93 46.08 2.23 6.06
CA TYR I 93 45.03 3.21 6.30
C TYR I 93 43.80 2.52 6.84
N CYS I 94 43.19 3.08 7.89
CA CYS I 94 41.83 2.66 8.18
C CYS I 94 40.87 3.58 7.42
N HIS I 95 39.62 3.13 7.34
CA HIS I 95 38.61 3.82 6.54
C HIS I 95 37.24 3.46 7.09
N GLN I 96 36.42 4.48 7.29
CA GLN I 96 35.03 4.30 7.72
C GLN I 96 34.12 4.56 6.53
N TYR I 97 33.20 3.62 6.28
CA TYR I 97 32.20 3.82 5.25
C TYR I 97 30.81 3.73 5.85
N SER I 98 30.58 4.52 6.90
CA SER I 98 29.32 4.56 7.64
C SER I 98 28.53 5.85 7.45
N THR I 99 29.22 6.99 7.42
CA THR I 99 28.58 8.27 7.17
C THR I 99 29.42 9.08 6.20
N THR I 100 28.74 9.86 5.36
CA THR I 100 29.45 10.73 4.44
C THR I 100 29.91 11.99 5.18
N PRO I 101 31.13 12.48 4.90
CA PRO I 101 32.07 11.91 3.93
C PRO I 101 32.82 10.70 4.47
N LEU I 102 33.07 9.71 3.61
CA LEU I 102 33.82 8.53 4.00
C LEU I 102 35.28 8.93 4.24
N THR I 103 35.70 8.91 5.50
CA THR I 103 36.98 9.48 5.91
C THR I 103 38.01 8.39 6.18
N PHE I 104 39.26 8.67 5.83
CA PHE I 104 40.39 7.80 6.12
C PHE I 104 41.16 8.30 7.33
N GLY I 105 41.82 7.37 8.01
CA GLY I 105 42.78 7.75 9.02
C GLY I 105 44.03 8.34 8.39
N GLY I 106 44.85 8.98 9.23
CA GLY I 106 46.08 9.58 8.75
C GLY I 106 47.08 8.58 8.21
N GLY I 107 46.96 7.32 8.57
CA GLY I 107 47.85 6.29 8.10
C GLY I 107 48.94 5.95 9.10
N THR I 108 49.53 4.78 8.91
CA THR I 108 50.62 4.29 9.76
C THR I 108 51.67 3.64 8.88
N LYS I 109 52.87 4.22 8.84
CA LYS I 109 53.96 3.68 8.04
C LYS I 109 54.64 2.57 8.81
N VAL I 110 54.68 1.37 8.23
CA VAL I 110 55.33 0.21 8.84
C VAL I 110 56.70 0.05 8.19
N GLU I 111 57.75 0.22 8.98
CA GLU I 111 59.11 0.16 8.49
C GLU I 111 59.88 -0.96 9.17
N ILE I 112 61.09 -1.20 8.68
CA ILE I 112 61.99 -2.17 9.29
C ILE I 112 62.68 -1.52 10.48
N LYS I 113 62.73 -2.23 11.61
CA LYS I 113 63.46 -1.77 12.77
C LYS I 113 64.90 -2.28 12.68
N ARG I 114 65.85 -1.37 12.92
CA ARG I 114 67.26 -1.71 12.95
C ARG I 114 67.91 -0.88 14.05
N THR I 115 69.23 -1.00 14.18
CA THR I 115 69.95 -0.31 15.23
C THR I 115 70.11 1.17 14.91
N VAL I 116 70.12 1.98 15.97
CA VAL I 116 70.31 3.41 15.85
C VAL I 116 71.59 3.67 15.07
N ALA I 117 71.49 4.38 13.95
CA ALA I 117 72.63 4.68 13.09
C ALA I 117 72.73 6.20 12.92
N ALA I 118 73.80 6.78 13.44
CA ALA I 118 74.02 8.21 13.28
C ALA I 118 74.23 8.54 11.81
N PRO I 119 74.01 9.79 11.42
CA PRO I 119 74.13 10.15 10.01
C PRO I 119 75.47 10.75 9.64
N SER I 120 75.97 10.41 8.45
CA SER I 120 77.10 11.12 7.88
C SER I 120 76.61 12.45 7.32
N VAL I 121 77.24 13.54 7.76
CA VAL I 121 76.81 14.89 7.39
C VAL I 121 77.82 15.48 6.41
N PHE I 122 77.32 15.94 5.26
CA PHE I 122 78.12 16.63 4.28
C PHE I 122 77.44 17.95 3.92
N ILE I 123 78.24 18.92 3.48
CA ILE I 123 77.76 20.23 3.10
C ILE I 123 78.42 20.64 1.79
N PHE I 124 77.64 21.29 0.92
CA PHE I 124 78.10 21.66 -0.42
C PHE I 124 77.84 23.14 -0.62
N PRO I 125 78.86 23.95 -0.94
CA PRO I 125 78.63 25.36 -1.23
C PRO I 125 78.08 25.54 -2.63
N PRO I 126 77.53 26.72 -2.94
CA PRO I 126 76.89 26.92 -4.25
C PRO I 126 77.87 26.71 -5.40
N SER I 127 77.33 26.20 -6.50
CA SER I 127 78.13 26.03 -7.71
C SER I 127 78.51 27.39 -8.28
N ASP I 128 79.75 27.50 -8.76
CA ASP I 128 80.21 28.75 -9.35
C ASP I 128 79.31 29.18 -10.49
N GLU I 129 78.85 28.23 -11.31
CA GLU I 129 77.89 28.56 -12.35
C GLU I 129 76.61 29.12 -11.76
N GLN I 130 76.13 28.52 -10.66
CA GLN I 130 74.82 28.87 -10.12
C GLN I 130 74.76 30.33 -9.69
N LEU I 131 75.87 30.87 -9.18
CA LEU I 131 75.83 32.24 -8.66
C LEU I 131 75.77 33.26 -9.78
N LYS I 132 76.28 32.92 -10.96
CA LYS I 132 75.98 33.75 -12.13
C LYS I 132 74.48 33.89 -12.32
N SER I 133 73.72 32.85 -11.97
CA SER I 133 72.27 32.96 -11.99
C SER I 133 71.77 34.10 -11.11
N GLY I 134 72.48 34.39 -10.03
CA GLY I 134 71.99 35.30 -9.02
C GLY I 134 71.37 34.63 -7.82
N THR I 135 71.32 33.30 -7.79
CA THR I 135 70.79 32.53 -6.69
C THR I 135 71.87 31.60 -6.15
N ALA I 136 71.83 31.36 -4.84
CA ALA I 136 72.80 30.53 -4.15
C ALA I 136 72.07 29.39 -3.46
N SER I 137 72.41 28.16 -3.82
CA SER I 137 71.79 26.96 -3.26
C SER I 137 72.83 26.19 -2.46
N VAL I 138 72.70 26.24 -1.14
CA VAL I 138 73.61 25.56 -0.22
C VAL I 138 72.95 24.25 0.21
N VAL I 139 73.51 23.12 -0.21
CA VAL I 139 72.95 21.81 0.07
C VAL I 139 73.66 21.19 1.26
N CYS I 140 72.92 20.42 2.04
CA CYS I 140 73.46 19.69 3.19
C CYS I 140 72.80 18.33 3.26
N LEU I 141 73.61 17.27 3.26
CA LEU I 141 73.12 15.91 3.18
C LEU I 141 73.33 15.19 4.50
N LEU I 142 72.27 14.55 5.01
CA LEU I 142 72.34 13.60 6.11
C LEU I 142 72.18 12.22 5.49
N ASN I 143 73.25 11.44 5.48
CA ASN I 143 73.29 10.19 4.73
C ASN I 143 73.26 8.98 5.65
N ASN I 144 72.42 8.01 5.32
CA ASN I 144 72.39 6.70 5.97
C ASN I 144 72.30 6.81 7.50
N PHE I 145 71.13 7.27 7.94
CA PHE I 145 70.83 7.39 9.36
C PHE I 145 69.55 6.64 9.69
N TYR I 146 69.34 6.43 11.00
CA TYR I 146 68.16 5.77 11.54
C TYR I 146 68.13 6.05 13.02
N PRO I 147 66.96 6.36 13.61
CA PRO I 147 65.65 6.47 12.96
C PRO I 147 65.51 7.71 12.09
N ARG I 148 64.35 7.87 11.44
CA ARG I 148 64.17 8.99 10.52
C ARG I 148 64.00 10.33 11.25
N GLU I 149 63.56 10.31 12.50
CA GLU I 149 63.42 11.55 13.26
C GLU I 149 64.73 12.32 13.28
N ALA I 150 64.74 13.49 12.64
CA ALA I 150 65.95 14.30 12.57
C ALA I 150 65.57 15.77 12.39
N LYS I 151 66.51 16.65 12.72
CA LYS I 151 66.30 18.09 12.62
C LYS I 151 67.54 18.72 12.01
N VAL I 152 67.33 19.75 11.20
CA VAL I 152 68.40 20.45 10.51
C VAL I 152 68.16 21.95 10.63
N GLN I 153 69.16 22.66 11.15
CA GLN I 153 69.09 24.11 11.33
C GLN I 153 70.25 24.77 10.61
N TRP I 154 69.96 25.84 9.87
CA TRP I 154 70.97 26.58 9.14
C TRP I 154 71.35 27.85 9.90
N LYS I 155 72.65 28.11 9.96
CA LYS I 155 73.17 29.30 10.63
C LYS I 155 74.20 29.96 9.71
N VAL I 156 73.90 31.17 9.25
CA VAL I 156 74.78 31.94 8.39
C VAL I 156 75.40 33.06 9.24
N ASP I 157 76.73 33.07 9.32
CA ASP I 157 77.44 34.00 10.20
C ASP I 157 76.86 33.96 11.61
N ASN I 158 76.58 32.74 12.08
CA ASN I 158 75.96 32.52 13.38
C ASN I 158 74.64 33.28 13.50
N ALA I 159 73.85 33.25 12.43
CA ALA I 159 72.50 33.82 12.40
C ALA I 159 71.57 32.72 11.90
N LEU I 160 70.94 32.01 12.82
CA LEU I 160 70.10 30.87 12.46
C LEU I 160 69.00 31.31 11.50
N GLN I 161 68.97 30.69 10.33
CA GLN I 161 68.05 31.07 9.27
C GLN I 161 66.73 30.32 9.42
N SER I 162 65.64 31.03 9.12
CA SER I 162 64.29 30.48 9.25
C SER I 162 63.49 30.81 8.00
N GLY I 163 62.90 29.78 7.38
CA GLY I 163 62.01 29.95 6.26
C GLY I 163 62.62 29.75 4.89
N ASN I 164 63.95 29.77 4.79
CA ASN I 164 64.64 29.67 3.51
C ASN I 164 65.18 28.27 3.26
N SER I 165 64.70 27.26 3.99
CA SER I 165 65.17 25.89 3.85
C SER I 165 64.03 24.99 3.41
N GLN I 166 64.38 23.94 2.65
CA GLN I 166 63.41 22.95 2.20
C GLN I 166 64.07 21.58 2.26
N GLU I 167 63.38 20.64 2.92
CA GLU I 167 63.91 19.30 3.14
C GLU I 167 63.23 18.29 2.24
N SER I 168 63.92 17.17 2.03
CA SER I 168 63.38 16.02 1.32
C SER I 168 64.09 14.78 1.83
N VAL I 169 63.38 13.65 1.83
CA VAL I 169 63.86 12.43 2.47
C VAL I 169 63.67 11.26 1.52
N THR I 170 64.60 10.31 1.59
CA THR I 170 64.48 9.08 0.82
C THR I 170 63.58 8.08 1.53
N GLU I 171 63.21 7.04 0.81
CA GLU I 171 62.54 5.90 1.43
C GLU I 171 63.56 5.00 2.09
N GLN I 172 63.07 4.12 2.96
CA GLN I 172 63.95 3.21 3.68
C GLN I 172 64.76 2.37 2.68
N ASP I 173 66.04 2.20 2.98
CA ASP I 173 66.95 1.55 2.05
C ASP I 173 66.66 0.06 1.95
N SER I 174 66.86 -0.48 0.73
CA SER I 174 66.59 -1.88 0.47
C SER I 174 67.39 -2.79 1.40
N LYS I 175 68.71 -2.66 1.40
CA LYS I 175 69.57 -3.51 2.20
C LYS I 175 70.01 -2.86 3.51
N ASP I 176 70.15 -1.54 3.53
CA ASP I 176 70.63 -0.85 4.72
C ASP I 176 69.52 -0.52 5.72
N SER I 177 68.27 -0.49 5.28
CA SER I 177 67.14 -0.14 6.15
C SER I 177 67.32 1.25 6.75
N THR I 178 68.04 2.11 6.06
CA THR I 178 68.36 3.45 6.55
C THR I 178 67.64 4.50 5.72
N TYR I 179 67.72 5.74 6.19
CA TYR I 179 67.19 6.89 5.50
C TYR I 179 68.30 7.90 5.25
N SER I 180 68.03 8.84 4.34
CA SER I 180 68.95 9.93 4.07
C SER I 180 68.13 11.15 3.67
N LEU I 181 68.56 12.31 4.14
CA LEU I 181 67.81 13.55 3.98
C LEU I 181 68.68 14.61 3.33
N SER I 182 68.03 15.48 2.57
CA SER I 182 68.67 16.63 1.93
C SER I 182 67.93 17.89 2.33
N SER I 183 68.66 18.90 2.79
CA SER I 183 68.11 20.20 3.09
C SER I 183 68.84 21.24 2.26
N THR I 184 68.08 22.09 1.57
CA THR I 184 68.63 23.07 0.64
C THR I 184 68.36 24.47 1.17
N LEU I 185 69.41 25.19 1.52
CA LEU I 185 69.31 26.59 1.93
C LEU I 185 69.40 27.46 0.68
N THR I 186 68.37 28.25 0.43
CA THR I 186 68.28 29.08 -0.77
C THR I 186 68.41 30.54 -0.40
N LEU I 187 69.34 31.23 -1.05
CA LEU I 187 69.58 32.65 -0.74
C LEU I 187 69.90 33.39 -2.02
N SER I 188 69.80 34.71 -1.95
CA SER I 188 70.32 35.56 -3.01
C SER I 188 71.83 35.36 -3.14
N LYS I 189 72.36 35.76 -4.30
CA LYS I 189 73.82 35.82 -4.44
C LYS I 189 74.36 37.04 -3.71
N ALA I 190 73.57 38.11 -3.66
CA ALA I 190 73.94 39.27 -2.88
C ALA I 190 74.08 38.92 -1.40
N ASP I 191 73.06 38.28 -0.83
CA ASP I 191 73.15 37.84 0.55
C ASP I 191 74.16 36.72 0.74
N TYR I 192 74.48 35.97 -0.33
CA TYR I 192 75.52 34.96 -0.24
C TYR I 192 76.90 35.62 -0.20
N GLU I 193 77.13 36.61 -1.06
CA GLU I 193 78.41 37.31 -1.08
C GLU I 193 78.63 38.17 0.16
N LYS I 194 77.56 38.54 0.87
CA LYS I 194 77.67 39.45 2.00
C LYS I 194 78.06 38.74 3.29
N HIS I 195 77.99 37.41 3.34
CA HIS I 195 78.29 36.66 4.55
C HIS I 195 79.31 35.58 4.26
N LYS I 196 79.96 35.09 5.32
CA LYS I 196 81.17 34.29 5.19
C LYS I 196 80.95 32.80 5.39
N VAL I 197 80.53 32.39 6.59
CA VAL I 197 80.50 30.99 6.99
C VAL I 197 79.07 30.50 6.96
N TYR I 198 78.86 29.31 6.40
CA TYR I 198 77.55 28.68 6.32
C TYR I 198 77.61 27.33 7.01
N ALA I 199 76.77 27.13 8.02
CA ALA I 199 76.81 25.94 8.85
C ALA I 199 75.51 25.15 8.72
N CYS I 200 75.64 23.83 8.83
CA CYS I 200 74.50 22.91 8.82
C CYS I 200 74.52 22.15 10.14
N GLU I 201 73.61 22.52 11.05
CA GLU I 201 73.54 21.91 12.36
C GLU I 201 72.52 20.78 12.34
N VAL I 202 72.93 19.57 12.70
CA VAL I 202 72.11 18.37 12.62
C VAL I 202 71.89 17.83 14.03
N THR I 203 70.64 17.54 14.35
CA THR I 203 70.29 16.87 15.60
C THR I 203 69.70 15.50 15.27
N HIS I 204 70.07 14.50 16.07
CA HIS I 204 69.63 13.13 15.82
C HIS I 204 69.80 12.32 17.10
N GLN I 205 69.19 11.14 17.11
CA GLN I 205 69.29 10.26 18.27
C GLN I 205 70.72 9.78 18.49
N GLY I 206 71.45 9.50 17.41
CA GLY I 206 72.75 8.87 17.52
C GLY I 206 73.85 9.77 18.03
N LEU I 207 73.63 11.08 18.03
CA LEU I 207 74.66 12.05 18.39
C LEU I 207 74.38 12.63 19.76
N SER I 208 75.33 12.48 20.67
CA SER I 208 75.28 13.07 22.00
C SER I 208 74.94 14.55 21.93
N SER I 209 75.32 15.20 20.84
CA SER I 209 75.15 16.63 20.68
C SER I 209 75.09 16.94 19.20
N PRO I 210 74.46 18.04 18.80
CA PRO I 210 74.29 18.33 17.37
C PRO I 210 75.63 18.49 16.66
N VAL I 211 75.82 17.68 15.62
CA VAL I 211 76.99 17.81 14.75
C VAL I 211 76.79 19.01 13.83
N THR I 212 77.87 19.73 13.56
CA THR I 212 77.84 20.89 12.69
C THR I 212 78.91 20.78 11.63
N LYS I 213 78.51 20.92 10.37
CA LYS I 213 79.44 21.00 9.25
C LYS I 213 79.34 22.38 8.62
N SER I 214 80.48 22.97 8.29
CA SER I 214 80.51 24.35 7.83
C SER I 214 81.51 24.51 6.69
N PHE I 215 81.41 25.65 6.02
CA PHE I 215 82.37 26.07 5.01
C PHE I 215 82.39 27.59 4.99
N ASN I 216 83.47 28.16 4.46
CA ASN I 216 83.66 29.59 4.39
C ASN I 216 83.79 30.00 2.93
N ARG I 217 83.03 31.03 2.53
CA ARG I 217 83.05 31.49 1.15
C ARG I 217 84.44 31.97 0.77
N GLY I 218 84.83 31.71 -0.48
CA GLY I 218 86.11 32.10 -1.00
C GLY I 218 87.15 31.00 -1.02
N GLU I 219 86.93 29.90 -0.30
CA GLU I 219 87.89 28.80 -0.26
C GLU I 219 87.39 27.60 -1.04
N SER J 2 6.45 -39.74 -22.45
CA SER J 2 6.46 -40.72 -21.37
C SER J 2 7.15 -40.22 -20.11
N VAL J 3 7.93 -39.15 -20.22
CA VAL J 3 8.58 -38.52 -19.07
C VAL J 3 8.37 -37.01 -19.14
N LEU J 4 8.07 -36.41 -17.99
CA LEU J 4 7.96 -34.98 -17.82
C LEU J 4 9.14 -34.48 -17.01
N THR J 5 9.87 -33.51 -17.55
CA THR J 5 11.12 -33.05 -16.97
C THR J 5 10.93 -31.68 -16.33
N GLN J 6 11.26 -31.57 -15.05
CA GLN J 6 11.28 -30.33 -14.30
C GLN J 6 12.68 -30.06 -13.77
N PRO J 7 13.10 -28.81 -13.70
CA PRO J 7 14.32 -28.48 -12.95
C PRO J 7 14.17 -28.91 -11.50
N PRO J 8 15.22 -29.46 -10.89
CA PRO J 8 15.10 -29.90 -9.50
C PRO J 8 14.92 -28.78 -8.50
N SER J 9 15.24 -27.53 -8.86
CA SER J 9 15.23 -26.45 -7.90
C SER J 9 14.86 -25.13 -8.58
N ALA J 10 14.28 -24.23 -7.80
CA ALA J 10 14.01 -22.87 -8.25
C ALA J 10 14.00 -21.95 -7.02
N SER J 11 14.25 -20.66 -7.25
CA SER J 11 14.35 -19.75 -6.13
C SER J 11 14.01 -18.33 -6.58
N GLY J 12 13.76 -17.48 -5.59
CA GLY J 12 13.52 -16.07 -5.82
C GLY J 12 13.49 -15.35 -4.50
N THR J 13 13.76 -14.05 -4.54
CA THR J 13 13.78 -13.27 -3.31
C THR J 13 12.35 -12.87 -2.92
N PRO J 14 12.13 -12.59 -1.64
CA PRO J 14 10.78 -12.27 -1.16
C PRO J 14 10.10 -11.20 -2.01
N GLY J 15 8.84 -11.45 -2.35
CA GLY J 15 8.06 -10.51 -3.12
C GLY J 15 8.28 -10.54 -4.62
N GLN J 16 9.33 -11.21 -5.10
CA GLN J 16 9.60 -11.29 -6.52
C GLN J 16 8.77 -12.42 -7.13
N SER J 17 9.00 -12.71 -8.41
CA SER J 17 8.31 -13.76 -9.12
C SER J 17 9.29 -14.88 -9.49
N VAL J 18 8.71 -16.01 -9.91
CA VAL J 18 9.48 -17.16 -10.35
C VAL J 18 8.62 -17.97 -11.31
N SER J 19 9.28 -18.65 -12.25
CA SER J 19 8.59 -19.48 -13.23
C SER J 19 9.21 -20.87 -13.20
N ILE J 20 8.40 -21.87 -12.90
CA ILE J 20 8.83 -23.27 -12.87
C ILE J 20 8.38 -23.93 -14.17
N SER J 21 9.32 -24.55 -14.86
CA SER J 21 9.06 -25.16 -16.16
C SER J 21 8.76 -26.64 -16.02
N CYS J 22 8.02 -27.16 -16.98
CA CYS J 22 7.74 -28.59 -17.09
C CYS J 22 7.87 -28.97 -18.56
N SER J 23 8.86 -29.78 -18.88
CA SER J 23 9.19 -30.14 -20.25
C SER J 23 8.67 -31.53 -20.57
N GLY J 24 7.89 -31.64 -21.65
CA GLY J 24 7.34 -32.90 -22.07
C GLY J 24 7.50 -33.09 -23.57
N THR J 25 6.56 -33.84 -24.14
CA THR J 25 6.55 -34.15 -25.55
C THR J 25 5.16 -33.91 -26.12
N TYR J 26 5.04 -34.09 -27.43
CA TYR J 26 3.77 -33.83 -28.10
C TYR J 26 2.67 -34.78 -27.63
N SER J 27 3.04 -36.00 -27.24
CA SER J 27 2.02 -36.98 -26.85
C SER J 27 1.43 -36.69 -25.48
N ASN J 28 2.12 -35.93 -24.62
CA ASN J 28 1.59 -35.60 -23.32
C ASN J 28 1.28 -34.10 -23.29
N ILE J 29 2.20 -33.24 -22.84
CA ILE J 29 1.88 -31.83 -22.66
C ILE J 29 1.26 -31.23 -23.91
N GLY J 30 1.73 -31.67 -25.08
CA GLY J 30 1.26 -31.07 -26.33
C GLY J 30 -0.18 -31.37 -26.67
N SER J 31 -0.77 -32.42 -26.09
CA SER J 31 -2.11 -32.83 -26.46
C SER J 31 -3.05 -33.03 -25.28
N ASN J 32 -2.61 -32.75 -24.05
CA ASN J 32 -3.41 -33.06 -22.88
C ASN J 32 -3.37 -31.91 -21.89
N PRO J 33 -4.40 -31.78 -21.05
CA PRO J 33 -4.42 -30.69 -20.07
C PRO J 33 -3.35 -30.89 -19.00
N VAL J 34 -2.86 -29.76 -18.48
CA VAL J 34 -1.75 -29.74 -17.53
C VAL J 34 -2.25 -29.28 -16.17
N ASN J 35 -1.84 -29.98 -15.12
CA ASN J 35 -2.13 -29.60 -13.75
C ASN J 35 -0.83 -29.32 -13.01
N TRP J 36 -0.93 -28.51 -11.95
CA TRP J 36 0.21 -28.21 -11.08
C TRP J 36 -0.21 -28.44 -9.64
N TYR J 37 0.68 -29.02 -8.84
CA TYR J 37 0.43 -29.30 -7.44
C TYR J 37 1.52 -28.68 -6.58
N GLN J 38 1.13 -28.24 -5.38
CA GLN J 38 2.05 -27.70 -4.39
C GLN J 38 2.05 -28.63 -3.19
N GLN J 39 3.23 -29.12 -2.81
CA GLN J 39 3.38 -30.01 -1.66
C GLN J 39 4.40 -29.44 -0.71
N VAL J 40 3.93 -28.92 0.42
CA VAL J 40 4.80 -28.64 1.56
C VAL J 40 5.20 -30.02 2.11
N PRO J 41 6.49 -30.35 2.13
CA PRO J 41 6.89 -31.73 2.44
C PRO J 41 6.26 -32.23 3.74
N GLY J 42 5.87 -33.49 3.75
CA GLY J 42 5.16 -34.09 4.86
C GLY J 42 3.65 -34.01 4.73
N THR J 43 3.13 -32.98 4.08
CA THR J 43 1.71 -32.83 3.85
C THR J 43 1.35 -33.31 2.45
N ALA J 44 0.04 -33.45 2.22
CA ALA J 44 -0.43 -33.96 0.94
C ALA J 44 -0.30 -32.90 -0.15
N PRO J 45 -0.15 -33.34 -1.40
CA PRO J 45 -0.19 -32.37 -2.52
C PRO J 45 -1.51 -31.62 -2.54
N LYS J 46 -1.47 -30.40 -3.05
CA LYS J 46 -2.65 -29.54 -3.16
C LYS J 46 -2.74 -29.02 -4.58
N LEU J 47 -3.93 -29.09 -5.17
CA LEU J 47 -4.13 -28.66 -6.54
C LEU J 47 -4.01 -27.14 -6.64
N LEU J 48 -3.12 -26.67 -7.51
CA LEU J 48 -2.96 -25.26 -7.81
C LEU J 48 -3.54 -24.85 -9.15
N ILE J 49 -3.30 -25.66 -10.19
CA ILE J 49 -3.71 -25.34 -11.55
C ILE J 49 -4.26 -26.60 -12.20
N TYR J 50 -5.40 -26.46 -12.87
CA TYR J 50 -5.94 -27.53 -13.70
C TYR J 50 -6.25 -26.96 -15.08
N ALA J 51 -6.27 -27.85 -16.08
CA ALA J 51 -6.58 -27.47 -17.45
C ALA J 51 -5.66 -26.34 -17.94
N ASN J 52 -4.37 -26.47 -17.63
CA ASN J 52 -3.34 -25.56 -18.12
C ASN J 52 -3.23 -24.27 -17.31
N ASP J 53 -4.36 -23.57 -17.09
CA ASP J 53 -4.27 -22.24 -16.51
C ASP J 53 -5.45 -21.90 -15.59
N GLN J 54 -6.18 -22.89 -15.08
CA GLN J 54 -7.36 -22.65 -14.26
C GLN J 54 -7.04 -22.90 -12.79
N ARG J 55 -7.59 -22.05 -11.93
CA ARG J 55 -7.36 -22.09 -10.48
C ARG J 55 -8.56 -22.66 -9.76
N PRO J 56 -8.39 -23.64 -8.87
CA PRO J 56 -9.49 -24.00 -7.98
C PRO J 56 -9.85 -22.81 -7.10
N SER J 57 -11.06 -22.85 -6.54
CA SER J 57 -11.46 -21.79 -5.63
C SER J 57 -10.56 -21.81 -4.40
N GLY J 58 -10.12 -20.63 -3.98
CA GLY J 58 -9.23 -20.51 -2.84
C GLY J 58 -7.76 -20.42 -3.18
N VAL J 59 -7.38 -20.54 -4.44
CA VAL J 59 -6.01 -20.41 -4.89
C VAL J 59 -5.82 -18.99 -5.42
N PRO J 60 -4.90 -18.19 -4.88
CA PRO J 60 -4.80 -16.79 -5.30
C PRO J 60 -4.25 -16.67 -6.72
N ASP J 61 -4.62 -15.57 -7.38
CA ASP J 61 -4.27 -15.39 -8.78
C ASP J 61 -2.79 -15.10 -9.01
N ARG J 62 -1.98 -14.95 -7.96
CA ARG J 62 -0.55 -14.85 -8.19
C ARG J 62 0.06 -16.19 -8.61
N PHE J 63 -0.67 -17.29 -8.44
CA PHE J 63 -0.33 -18.57 -9.05
C PHE J 63 -1.01 -18.63 -10.42
N SER J 64 -0.22 -18.81 -11.47
CA SER J 64 -0.76 -18.81 -12.82
C SER J 64 -0.03 -19.83 -13.68
N GLY J 65 -0.77 -20.48 -14.58
CA GLY J 65 -0.24 -21.51 -15.44
C GLY J 65 -0.25 -21.07 -16.90
N SER J 66 0.73 -21.56 -17.65
CA SER J 66 0.80 -21.31 -19.09
C SER J 66 1.32 -22.56 -19.77
N LYS J 67 1.16 -22.61 -21.09
CA LYS J 67 1.56 -23.77 -21.87
C LYS J 67 2.04 -23.31 -23.24
N SER J 68 3.11 -23.95 -23.72
CA SER J 68 3.51 -23.82 -25.11
C SER J 68 3.38 -25.17 -25.80
N ALA J 69 4.04 -25.34 -26.94
CA ALA J 69 3.89 -26.55 -27.73
C ALA J 69 4.08 -27.80 -26.86
N THR J 70 5.27 -27.94 -26.26
CA THR J 70 5.60 -29.14 -25.49
C THR J 70 6.04 -28.84 -24.07
N SER J 71 5.85 -27.61 -23.59
CA SER J 71 6.29 -27.25 -22.25
C SER J 71 5.20 -26.45 -21.55
N ALA J 72 5.13 -26.62 -20.23
CA ALA J 72 4.20 -25.88 -19.39
C ALA J 72 4.97 -25.13 -18.32
N PHE J 73 4.38 -24.04 -17.83
CA PHE J 73 5.07 -23.14 -16.91
C PHE J 73 4.14 -22.72 -15.79
N LEU J 74 4.63 -22.79 -14.56
CA LEU J 74 3.93 -22.31 -13.39
C LEU J 74 4.61 -21.03 -12.90
N ALA J 75 3.92 -19.90 -13.04
CA ALA J 75 4.41 -18.62 -12.58
C ALA J 75 3.84 -18.31 -11.20
N ILE J 76 4.69 -17.84 -10.30
CA ILE J 76 4.29 -17.50 -8.94
C ILE J 76 4.76 -16.09 -8.65
N GLY J 77 3.82 -15.16 -8.44
CA GLY J 77 4.13 -13.79 -8.12
C GLY J 77 4.10 -13.53 -6.63
N GLY J 78 4.71 -12.41 -6.23
CA GLY J 78 4.74 -12.01 -4.85
C GLY J 78 5.20 -13.11 -3.91
N LEU J 79 6.40 -13.63 -4.14
CA LEU J 79 6.87 -14.80 -3.41
C LEU J 79 6.88 -14.55 -1.91
N GLN J 80 6.28 -15.47 -1.16
CA GLN J 80 6.33 -15.49 0.29
C GLN J 80 7.09 -16.73 0.75
N SER J 81 7.68 -16.61 1.94
CA SER J 81 8.38 -17.76 2.51
C SER J 81 7.46 -18.97 2.65
N GLU J 82 6.18 -18.74 2.90
CA GLU J 82 5.22 -19.83 3.00
C GLU J 82 4.95 -20.49 1.65
N ASP J 83 5.56 -20.00 0.57
CA ASP J 83 5.51 -20.69 -0.71
C ASP J 83 6.56 -21.77 -0.84
N ASP J 84 7.51 -21.84 0.10
CA ASP J 84 8.50 -22.90 0.10
C ASP J 84 7.82 -24.26 0.05
N ALA J 85 8.06 -25.00 -1.04
CA ALA J 85 7.38 -26.27 -1.23
C ALA J 85 7.97 -26.96 -2.44
N ASP J 86 7.54 -28.20 -2.66
CA ASP J 86 7.82 -28.92 -3.89
C ASP J 86 6.62 -28.78 -4.81
N TYR J 87 6.86 -28.40 -6.05
CA TYR J 87 5.80 -28.18 -7.03
C TYR J 87 5.91 -29.24 -8.12
N TYR J 88 4.78 -29.87 -8.45
CA TYR J 88 4.75 -30.97 -9.40
C TYR J 88 3.87 -30.62 -10.58
N CYS J 89 4.38 -30.75 -11.80
CA CYS J 89 3.48 -30.69 -12.94
C CYS J 89 2.96 -32.09 -13.24
N SER J 90 1.85 -32.13 -13.96
CA SER J 90 1.19 -33.39 -14.22
C SER J 90 0.29 -33.23 -15.43
N THR J 91 0.30 -34.24 -16.31
CA THR J 91 -0.56 -34.27 -17.48
C THR J 91 -0.80 -35.72 -17.86
N TRP J 92 -1.57 -35.93 -18.92
CA TRP J 92 -1.85 -37.24 -19.45
C TRP J 92 -1.01 -37.49 -20.70
N ASP J 93 -0.91 -38.76 -21.09
CA ASP J 93 -0.23 -39.15 -22.30
C ASP J 93 -1.16 -40.01 -23.14
N ASP J 94 -1.19 -39.75 -24.45
CA ASP J 94 -2.09 -40.49 -25.34
C ASP J 94 -1.87 -41.99 -25.25
N SER J 95 -0.70 -42.44 -24.82
CA SER J 95 -0.39 -43.87 -24.75
C SER J 95 -0.68 -44.48 -23.40
N LEU J 96 -1.05 -43.69 -22.40
CA LEU J 96 -1.14 -44.22 -21.04
C LEU J 96 -2.54 -44.05 -20.48
N PRO J 97 -2.99 -44.99 -19.65
CA PRO J 97 -4.33 -44.87 -19.06
C PRO J 97 -4.42 -43.81 -17.98
N GLY J 98 -3.34 -43.60 -17.21
CA GLY J 98 -3.34 -42.64 -16.14
C GLY J 98 -2.33 -41.52 -16.34
N PRO J 99 -2.42 -40.48 -15.52
CA PRO J 99 -1.58 -39.29 -15.73
C PRO J 99 -0.15 -39.50 -15.29
N LEU J 100 0.71 -38.61 -15.79
CA LEU J 100 2.12 -38.56 -15.45
C LEU J 100 2.39 -37.41 -14.48
N PHE J 101 3.52 -37.51 -13.79
CA PHE J 101 3.99 -36.45 -12.90
C PHE J 101 5.43 -36.12 -13.25
N GLY J 102 5.77 -34.84 -13.18
CA GLY J 102 7.16 -34.44 -13.26
C GLY J 102 7.91 -34.85 -12.01
N GLY J 103 9.24 -34.72 -12.08
CA GLY J 103 10.09 -35.07 -10.95
C GLY J 103 9.98 -34.11 -9.77
N GLY J 104 9.28 -32.99 -9.94
CA GLY J 104 9.13 -32.03 -8.86
C GLY J 104 10.21 -30.97 -8.87
N THR J 105 9.85 -29.79 -8.37
CA THR J 105 10.77 -28.67 -8.26
C THR J 105 10.67 -28.11 -6.86
N LYS J 106 11.80 -28.08 -6.14
CA LYS J 106 11.85 -27.46 -4.83
C LYS J 106 12.02 -25.95 -4.99
N LEU J 107 11.05 -25.19 -4.49
CA LEU J 107 11.10 -23.73 -4.54
C LEU J 107 11.58 -23.19 -3.21
N THR J 108 12.62 -22.38 -3.24
CA THR J 108 13.14 -21.71 -2.06
C THR J 108 13.00 -20.21 -2.26
N VAL J 109 12.28 -19.55 -1.37
CA VAL J 109 12.21 -18.10 -1.32
C VAL J 109 13.39 -17.64 -0.49
N LEU J 110 14.40 -17.06 -1.16
CA LEU J 110 15.71 -16.87 -0.56
C LEU J 110 15.64 -16.02 0.70
N GLY J 111 16.20 -16.53 1.79
CA GLY J 111 16.27 -15.80 3.05
C GLY J 111 17.70 -15.51 3.43
N GLN J 112 18.63 -15.85 2.55
CA GLN J 112 20.05 -15.60 2.77
C GLN J 112 20.81 -15.81 1.48
N PRO J 113 22.05 -15.36 1.39
CA PRO J 113 22.78 -15.45 0.12
C PRO J 113 23.03 -16.89 -0.28
N LYS J 114 23.10 -17.12 -1.60
CA LYS J 114 23.41 -18.44 -2.12
C LYS J 114 24.83 -18.84 -1.73
N ALA J 115 24.98 -20.05 -1.20
CA ALA J 115 26.26 -20.56 -0.75
C ALA J 115 26.49 -21.93 -1.37
N ASN J 116 27.66 -22.12 -1.97
CA ASN J 116 27.98 -23.40 -2.56
C ASN J 116 28.48 -24.38 -1.51
N PRO J 117 28.36 -25.68 -1.78
CA PRO J 117 28.66 -26.68 -0.76
C PRO J 117 30.16 -26.89 -0.56
N THR J 118 30.51 -27.22 0.69
CA THR J 118 31.81 -27.79 0.99
C THR J 118 31.68 -29.31 0.92
N VAL J 119 32.64 -29.96 0.26
CA VAL J 119 32.59 -31.38 0.00
C VAL J 119 33.78 -32.06 0.65
N THR J 120 33.53 -33.19 1.32
CA THR J 120 34.57 -34.00 1.94
C THR J 120 34.33 -35.45 1.57
N LEU J 121 35.31 -36.07 0.91
CA LEU J 121 35.19 -37.43 0.40
C LEU J 121 36.20 -38.33 1.10
N PHE J 122 35.70 -39.38 1.77
CA PHE J 122 36.51 -40.36 2.49
C PHE J 122 36.61 -41.65 1.70
N PRO J 123 37.79 -42.23 1.54
CA PRO J 123 37.91 -43.53 0.89
C PRO J 123 37.50 -44.65 1.83
N PRO J 124 37.44 -45.89 1.36
CA PRO J 124 37.12 -47.00 2.26
C PRO J 124 38.21 -47.17 3.32
N SER J 125 37.79 -47.57 4.51
CA SER J 125 38.74 -47.77 5.60
C SER J 125 39.43 -49.12 5.47
N SER J 126 40.51 -49.29 6.22
CA SER J 126 41.19 -50.58 6.25
C SER J 126 40.33 -51.64 6.90
N GLU J 127 39.60 -51.29 7.96
CA GLU J 127 38.71 -52.24 8.61
C GLU J 127 37.65 -52.75 7.65
N GLU J 128 37.04 -51.84 6.87
CA GLU J 128 35.99 -52.26 5.95
C GLU J 128 36.54 -53.15 4.85
N LEU J 129 37.68 -52.78 4.27
CA LEU J 129 38.30 -53.63 3.26
C LEU J 129 38.60 -55.02 3.81
N GLN J 130 39.23 -55.07 4.98
CA GLN J 130 39.46 -56.36 5.63
C GLN J 130 38.17 -57.17 5.76
N ALA J 131 37.04 -56.49 5.88
CA ALA J 131 35.73 -57.15 5.97
C ALA J 131 35.14 -57.44 4.60
N ASN J 132 35.90 -57.25 3.53
CA ASN J 132 35.44 -57.51 2.17
C ASN J 132 34.34 -56.54 1.75
N LYS J 133 34.42 -55.29 2.23
CA LYS J 133 33.48 -54.25 1.87
C LYS J 133 34.23 -52.98 1.53
N ALA J 134 33.54 -52.07 0.84
CA ALA J 134 34.15 -50.80 0.45
C ALA J 134 33.04 -49.76 0.32
N THR J 135 33.15 -48.67 1.07
CA THR J 135 32.19 -47.58 1.01
C THR J 135 32.93 -46.26 0.88
N LEU J 136 32.63 -45.53 -0.19
CA LEU J 136 33.08 -44.15 -0.33
C LEU J 136 32.04 -43.23 0.29
N VAL J 137 32.51 -42.25 1.07
CA VAL J 137 31.64 -41.36 1.81
C VAL J 137 31.88 -39.93 1.32
N CYS J 138 30.84 -39.32 0.77
CA CYS J 138 30.88 -37.94 0.29
C CYS J 138 29.95 -37.11 1.16
N LEU J 139 30.53 -36.21 1.95
CA LEU J 139 29.77 -35.37 2.87
C LEU J 139 29.69 -33.95 2.33
N ILE J 140 28.46 -33.44 2.23
CA ILE J 140 28.18 -32.14 1.62
C ILE J 140 27.53 -31.26 2.68
N SER J 141 28.04 -30.05 2.84
CA SER J 141 27.61 -29.20 3.94
C SER J 141 27.66 -27.73 3.56
N ASP J 142 26.88 -26.93 4.28
CA ASP J 142 26.94 -25.48 4.23
C ASP J 142 26.52 -24.92 2.87
N PHE J 143 25.52 -25.54 2.23
CA PHE J 143 25.02 -25.03 0.97
C PHE J 143 23.60 -24.49 1.14
N TYR J 144 23.25 -23.55 0.26
CA TYR J 144 21.96 -22.88 0.27
C TYR J 144 21.71 -22.25 -1.10
N PRO J 145 20.54 -22.44 -1.70
CA PRO J 145 19.40 -23.23 -1.20
C PRO J 145 19.72 -24.71 -1.04
N GLY J 146 18.81 -25.44 -0.40
CA GLY J 146 19.04 -26.84 -0.09
C GLY J 146 18.66 -27.81 -1.20
N ALA J 147 19.41 -27.80 -2.29
CA ALA J 147 19.20 -28.74 -3.38
C ALA J 147 20.51 -28.95 -4.11
N VAL J 148 20.90 -30.21 -4.27
CA VAL J 148 22.14 -30.58 -4.95
C VAL J 148 21.88 -31.81 -5.81
N THR J 149 22.74 -32.00 -6.80
CA THR J 149 22.81 -33.24 -7.56
C THR J 149 24.20 -33.84 -7.38
N VAL J 150 24.25 -35.13 -7.09
CA VAL J 150 25.49 -35.83 -6.80
C VAL J 150 25.74 -36.84 -7.91
N ALA J 151 26.89 -36.71 -8.57
CA ALA J 151 27.29 -37.62 -9.63
C ALA J 151 28.63 -38.26 -9.27
N TRP J 152 28.66 -39.59 -9.27
CA TRP J 152 29.88 -40.35 -9.02
C TRP J 152 30.52 -40.76 -10.34
N LYS J 153 31.85 -40.83 -10.34
CA LYS J 153 32.58 -41.23 -11.53
C LYS J 153 33.89 -41.90 -11.13
N ALA J 154 34.22 -42.97 -11.83
CA ALA J 154 35.46 -43.71 -11.64
C ALA J 154 36.25 -43.66 -12.92
N ASP J 155 37.44 -43.05 -12.87
CA ASP J 155 38.30 -42.91 -14.04
C ASP J 155 37.59 -42.14 -15.16
N GLY J 156 36.80 -41.14 -14.78
CA GLY J 156 36.12 -40.32 -15.76
C GLY J 156 34.91 -40.95 -16.40
N SER J 157 34.40 -42.06 -15.85
CA SER J 157 33.20 -42.69 -16.37
C SER J 157 32.12 -42.71 -15.29
N PRO J 158 30.87 -42.40 -15.65
CA PRO J 158 29.82 -42.31 -14.63
C PRO J 158 29.59 -43.65 -13.94
N VAL J 159 29.40 -43.59 -12.63
CA VAL J 159 29.05 -44.76 -11.82
C VAL J 159 27.63 -44.55 -11.32
N LYS J 160 26.69 -45.38 -11.81
CA LYS J 160 25.30 -45.26 -11.43
C LYS J 160 24.86 -46.32 -10.43
N ALA J 161 25.62 -47.39 -10.27
CA ALA J 161 25.26 -48.47 -9.36
C ALA J 161 25.98 -48.30 -8.02
N GLY J 162 25.29 -48.68 -6.94
CA GLY J 162 25.85 -48.59 -5.61
C GLY J 162 25.76 -47.21 -4.98
N VAL J 163 25.02 -46.29 -5.57
CA VAL J 163 24.92 -44.92 -5.08
C VAL J 163 23.70 -44.78 -4.20
N GLU J 164 23.86 -44.11 -3.05
CA GLU J 164 22.77 -43.80 -2.15
C GLU J 164 22.97 -42.40 -1.62
N THR J 165 21.99 -41.53 -1.83
CA THR J 165 22.11 -40.11 -1.51
C THR J 165 20.92 -39.66 -0.68
N THR J 166 21.21 -38.86 0.35
CA THR J 166 20.16 -38.35 1.21
C THR J 166 19.54 -37.08 0.63
N LYS J 167 18.33 -36.78 1.08
CA LYS J 167 17.76 -35.47 0.81
C LYS J 167 18.44 -34.42 1.68
N PRO J 168 18.65 -33.22 1.18
CA PRO J 168 19.28 -32.18 2.01
C PRO J 168 18.46 -31.92 3.27
N SER J 169 19.17 -31.64 4.36
CA SER J 169 18.56 -31.30 5.64
C SER J 169 19.20 -30.03 6.18
N LYS J 170 18.39 -29.21 6.85
CA LYS J 170 18.85 -27.91 7.32
C LYS J 170 19.75 -28.04 8.53
N GLN J 171 20.82 -27.25 8.55
CA GLN J 171 21.79 -27.25 9.64
C GLN J 171 21.45 -26.16 10.67
N SER J 172 22.32 -26.04 11.67
CA SER J 172 22.20 -24.98 12.66
C SER J 172 22.01 -23.62 12.00
N ASN J 173 22.91 -23.26 11.09
CA ASN J 173 22.93 -21.94 10.46
C ASN J 173 21.91 -21.80 9.34
N ASN J 174 20.94 -22.71 9.24
CA ASN J 174 19.92 -22.68 8.21
C ASN J 174 20.49 -22.90 6.80
N LYS J 175 21.76 -23.29 6.71
CA LYS J 175 22.28 -23.88 5.49
C LYS J 175 21.96 -25.37 5.50
N TYR J 176 22.36 -26.09 4.46
CA TYR J 176 21.93 -27.46 4.28
C TYR J 176 23.12 -28.42 4.21
N ALA J 177 22.88 -29.66 4.63
CA ALA J 177 23.86 -30.72 4.61
C ALA J 177 23.28 -31.94 3.92
N ALA J 178 24.15 -32.73 3.31
CA ALA J 178 23.75 -33.98 2.65
C ALA J 178 24.97 -34.87 2.52
N SER J 179 24.71 -36.16 2.30
CA SER J 179 25.78 -37.14 2.16
C SER J 179 25.40 -38.16 1.10
N SER J 180 26.43 -38.66 0.40
CA SER J 180 26.26 -39.66 -0.64
C SER J 180 27.25 -40.80 -0.39
N TYR J 181 26.79 -42.03 -0.60
CA TYR J 181 27.58 -43.22 -0.35
C TYR J 181 27.70 -44.04 -1.63
N LEU J 182 28.92 -44.43 -1.97
CA LEU J 182 29.18 -45.33 -3.10
C LEU J 182 29.61 -46.68 -2.53
N SER J 183 28.79 -47.70 -2.76
CA SER J 183 29.07 -49.04 -2.30
C SER J 183 29.77 -49.82 -3.41
N LEU J 184 30.96 -50.34 -3.12
CA LEU J 184 31.76 -51.07 -4.09
C LEU J 184 32.21 -52.39 -3.48
N THR J 185 32.71 -53.28 -4.34
CA THR J 185 33.53 -54.37 -3.87
C THR J 185 34.96 -53.89 -3.71
N PRO J 186 35.73 -54.51 -2.81
CA PRO J 186 37.15 -54.15 -2.73
C PRO J 186 37.87 -54.26 -4.06
N GLU J 187 37.44 -55.17 -4.93
CA GLU J 187 38.11 -55.35 -6.22
C GLU J 187 37.88 -54.15 -7.13
N GLN J 188 36.62 -53.74 -7.32
CA GLN J 188 36.36 -52.60 -8.19
C GLN J 188 36.85 -51.29 -7.59
N TRP J 189 36.98 -51.21 -6.26
CA TRP J 189 37.62 -50.03 -5.66
C TRP J 189 39.08 -49.93 -6.07
N LYS J 190 39.79 -51.05 -6.08
CA LYS J 190 41.18 -51.09 -6.48
C LYS J 190 41.37 -51.35 -7.96
N SER J 191 40.29 -51.53 -8.71
CA SER J 191 40.34 -51.76 -10.15
C SER J 191 40.26 -50.46 -10.95
N HIS J 192 40.30 -49.31 -10.29
CA HIS J 192 40.30 -48.02 -10.95
C HIS J 192 41.40 -47.14 -10.36
N ARG J 193 41.80 -46.14 -11.13
CA ARG J 193 42.84 -45.23 -10.65
C ARG J 193 42.29 -44.24 -9.64
N SER J 194 41.06 -43.77 -9.83
CA SER J 194 40.49 -42.75 -8.95
C SER J 194 38.98 -42.76 -9.05
N TYR J 195 38.33 -42.45 -7.93
CA TYR J 195 36.90 -42.21 -7.86
C TYR J 195 36.66 -40.74 -7.51
N SER J 196 35.57 -40.20 -8.04
CA SER J 196 35.28 -38.77 -7.90
C SER J 196 33.84 -38.56 -7.48
N CYS J 197 33.64 -37.63 -6.54
CA CYS J 197 32.32 -37.21 -6.09
C CYS J 197 32.08 -35.79 -6.58
N GLN J 198 31.06 -35.61 -7.41
CA GLN J 198 30.73 -34.32 -8.00
C GLN J 198 29.40 -33.83 -7.46
N VAL J 199 29.40 -32.65 -6.84
CA VAL J 199 28.21 -32.04 -6.27
C VAL J 199 27.95 -30.76 -7.05
N THR J 200 26.85 -30.74 -7.81
CA THR J 200 26.48 -29.58 -8.59
C THR J 200 25.38 -28.82 -7.86
N HIS J 201 25.62 -27.54 -7.61
CA HIS J 201 24.71 -26.69 -6.86
C HIS J 201 24.58 -25.36 -7.57
N GLU J 202 23.34 -24.96 -7.86
CA GLU J 202 23.07 -23.71 -8.57
C GLU J 202 23.89 -23.63 -9.85
N GLY J 203 24.01 -24.75 -10.56
CA GLY J 203 24.64 -24.79 -11.85
C GLY J 203 26.16 -24.92 -11.84
N SER J 204 26.79 -24.88 -10.68
CA SER J 204 28.24 -25.00 -10.57
C SER J 204 28.59 -26.23 -9.73
N THR J 205 29.62 -26.94 -10.16
CA THR J 205 29.99 -28.23 -9.57
C THR J 205 31.26 -28.11 -8.74
N VAL J 206 31.25 -28.74 -7.57
CA VAL J 206 32.42 -28.87 -6.72
C VAL J 206 32.81 -30.34 -6.69
N GLU J 207 34.10 -30.61 -6.85
CA GLU J 207 34.60 -31.97 -7.06
C GLU J 207 35.62 -32.35 -6.00
N LYS J 208 35.58 -33.61 -5.59
CA LYS J 208 36.59 -34.20 -4.73
C LYS J 208 36.83 -35.63 -5.18
N THR J 209 38.07 -36.10 -5.05
CA THR J 209 38.46 -37.41 -5.55
C THR J 209 39.36 -38.09 -4.54
N VAL J 210 39.30 -39.44 -4.53
CA VAL J 210 40.21 -40.26 -3.75
C VAL J 210 40.72 -41.38 -4.65
N ALA J 211 41.86 -41.94 -4.25
CA ALA J 211 42.50 -42.98 -5.04
C ALA J 211 42.92 -44.13 -4.15
N PRO J 212 42.82 -45.38 -4.64
CA PRO J 212 43.32 -46.51 -3.85
C PRO J 212 44.80 -46.40 -3.56
N THR J 213 45.57 -45.82 -4.48
CA THR J 213 47.00 -45.60 -4.28
C THR J 213 47.25 -44.69 -3.08
#